data_5IN4
#
_entry.id   5IN4
#
_cell.length_a   63.028
_cell.length_b   140.077
_cell.length_c   85.953
_cell.angle_alpha   90.000
_cell.angle_beta   106.240
_cell.angle_gamma   90.000
#
_symmetry.space_group_name_H-M   'P 1 21 1'
#
loop_
_entity.id
_entity.type
_entity.pdbx_description
1 polymer 'GDP-mannose 4,6 dehydratase'
2 non-polymer 'NADP NICOTINAMIDE-ADENINE-DINUCLEOTIDE PHOSPHATE'
3 non-polymer "GUANOSINE-5'-DIPHOSPHATE"
4 non-polymer '[(2R,3S,4R,5R)-5-(2-amino-6-oxo-1,6-dihydro-9H-purin-9-yl)-3,4-dihydroxytetrahydrofuran-2-yl]methyl (2R,3S,4R,5S,6R)-3,4,5-trihydroxy-6-(trifluoromethyl)tetrahydro-2H-pyran-2-yl dihydrogen diphosphate (non-preferred name)'
5 water water
#
_entity_poly.entity_id   1
_entity_poly.type   'polypeptide(L)'
_entity_poly.pdbx_seq_one_letter_code
;MHHHHHHENLYFQGRNVALITGITGQDGSYLAEFLLEKGYEVHGIVRRSSSFNTGRIEHLYKNPQAHIEGNMKLHYGDLT
DSTCLVKIINEVKPTEIYNLGAQSHVKISFDLAEYTADVDGVGTLRLLDAVKTCGLINSVKFYQASTSELYGKVQEIPQK
ETTPFYPRSPYGAAKLYAYWIVVNFREAYNLFAVNGILFNHESPRRGANFVTRKISRSVAKIYLGQLECFSLGNLDAKRD
WGHAKDYVEAMWLMLQNDEPEDFVIATGEVHSVREFVEKSFLHIGKTIVWEGKNENEVGRCKETGKVHVTVDLKYYRPTE
VDFLQGDCTKAKQKLNWKPRVAFDELVREMVHADVELMRTNPNA
;
_entity_poly.pdbx_strand_id   A,B,C,D
#
# COMPACT_ATOMS: atom_id res chain seq x y z
N LEU A 10 30.15 4.62 -13.09
CA LEU A 10 29.88 3.95 -14.36
C LEU A 10 30.22 2.45 -14.27
N TYR A 11 29.56 1.68 -15.13
CA TYR A 11 29.88 0.27 -15.27
C TYR A 11 31.16 0.07 -16.08
N PHE A 12 31.95 -0.93 -15.69
CA PHE A 12 33.05 -1.36 -16.56
C PHE A 12 33.39 -2.81 -16.24
N GLN A 13 34.00 -3.48 -17.21
CA GLN A 13 34.39 -4.86 -17.00
C GLN A 13 35.46 -4.94 -15.93
N GLY A 14 35.26 -5.83 -14.96
CA GLY A 14 36.11 -5.95 -13.79
C GLY A 14 35.55 -5.32 -12.53
N ARG A 15 34.50 -4.53 -12.63
CA ARG A 15 33.84 -3.93 -11.48
C ARG A 15 32.66 -4.82 -11.12
N ASN A 16 32.73 -5.46 -9.97
CA ASN A 16 31.70 -6.36 -9.49
C ASN A 16 31.09 -5.76 -8.23
N VAL A 17 29.80 -5.41 -8.30
CA VAL A 17 29.12 -4.71 -7.22
C VAL A 17 27.80 -5.41 -7.00
N ALA A 18 27.62 -5.99 -5.82
CA ALA A 18 26.42 -6.74 -5.51
C ALA A 18 25.52 -5.88 -4.62
N LEU A 19 24.23 -5.95 -4.87
CA LEU A 19 23.25 -5.33 -3.98
C LEU A 19 22.40 -6.46 -3.44
N ILE A 20 22.40 -6.65 -2.12
CA ILE A 20 21.69 -7.74 -1.47
C ILE A 20 20.54 -7.16 -0.67
N THR A 21 19.30 -7.43 -1.07
CA THR A 21 18.22 -7.23 -0.10
C THR A 21 18.18 -8.40 0.86
N GLY A 22 17.80 -8.14 2.10
CA GLY A 22 17.83 -9.22 3.06
C GLY A 22 19.20 -9.56 3.54
N ILE A 23 20.13 -8.60 3.51
CA ILE A 23 21.50 -8.91 3.88
C ILE A 23 21.62 -9.29 5.35
N THR A 24 20.70 -8.83 6.21
CA THR A 24 20.82 -9.15 7.64
C THR A 24 20.35 -10.56 7.97
N GLY A 25 19.69 -11.25 7.05
CA GLY A 25 19.14 -12.56 7.33
C GLY A 25 20.20 -13.65 7.25
N GLN A 26 19.75 -14.88 7.46
CA GLN A 26 20.65 -16.03 7.38
C GLN A 26 21.42 -16.06 6.05
N ASP A 27 20.70 -16.11 4.94
CA ASP A 27 21.38 -16.28 3.64
C ASP A 27 22.19 -15.05 3.28
N GLY A 28 21.60 -13.87 3.49
CA GLY A 28 22.30 -12.65 3.20
C GLY A 28 23.64 -12.57 3.89
N SER A 29 23.71 -13.06 5.13
CA SER A 29 24.96 -12.94 5.87
C SER A 29 26.04 -13.84 5.29
N TYR A 30 25.68 -15.08 4.89
CA TYR A 30 26.66 -15.94 4.22
C TYR A 30 27.00 -15.44 2.83
N LEU A 31 25.99 -14.94 2.10
CA LEU A 31 26.28 -14.48 0.74
C LEU A 31 27.19 -13.28 0.76
N ALA A 32 26.98 -12.35 1.71
CA ALA A 32 27.88 -11.21 1.83
C ALA A 32 29.31 -11.68 2.01
N GLU A 33 29.53 -12.63 2.93
CA GLU A 33 30.88 -13.17 3.15
C GLU A 33 31.44 -13.80 1.88
N PHE A 34 30.62 -14.58 1.18
CA PHE A 34 31.07 -15.26 -0.03
C PHE A 34 31.47 -14.26 -1.11
N LEU A 35 30.68 -13.18 -1.27
CA LEU A 35 31.02 -12.23 -2.32
C LEU A 35 32.20 -11.34 -1.93
N LEU A 36 32.30 -10.96 -0.66
CA LEU A 36 33.45 -10.17 -0.23
C LEU A 36 34.75 -10.92 -0.50
N GLU A 37 34.75 -12.23 -0.25
CA GLU A 37 35.96 -13.03 -0.48
C GLU A 37 36.35 -13.02 -1.95
N LYS A 38 35.39 -12.85 -2.86
CA LYS A 38 35.67 -12.72 -4.28
C LYS A 38 35.98 -11.30 -4.70
N GLY A 39 36.12 -10.37 -3.76
CA GLY A 39 36.50 -9.03 -4.11
C GLY A 39 35.37 -8.14 -4.58
N TYR A 40 34.11 -8.55 -4.36
CA TYR A 40 33.01 -7.66 -4.68
C TYR A 40 32.93 -6.49 -3.72
N GLU A 41 32.44 -5.36 -4.22
CA GLU A 41 31.85 -4.35 -3.35
C GLU A 41 30.44 -4.86 -3.06
N VAL A 42 30.07 -4.96 -1.78
CA VAL A 42 28.78 -5.55 -1.40
C VAL A 42 27.96 -4.47 -0.74
N HIS A 43 26.78 -4.18 -1.29
CA HIS A 43 25.84 -3.27 -0.67
C HIS A 43 24.64 -4.05 -0.20
N GLY A 44 24.10 -3.65 0.94
CA GLY A 44 22.93 -4.30 1.50
C GLY A 44 21.89 -3.27 1.86
N ILE A 45 20.62 -3.69 1.78
CA ILE A 45 19.50 -2.87 2.23
C ILE A 45 19.07 -3.39 3.59
N VAL A 46 19.04 -2.51 4.57
CA VAL A 46 18.74 -2.87 5.95
C VAL A 46 17.48 -2.13 6.36
N ARG A 47 16.55 -2.84 7.00
CA ARG A 47 15.38 -2.16 7.56
C ARG A 47 15.77 -1.28 8.73
N ARG A 48 15.12 -0.13 8.85
CA ARG A 48 15.20 0.60 10.09
C ARG A 48 14.59 -0.25 11.21
N SER A 49 15.28 -0.35 12.34
CA SER A 49 14.67 -1.01 13.49
C SER A 49 15.08 -0.26 14.73
N SER A 50 14.25 -0.42 15.78
CA SER A 50 14.50 0.35 16.99
C SER A 50 15.80 -0.07 17.66
N SER A 51 16.31 -1.28 17.37
CA SER A 51 17.66 -1.67 17.77
C SER A 51 18.32 -2.26 16.53
N PHE A 52 19.66 -2.26 16.50
CA PHE A 52 20.29 -2.70 15.26
C PHE A 52 20.01 -4.17 15.00
N ASN A 53 19.77 -4.49 13.74
CA ASN A 53 19.39 -5.82 13.28
C ASN A 53 20.52 -6.44 12.48
N THR A 54 21.73 -5.93 12.68
CA THR A 54 22.89 -6.27 11.88
C THR A 54 23.77 -7.31 12.55
N GLY A 55 23.25 -8.02 13.56
CA GLY A 55 24.11 -8.92 14.34
C GLY A 55 24.81 -9.98 13.53
N ARG A 56 24.20 -10.45 12.42
CA ARG A 56 24.85 -11.51 11.65
C ARG A 56 25.97 -10.99 10.77
N ILE A 57 26.03 -9.69 10.51
CA ILE A 57 27.00 -9.16 9.56
C ILE A 57 27.90 -8.10 10.17
N GLU A 58 27.80 -7.83 11.47
CA GLU A 58 28.59 -6.74 12.05
C GLU A 58 30.08 -7.07 12.01
N HIS A 59 30.44 -8.35 11.96
CA HIS A 59 31.84 -8.70 11.83
C HIS A 59 32.42 -8.31 10.50
N LEU A 60 31.57 -7.93 9.53
CA LEU A 60 32.01 -7.48 8.22
C LEU A 60 32.20 -5.98 8.13
N TYR A 61 32.00 -5.23 9.21
CA TYR A 61 32.45 -3.85 9.21
C TYR A 61 33.98 -3.83 9.13
N LYS A 62 34.52 -2.76 8.55
CA LYS A 62 35.97 -2.61 8.57
C LYS A 62 36.45 -2.40 10.01
N ASN A 63 35.73 -1.60 10.77
CA ASN A 63 35.99 -1.45 12.19
C ASN A 63 34.72 -1.85 12.93
N PRO A 64 34.65 -3.08 13.45
CA PRO A 64 33.42 -3.53 14.14
C PRO A 64 33.19 -2.85 15.48
N GLN A 65 34.18 -2.16 16.05
CA GLN A 65 33.94 -1.43 17.29
C GLN A 65 33.29 -0.08 17.03
N ALA A 66 33.63 0.55 15.92
CA ALA A 66 33.06 1.84 15.54
C ALA A 66 31.91 1.71 14.54
N HIS A 67 31.66 0.50 14.05
CA HIS A 67 30.70 0.24 12.97
C HIS A 67 30.99 1.11 11.75
N ILE A 68 32.24 1.10 11.32
CA ILE A 68 32.70 1.83 10.15
C ILE A 68 32.80 0.85 9.00
N GLU A 69 32.25 1.23 7.85
CA GLU A 69 32.17 0.33 6.72
C GLU A 69 33.44 0.34 5.87
N GLY A 70 33.75 -0.84 5.33
CA GLY A 70 34.75 -0.97 4.29
C GLY A 70 34.08 -1.39 3.00
N ASN A 71 34.28 -2.64 2.60
CA ASN A 71 33.78 -3.12 1.34
C ASN A 71 32.33 -3.59 1.39
N MET A 72 31.74 -3.70 2.59
CA MET A 72 30.31 -3.95 2.75
C MET A 72 29.67 -2.65 3.23
N LYS A 73 28.73 -2.14 2.45
CA LYS A 73 28.11 -0.85 2.70
C LYS A 73 26.61 -1.06 2.81
N LEU A 74 26.02 -0.49 3.86
CA LEU A 74 24.63 -0.74 4.19
C LEU A 74 23.80 0.52 3.97
N HIS A 75 22.53 0.31 3.59
CA HIS A 75 21.64 1.42 3.25
C HIS A 75 20.29 1.14 3.87
N TYR A 76 19.71 2.14 4.55
CA TYR A 76 18.35 1.93 5.03
C TYR A 76 17.37 1.87 3.86
N GLY A 77 16.46 0.90 3.92
CA GLY A 77 15.39 0.83 2.94
C GLY A 77 14.34 -0.18 3.34
N ASP A 78 13.36 -0.35 2.46
CA ASP A 78 12.30 -1.34 2.70
C ASP A 78 11.72 -1.75 1.36
N LEU A 79 11.44 -3.05 1.20
CA LEU A 79 10.87 -3.53 -0.05
C LEU A 79 9.47 -3.01 -0.30
N THR A 80 8.86 -2.27 0.62
CA THR A 80 7.56 -1.69 0.34
C THR A 80 7.64 -0.23 -0.07
N ASP A 81 8.85 0.34 -0.19
CA ASP A 81 9.03 1.76 -0.46
C ASP A 81 9.75 1.91 -1.81
N SER A 82 8.98 2.17 -2.89
CA SER A 82 9.55 2.18 -4.25
C SER A 82 10.63 3.24 -4.40
N THR A 83 10.40 4.45 -3.87
CA THR A 83 11.34 5.54 -4.06
C THR A 83 12.68 5.21 -3.44
N CYS A 84 12.67 4.58 -2.27
N CYS A 84 12.66 4.60 -2.27
CA CYS A 84 13.92 4.24 -1.60
CA CYS A 84 13.90 4.24 -1.61
C CYS A 84 14.70 3.19 -2.39
C CYS A 84 14.69 3.24 -2.46
N LEU A 85 14.00 2.26 -3.05
CA LEU A 85 14.70 1.26 -3.86
C LEU A 85 15.34 1.88 -5.08
N VAL A 86 14.64 2.82 -5.73
CA VAL A 86 15.21 3.50 -6.90
C VAL A 86 16.42 4.32 -6.49
N LYS A 87 16.33 5.02 -5.36
CA LYS A 87 17.46 5.84 -4.92
C LYS A 87 18.69 4.97 -4.64
N ILE A 88 18.48 3.81 -3.99
CA ILE A 88 19.61 2.97 -3.64
C ILE A 88 20.23 2.35 -4.89
N ILE A 89 19.39 1.78 -5.77
CA ILE A 89 19.91 1.17 -6.99
C ILE A 89 20.60 2.21 -7.85
N ASN A 90 20.06 3.42 -7.90
CA ASN A 90 20.66 4.46 -8.73
C ASN A 90 22.03 4.88 -8.19
N GLU A 91 22.19 4.89 -6.88
CA GLU A 91 23.46 5.26 -6.26
C GLU A 91 24.48 4.13 -6.38
N VAL A 92 24.03 2.90 -6.18
CA VAL A 92 24.96 1.77 -6.13
C VAL A 92 25.39 1.34 -7.54
N LYS A 93 24.47 1.38 -8.50
CA LYS A 93 24.70 0.84 -9.84
C LYS A 93 25.27 -0.58 -9.75
N PRO A 94 24.53 -1.52 -9.16
CA PRO A 94 25.04 -2.88 -9.00
C PRO A 94 25.14 -3.64 -10.33
N THR A 95 26.08 -4.58 -10.37
CA THR A 95 26.09 -5.55 -11.46
C THR A 95 25.29 -6.79 -11.14
N GLU A 96 25.06 -7.05 -9.87
CA GLU A 96 24.28 -8.22 -9.46
C GLU A 96 23.36 -7.77 -8.34
N ILE A 97 22.11 -8.21 -8.39
CA ILE A 97 21.13 -7.95 -7.33
C ILE A 97 20.63 -9.30 -6.85
N TYR A 98 20.71 -9.52 -5.53
CA TYR A 98 20.17 -10.72 -4.92
C TYR A 98 19.00 -10.30 -4.05
N ASN A 99 17.79 -10.65 -4.48
CA ASN A 99 16.59 -10.29 -3.72
C ASN A 99 16.32 -11.41 -2.73
N LEU A 100 16.94 -11.32 -1.55
CA LEU A 100 16.69 -12.24 -0.46
C LEU A 100 15.77 -11.69 0.62
N GLY A 101 15.42 -10.41 0.56
CA GLY A 101 14.57 -9.84 1.60
C GLY A 101 13.15 -10.39 1.53
N ALA A 102 12.61 -10.73 2.69
CA ALA A 102 11.29 -11.33 2.72
C ALA A 102 10.84 -11.50 4.17
N GLN A 103 9.52 -11.50 4.36
CA GLN A 103 8.90 -12.16 5.51
C GLN A 103 8.98 -13.65 5.17
N SER A 104 9.91 -14.38 5.77
CA SER A 104 10.24 -15.70 5.26
C SER A 104 9.64 -16.85 6.07
N HIS A 105 8.81 -16.54 7.07
CA HIS A 105 8.28 -17.57 7.96
C HIS A 105 6.88 -17.98 7.52
N VAL A 106 6.68 -19.28 7.29
CA VAL A 106 5.43 -19.77 6.71
C VAL A 106 4.29 -19.66 7.71
N LYS A 107 4.50 -20.09 8.95
CA LYS A 107 3.40 -20.04 9.91
C LYS A 107 2.97 -18.60 10.15
N ILE A 108 3.95 -17.71 10.29
CA ILE A 108 3.61 -16.30 10.51
C ILE A 108 2.84 -15.74 9.32
N SER A 109 3.06 -16.28 8.11
CA SER A 109 2.40 -15.75 6.93
C SER A 109 0.90 -15.95 6.99
N PHE A 110 0.42 -16.92 7.75
CA PHE A 110 -1.04 -17.10 7.81
C PHE A 110 -1.71 -15.96 8.58
N ASP A 111 -1.03 -15.40 9.58
CA ASP A 111 -1.58 -14.27 10.33
C ASP A 111 -1.12 -12.93 9.77
N LEU A 112 -0.10 -12.92 8.92
CA LEU A 112 0.39 -11.69 8.32
C LEU A 112 0.32 -11.83 6.80
N ALA A 113 -0.82 -12.24 6.28
CA ALA A 113 -0.88 -12.62 4.87
C ALA A 113 -0.70 -11.43 3.94
N GLU A 114 -1.31 -10.28 4.27
CA GLU A 114 -1.20 -9.13 3.39
CA GLU A 114 -1.20 -9.11 3.40
C GLU A 114 0.19 -8.53 3.45
N TYR A 115 0.76 -8.41 4.65
CA TYR A 115 2.13 -7.92 4.75
C TYR A 115 3.08 -8.84 3.97
N THR A 116 2.89 -10.16 4.09
CA THR A 116 3.72 -11.12 3.36
C THR A 116 3.54 -10.93 1.85
N ALA A 117 2.31 -10.72 1.38
CA ALA A 117 2.12 -10.45 -0.03
C ALA A 117 2.84 -9.17 -0.46
N ASP A 118 2.77 -8.13 0.35
CA ASP A 118 3.36 -6.85 -0.03
C ASP A 118 4.87 -6.93 -0.12
N VAL A 119 5.50 -7.63 0.81
CA VAL A 119 6.97 -7.72 0.85
C VAL A 119 7.47 -8.76 -0.12
N ASP A 120 6.90 -9.98 -0.06
CA ASP A 120 7.48 -11.12 -0.77
C ASP A 120 7.03 -11.16 -2.21
N GLY A 121 5.84 -10.65 -2.52
CA GLY A 121 5.33 -10.65 -3.87
C GLY A 121 5.54 -9.32 -4.55
N VAL A 122 4.79 -8.31 -4.07
CA VAL A 122 4.85 -7.02 -4.72
C VAL A 122 6.22 -6.38 -4.53
N GLY A 123 6.90 -6.67 -3.40
CA GLY A 123 8.26 -6.15 -3.22
C GLY A 123 9.23 -6.60 -4.30
N THR A 124 9.08 -7.83 -4.79
CA THR A 124 9.93 -8.29 -5.90
C THR A 124 9.65 -7.45 -7.15
N LEU A 125 8.37 -7.22 -7.45
CA LEU A 125 8.02 -6.32 -8.55
C LEU A 125 8.62 -4.92 -8.34
N ARG A 126 8.50 -4.38 -7.11
CA ARG A 126 9.06 -3.05 -6.87
C ARG A 126 10.55 -3.01 -7.15
N LEU A 127 11.27 -4.09 -6.78
CA LEU A 127 12.71 -4.09 -7.02
C LEU A 127 13.01 -4.20 -8.51
N LEU A 128 12.28 -5.08 -9.22
CA LEU A 128 12.45 -5.19 -10.67
C LEU A 128 12.12 -3.88 -11.36
N ASP A 129 11.03 -3.24 -10.92
CA ASP A 129 10.62 -1.96 -11.49
C ASP A 129 11.66 -0.88 -11.21
N ALA A 130 12.31 -0.92 -10.05
CA ALA A 130 13.38 0.02 -9.77
C ALA A 130 14.56 -0.16 -10.73
N VAL A 131 14.95 -1.41 -11.02
CA VAL A 131 15.98 -1.68 -12.03
C VAL A 131 15.59 -1.02 -13.35
N LYS A 132 14.35 -1.21 -13.78
CA LYS A 132 13.90 -0.67 -15.05
C LYS A 132 13.87 0.87 -15.01
N THR A 133 13.34 1.44 -13.93
CA THR A 133 13.29 2.89 -13.77
C THR A 133 14.67 3.52 -13.86
N CYS A 134 15.67 2.84 -13.34
CA CYS A 134 17.04 3.34 -13.33
C CYS A 134 17.75 3.12 -14.67
N GLY A 135 17.10 2.49 -15.64
CA GLY A 135 17.72 2.24 -16.92
C GLY A 135 18.74 1.12 -16.91
N LEU A 136 18.64 0.19 -15.96
CA LEU A 136 19.68 -0.82 -15.74
C LEU A 136 19.30 -2.20 -16.26
N ILE A 137 18.27 -2.32 -17.09
CA ILE A 137 17.79 -3.65 -17.48
C ILE A 137 18.88 -4.45 -18.18
N ASN A 138 19.78 -3.79 -18.91
CA ASN A 138 20.83 -4.50 -19.63
C ASN A 138 22.15 -4.47 -18.89
N SER A 139 22.18 -3.95 -17.68
CA SER A 139 23.40 -3.77 -16.91
C SER A 139 23.46 -4.66 -15.68
N VAL A 140 22.35 -5.24 -15.26
CA VAL A 140 22.32 -5.95 -13.99
C VAL A 140 21.82 -7.36 -14.19
N LYS A 141 22.31 -8.27 -13.34
CA LYS A 141 21.80 -9.63 -13.24
C LYS A 141 21.06 -9.74 -11.92
N PHE A 142 19.89 -10.37 -11.95
CA PHE A 142 18.95 -10.33 -10.84
C PHE A 142 18.68 -11.76 -10.40
N TYR A 143 18.87 -12.05 -9.10
CA TYR A 143 18.60 -13.35 -8.52
C TYR A 143 17.39 -13.20 -7.61
N GLN A 144 16.36 -14.00 -7.84
CA GLN A 144 15.18 -14.05 -6.99
C GLN A 144 15.24 -15.26 -6.08
N ALA A 145 15.02 -15.06 -4.78
CA ALA A 145 15.04 -16.17 -3.83
C ALA A 145 13.68 -16.87 -3.85
N SER A 146 13.52 -17.79 -4.79
CA SER A 146 12.36 -18.67 -4.79
C SER A 146 12.61 -19.86 -3.85
N THR A 147 11.63 -20.75 -3.76
CA THR A 147 11.54 -21.65 -2.61
C THR A 147 10.80 -22.91 -2.97
N SER A 148 11.23 -24.01 -2.36
CA SER A 148 10.51 -25.28 -2.49
C SER A 148 9.10 -25.19 -1.91
N GLU A 149 8.79 -24.19 -1.08
CA GLU A 149 7.40 -24.02 -0.65
C GLU A 149 6.46 -23.86 -1.83
N LEU A 150 6.98 -23.44 -2.99
CA LEU A 150 6.16 -23.31 -4.18
C LEU A 150 5.56 -24.64 -4.61
N TYR A 151 6.23 -25.75 -4.31
CA TYR A 151 5.69 -27.05 -4.67
C TYR A 151 4.58 -27.51 -3.74
N GLY A 152 4.56 -26.99 -2.50
CA GLY A 152 3.50 -27.21 -1.55
C GLY A 152 3.00 -28.63 -1.48
N LYS A 153 1.79 -28.88 -1.95
CA LYS A 153 1.25 -30.24 -2.02
C LYS A 153 1.85 -30.88 -3.25
N VAL A 154 2.95 -31.62 -3.06
CA VAL A 154 3.85 -31.87 -4.19
C VAL A 154 3.13 -32.69 -5.25
N GLN A 155 3.32 -32.29 -6.49
CA GLN A 155 2.64 -32.95 -7.61
C GLN A 155 3.48 -34.07 -8.23
N GLU A 156 4.75 -34.16 -7.84
CA GLU A 156 5.71 -35.15 -8.32
C GLU A 156 6.71 -35.38 -7.21
N ILE A 157 7.28 -36.57 -7.15
CA ILE A 157 8.39 -36.85 -6.25
C ILE A 157 9.50 -37.54 -7.03
N PRO A 158 10.72 -36.99 -7.02
CA PRO A 158 11.11 -35.73 -6.37
C PRO A 158 10.66 -34.55 -7.19
N GLN A 159 10.86 -33.33 -6.68
CA GLN A 159 10.44 -32.14 -7.39
C GLN A 159 11.60 -31.57 -8.20
N LYS A 160 11.33 -31.20 -9.44
CA LYS A 160 12.34 -30.56 -10.27
C LYS A 160 11.76 -29.28 -10.88
N GLU A 161 12.52 -28.66 -11.79
CA GLU A 161 12.13 -27.35 -12.32
C GLU A 161 10.79 -27.42 -13.04
N THR A 162 10.47 -28.55 -13.63
CA THR A 162 9.22 -28.69 -14.38
C THR A 162 8.06 -29.25 -13.57
N THR A 163 8.26 -29.56 -12.31
CA THR A 163 7.14 -29.97 -11.46
C THR A 163 6.20 -28.78 -11.28
N PRO A 164 4.90 -28.94 -11.51
CA PRO A 164 3.99 -27.79 -11.36
C PRO A 164 3.87 -27.38 -9.91
N PHE A 165 3.73 -26.08 -9.73
CA PHE A 165 3.65 -25.50 -8.40
C PHE A 165 2.26 -25.71 -7.81
N TYR A 166 2.21 -25.78 -6.47
CA TYR A 166 0.95 -25.91 -5.74
C TYR A 166 1.14 -25.33 -4.35
N PRO A 167 1.08 -24.02 -4.22
CA PRO A 167 1.41 -23.42 -2.92
C PRO A 167 0.33 -23.68 -1.87
N ARG A 168 0.77 -23.65 -0.61
CA ARG A 168 -0.02 -24.06 0.55
C ARG A 168 0.03 -23.04 1.69
N SER A 169 0.39 -21.80 1.42
CA SER A 169 0.37 -20.78 2.45
C SER A 169 0.32 -19.43 1.76
N PRO A 170 0.01 -18.35 2.50
CA PRO A 170 0.18 -17.00 1.92
C PRO A 170 1.62 -16.71 1.53
N TYR A 171 2.59 -17.30 2.25
CA TYR A 171 3.98 -17.15 1.85
C TYR A 171 4.22 -17.78 0.49
N GLY A 172 3.77 -19.03 0.32
CA GLY A 172 3.92 -19.69 -0.97
C GLY A 172 3.25 -18.95 -2.11
N ALA A 173 2.04 -18.45 -1.87
CA ALA A 173 1.34 -17.69 -2.91
C ALA A 173 2.10 -16.41 -3.27
N ALA A 174 2.60 -15.68 -2.26
CA ALA A 174 3.36 -14.44 -2.54
C ALA A 174 4.64 -14.75 -3.32
N LYS A 175 5.33 -15.81 -2.95
CA LYS A 175 6.55 -16.19 -3.66
C LYS A 175 6.25 -16.70 -5.06
N LEU A 176 5.05 -17.25 -5.29
CA LEU A 176 4.67 -17.66 -6.64
C LEU A 176 4.48 -16.44 -7.54
N TYR A 177 3.82 -15.41 -7.01
CA TYR A 177 3.74 -14.15 -7.74
C TYR A 177 5.15 -13.67 -8.09
N ALA A 178 6.05 -13.70 -7.10
CA ALA A 178 7.40 -13.19 -7.32
C ALA A 178 8.11 -14.01 -8.38
N TYR A 179 7.97 -15.34 -8.32
CA TYR A 179 8.58 -16.21 -9.32
C TYR A 179 8.17 -15.79 -10.72
N TRP A 180 6.85 -15.64 -10.94
CA TRP A 180 6.36 -15.36 -12.28
C TRP A 180 6.58 -13.91 -12.71
N ILE A 181 6.61 -12.94 -11.79
CA ILE A 181 6.92 -11.58 -12.23
C ILE A 181 8.39 -11.50 -12.64
N VAL A 182 9.26 -12.31 -12.01
CA VAL A 182 10.66 -12.37 -12.44
C VAL A 182 10.77 -12.97 -13.84
N VAL A 183 10.05 -14.07 -14.10
CA VAL A 183 10.03 -14.63 -15.45
C VAL A 183 9.54 -13.58 -16.44
N ASN A 184 8.52 -12.80 -16.05
CA ASN A 184 7.96 -11.86 -17.01
C ASN A 184 8.96 -10.75 -17.35
N PHE A 185 9.72 -10.26 -16.37
CA PHE A 185 10.73 -9.25 -16.71
C PHE A 185 11.82 -9.84 -17.60
N ARG A 186 12.20 -11.09 -17.36
CA ARG A 186 13.18 -11.75 -18.22
C ARG A 186 12.65 -11.86 -19.65
N GLU A 187 11.39 -12.28 -19.80
CA GLU A 187 10.83 -12.50 -21.14
C GLU A 187 10.41 -11.21 -21.82
N ALA A 188 9.89 -10.24 -21.06
CA ALA A 188 9.38 -9.02 -21.69
C ALA A 188 10.50 -8.05 -22.01
N TYR A 189 11.51 -7.97 -21.16
CA TYR A 189 12.51 -6.92 -21.27
C TYR A 189 13.93 -7.46 -21.41
N ASN A 190 14.10 -8.78 -21.48
CA ASN A 190 15.42 -9.40 -21.61
C ASN A 190 16.31 -9.07 -20.42
N LEU A 191 15.71 -8.92 -19.24
CA LEU A 191 16.49 -8.83 -18.03
C LEU A 191 17.10 -10.19 -17.73
N PHE A 192 18.39 -10.20 -17.38
CA PHE A 192 19.00 -11.44 -16.92
C PHE A 192 18.49 -11.62 -15.50
N ALA A 193 17.41 -12.39 -15.33
CA ALA A 193 16.77 -12.58 -14.04
C ALA A 193 16.47 -14.07 -13.90
N VAL A 194 16.82 -14.64 -12.75
CA VAL A 194 16.70 -16.08 -12.52
C VAL A 194 15.99 -16.32 -11.20
N ASN A 195 15.27 -17.43 -11.14
CA ASN A 195 14.68 -17.95 -9.91
C ASN A 195 15.52 -19.10 -9.37
N GLY A 196 16.06 -18.91 -8.19
CA GLY A 196 16.64 -20.04 -7.49
C GLY A 196 15.55 -20.71 -6.70
N ILE A 197 15.21 -21.94 -7.05
CA ILE A 197 14.18 -22.68 -6.32
C ILE A 197 14.93 -23.49 -5.28
N LEU A 198 15.20 -22.87 -4.14
CA LEU A 198 16.04 -23.50 -3.13
C LEU A 198 15.17 -24.25 -2.16
N PHE A 199 15.57 -25.49 -1.86
CA PHE A 199 14.96 -26.25 -0.78
C PHE A 199 15.52 -25.77 0.56
N ASN A 200 14.92 -26.24 1.65
CA ASN A 200 15.22 -25.71 2.97
C ASN A 200 16.73 -25.76 3.22
N HIS A 201 17.25 -24.68 3.78
CA HIS A 201 18.65 -24.68 4.15
C HIS A 201 18.82 -23.93 5.46
N GLU A 202 19.68 -24.49 6.29
CA GLU A 202 19.79 -24.17 7.70
C GLU A 202 21.25 -23.89 8.03
N SER A 203 21.46 -23.46 9.26
CA SER A 203 22.78 -23.09 9.75
C SER A 203 22.64 -22.66 11.20
N PRO A 204 23.74 -22.41 11.92
CA PRO A 204 23.63 -21.81 13.25
C PRO A 204 23.08 -20.40 13.24
N ARG A 205 22.95 -19.77 12.07
CA ARG A 205 22.41 -18.42 11.89
C ARG A 205 20.94 -18.42 11.52
N ARG A 206 20.36 -19.60 11.37
CA ARG A 206 18.94 -19.76 11.05
C ARG A 206 18.05 -19.08 12.08
N GLY A 207 16.96 -18.45 11.62
CA GLY A 207 15.99 -17.90 12.54
C GLY A 207 15.57 -18.92 13.58
N ALA A 208 15.36 -18.46 14.82
CA ALA A 208 15.17 -19.35 15.97
C ALA A 208 13.83 -20.05 15.95
N ASN A 209 12.85 -19.56 15.19
CA ASN A 209 11.54 -20.20 15.18
C ASN A 209 11.29 -21.04 13.93
N PHE A 210 12.29 -21.28 13.11
CA PHE A 210 12.22 -22.36 12.13
C PHE A 210 12.53 -23.67 12.83
N VAL A 211 12.08 -24.78 12.27
CA VAL A 211 11.97 -25.98 13.10
C VAL A 211 13.35 -26.50 13.51
N THR A 212 14.32 -26.46 12.60
CA THR A 212 15.65 -27.02 12.88
C THR A 212 16.33 -26.25 14.00
N ARG A 213 16.30 -24.92 13.91
CA ARG A 213 16.96 -24.10 14.90
C ARG A 213 16.21 -24.14 16.22
N LYS A 214 14.89 -24.26 16.16
CA LYS A 214 14.12 -24.42 17.38
C LYS A 214 14.54 -25.69 18.11
N ILE A 215 14.70 -26.78 17.36
CA ILE A 215 15.11 -28.03 17.98
C ILE A 215 16.52 -27.89 18.56
N SER A 216 17.47 -27.38 17.76
CA SER A 216 18.85 -27.33 18.25
C SER A 216 18.97 -26.40 19.45
N ARG A 217 18.23 -25.29 19.44
CA ARG A 217 18.25 -24.41 20.60
C ARG A 217 17.65 -25.09 21.81
N SER A 218 16.53 -25.80 21.62
CA SER A 218 15.84 -26.40 22.77
C SER A 218 16.65 -27.55 23.34
N VAL A 219 17.25 -28.36 22.47
CA VAL A 219 18.10 -29.45 22.94
C VAL A 219 19.28 -28.89 23.71
N ALA A 220 19.88 -27.81 23.21
CA ALA A 220 20.97 -27.16 23.94
C ALA A 220 20.49 -26.66 25.32
N LYS A 221 19.30 -26.06 25.38
CA LYS A 221 18.84 -25.57 26.68
C LYS A 221 18.55 -26.73 27.62
N ILE A 222 18.03 -27.84 27.09
CA ILE A 222 17.76 -28.99 27.96
C ILE A 222 19.07 -29.56 28.50
N TYR A 223 20.07 -29.67 27.62
CA TYR A 223 21.40 -30.13 28.00
C TYR A 223 21.97 -29.35 29.16
N LEU A 224 21.73 -28.05 29.17
CA LEU A 224 22.29 -27.13 30.16
C LEU A 224 21.37 -26.92 31.34
N GLY A 225 20.20 -27.56 31.36
CA GLY A 225 19.28 -27.36 32.45
C GLY A 225 18.50 -26.05 32.43
N GLN A 226 18.48 -25.34 31.30
CA GLN A 226 17.71 -24.10 31.19
C GLN A 226 16.27 -24.34 30.80
N LEU A 227 15.95 -25.56 30.39
CA LEU A 227 14.66 -25.94 29.85
C LEU A 227 14.45 -27.41 30.18
N GLU A 228 13.21 -27.78 30.44
CA GLU A 228 12.88 -29.19 30.66
C GLU A 228 12.20 -29.84 29.48
N CYS A 229 11.44 -29.08 28.71
CA CYS A 229 10.57 -29.66 27.69
C CYS A 229 10.31 -28.58 26.66
N PHE A 230 10.13 -28.97 25.40
CA PHE A 230 9.65 -28.02 24.40
C PHE A 230 8.60 -28.69 23.53
N SER A 231 7.81 -27.86 22.86
CA SER A 231 6.73 -28.36 22.02
C SER A 231 7.00 -28.07 20.55
N LEU A 232 6.60 -29.01 19.73
CA LEU A 232 6.65 -28.93 18.28
C LEU A 232 5.23 -29.02 17.76
N GLY A 233 5.10 -28.89 16.46
CA GLY A 233 3.84 -29.15 15.79
C GLY A 233 3.87 -30.52 15.14
N ASN A 234 4.00 -30.53 13.82
CA ASN A 234 3.87 -31.76 13.03
C ASN A 234 5.18 -32.52 13.00
N LEU A 235 5.29 -33.59 13.81
CA LEU A 235 6.53 -34.35 13.85
C LEU A 235 6.82 -35.12 12.58
N ASP A 236 5.82 -35.36 11.75
CA ASP A 236 5.98 -36.22 10.59
C ASP A 236 6.36 -35.48 9.32
N ALA A 237 6.41 -34.15 9.37
CA ALA A 237 6.81 -33.39 8.18
C ALA A 237 8.18 -33.86 7.72
N LYS A 238 8.34 -34.02 6.41
CA LYS A 238 9.58 -34.48 5.81
C LYS A 238 10.19 -33.40 4.94
N ARG A 239 11.51 -33.22 5.07
CA ARG A 239 12.16 -32.10 4.42
C ARG A 239 13.50 -32.52 3.84
N ASP A 240 13.90 -31.78 2.82
CA ASP A 240 15.23 -31.84 2.23
C ASP A 240 16.03 -30.69 2.83
N TRP A 241 16.96 -30.98 3.74
CA TRP A 241 17.67 -29.95 4.51
C TRP A 241 19.14 -29.87 4.09
N GLY A 242 19.58 -28.69 3.65
CA GLY A 242 20.97 -28.42 3.35
C GLY A 242 21.50 -27.30 4.23
N HIS A 243 22.76 -26.95 3.98
CA HIS A 243 23.45 -25.91 4.75
C HIS A 243 23.46 -24.61 3.94
N ALA A 244 23.02 -23.53 4.56
CA ALA A 244 22.92 -22.25 3.89
C ALA A 244 24.24 -21.83 3.24
N LYS A 245 25.38 -22.17 3.87
CA LYS A 245 26.65 -21.73 3.32
C LYS A 245 26.91 -22.35 1.96
N ASP A 246 26.49 -23.60 1.76
CA ASP A 246 26.61 -24.22 0.45
C ASP A 246 25.64 -23.58 -0.55
N TYR A 247 24.45 -23.18 -0.11
CA TYR A 247 23.45 -22.76 -1.07
C TYR A 247 23.71 -21.35 -1.59
N VAL A 248 24.33 -20.47 -0.82
CA VAL A 248 24.57 -19.12 -1.36
C VAL A 248 25.56 -19.21 -2.52
N GLU A 249 26.44 -20.21 -2.51
CA GLU A 249 27.34 -20.39 -3.63
C GLU A 249 26.55 -20.68 -4.90
N ALA A 250 25.45 -21.45 -4.78
CA ALA A 250 24.61 -21.76 -5.93
C ALA A 250 23.94 -20.51 -6.47
N MET A 251 23.55 -19.59 -5.60
CA MET A 251 22.97 -18.33 -6.04
C MET A 251 23.92 -17.58 -6.97
N TRP A 252 25.18 -17.47 -6.54
CA TRP A 252 26.21 -16.81 -7.34
C TRP A 252 26.47 -17.53 -8.65
N LEU A 253 26.56 -18.87 -8.59
CA LEU A 253 26.75 -19.63 -9.82
C LEU A 253 25.63 -19.39 -10.83
N MET A 254 24.39 -19.24 -10.36
CA MET A 254 23.30 -18.98 -11.30
C MET A 254 23.44 -17.65 -12.02
N LEU A 255 24.04 -16.64 -11.38
CA LEU A 255 24.28 -15.40 -12.09
C LEU A 255 25.55 -15.44 -12.93
N GLN A 256 26.42 -16.44 -12.72
CA GLN A 256 27.57 -16.65 -13.60
C GLN A 256 27.20 -17.42 -14.86
N ASN A 257 26.03 -18.03 -14.91
CA ASN A 257 25.61 -18.83 -16.05
C ASN A 257 25.50 -17.96 -17.30
N ASP A 258 25.82 -18.55 -18.45
CA ASP A 258 25.81 -17.79 -19.70
C ASP A 258 24.40 -17.32 -20.07
N GLU A 259 23.38 -18.09 -19.70
CA GLU A 259 21.99 -17.79 -19.96
C GLU A 259 21.22 -17.74 -18.66
N PRO A 260 20.18 -16.91 -18.57
CA PRO A 260 19.39 -16.85 -17.33
C PRO A 260 18.42 -18.02 -17.26
N GLU A 261 18.71 -18.95 -16.36
CA GLU A 261 17.87 -20.12 -16.19
C GLU A 261 17.50 -20.26 -14.73
N ASP A 262 16.34 -20.87 -14.50
CA ASP A 262 15.90 -21.21 -13.14
C ASP A 262 16.43 -22.59 -12.74
N PHE A 263 16.76 -22.73 -11.44
CA PHE A 263 17.31 -23.99 -10.96
C PHE A 263 16.75 -24.39 -9.61
N VAL A 264 16.50 -25.68 -9.46
CA VAL A 264 16.31 -26.31 -8.15
C VAL A 264 17.66 -26.58 -7.50
N ILE A 265 17.80 -26.18 -6.24
CA ILE A 265 19.01 -26.42 -5.44
C ILE A 265 18.54 -27.16 -4.20
N ALA A 266 19.12 -28.34 -3.95
CA ALA A 266 18.62 -29.23 -2.91
C ALA A 266 19.67 -30.31 -2.69
N THR A 267 19.49 -31.10 -1.63
CA THR A 267 20.35 -32.27 -1.38
C THR A 267 19.79 -33.55 -1.97
N GLY A 268 18.48 -33.61 -2.19
CA GLY A 268 17.85 -34.85 -2.64
C GLY A 268 17.65 -35.88 -1.55
N GLU A 269 18.03 -35.59 -0.31
CA GLU A 269 17.88 -36.51 0.81
C GLU A 269 16.82 -35.98 1.75
N VAL A 270 15.91 -36.87 2.18
CA VAL A 270 14.73 -36.50 2.96
C VAL A 270 14.86 -37.04 4.38
N HIS A 271 14.51 -36.21 5.36
CA HIS A 271 14.39 -36.62 6.75
C HIS A 271 13.15 -35.99 7.36
N SER A 272 12.65 -36.63 8.42
CA SER A 272 11.50 -36.10 9.15
C SER A 272 11.94 -35.17 10.28
N VAL A 273 11.00 -34.33 10.71
CA VAL A 273 11.23 -33.54 11.91
C VAL A 273 11.56 -34.46 13.08
N ARG A 274 10.84 -35.58 13.18
CA ARG A 274 11.10 -36.56 14.22
C ARG A 274 12.56 -37.00 14.22
N GLU A 275 13.12 -37.23 13.02
CA GLU A 275 14.52 -37.64 12.91
C GLU A 275 15.47 -36.51 13.31
N PHE A 276 15.16 -35.27 12.92
CA PHE A 276 15.98 -34.16 13.36
C PHE A 276 16.02 -34.09 14.88
N VAL A 277 14.86 -34.30 15.54
CA VAL A 277 14.80 -34.33 17.00
C VAL A 277 15.66 -35.45 17.55
N GLU A 278 15.47 -36.67 17.04
CA GLU A 278 16.25 -37.81 17.53
C GLU A 278 17.75 -37.58 17.40
N LYS A 279 18.20 -37.16 16.22
CA LYS A 279 19.63 -36.96 16.03
C LYS A 279 20.17 -35.84 16.90
N SER A 280 19.40 -34.76 17.08
CA SER A 280 19.86 -33.68 17.94
C SER A 280 20.09 -34.15 19.35
N PHE A 281 19.12 -34.90 19.91
CA PHE A 281 19.27 -35.37 21.28
C PHE A 281 20.43 -36.34 21.42
N LEU A 282 20.67 -37.19 20.41
CA LEU A 282 21.83 -38.07 20.46
C LEU A 282 23.12 -37.30 20.66
N HIS A 283 23.21 -36.07 20.13
CA HIS A 283 24.43 -35.29 20.32
C HIS A 283 24.66 -34.81 21.74
N ILE A 284 23.64 -34.80 22.58
CA ILE A 284 23.82 -34.52 23.99
C ILE A 284 23.69 -35.80 24.81
N GLY A 285 23.81 -36.95 24.13
CA GLY A 285 23.83 -38.23 24.79
C GLY A 285 22.48 -38.74 25.26
N LYS A 286 21.39 -38.34 24.63
CA LYS A 286 20.06 -38.76 25.03
C LYS A 286 19.39 -39.48 23.87
N THR A 287 18.73 -40.60 24.18
CA THR A 287 17.95 -41.34 23.20
C THR A 287 16.49 -41.05 23.47
N ILE A 288 15.80 -40.47 22.48
CA ILE A 288 14.39 -40.16 22.58
C ILE A 288 13.56 -41.34 22.14
N VAL A 289 12.58 -41.71 22.95
CA VAL A 289 11.60 -42.75 22.64
C VAL A 289 10.25 -42.07 22.55
N TRP A 290 9.52 -42.35 21.46
CA TRP A 290 8.23 -41.71 21.25
C TRP A 290 7.11 -42.56 21.82
N GLU A 291 6.13 -41.89 22.41
CA GLU A 291 4.93 -42.59 22.87
C GLU A 291 3.72 -41.69 22.65
N GLY A 292 2.57 -42.33 22.42
CA GLY A 292 1.36 -41.61 22.12
C GLY A 292 1.26 -41.26 20.65
N LYS A 293 0.17 -40.60 20.30
CA LYS A 293 -0.07 -40.23 18.91
C LYS A 293 -0.74 -38.86 18.84
N ASN A 294 -0.64 -38.25 17.66
CA ASN A 294 -1.22 -36.94 17.42
C ASN A 294 -0.75 -35.92 18.45
N GLU A 295 -1.67 -35.09 18.94
CA GLU A 295 -1.26 -34.02 19.85
C GLU A 295 -0.90 -34.55 21.23
N ASN A 296 -1.04 -35.85 21.48
CA ASN A 296 -0.65 -36.44 22.74
C ASN A 296 0.66 -37.21 22.64
N GLU A 297 1.29 -37.23 21.47
CA GLU A 297 2.60 -37.83 21.32
C GLU A 297 3.62 -37.04 22.15
N VAL A 298 4.51 -37.77 22.82
CA VAL A 298 5.58 -37.14 23.58
C VAL A 298 6.87 -37.87 23.27
N GLY A 299 7.97 -37.16 23.46
CA GLY A 299 9.29 -37.75 23.31
C GLY A 299 9.92 -37.84 24.66
N ARG A 300 10.28 -39.06 25.07
CA ARG A 300 10.79 -39.32 26.41
C ARG A 300 12.23 -39.80 26.31
N CYS A 301 13.06 -39.34 27.24
CA CYS A 301 14.45 -39.79 27.30
C CYS A 301 14.48 -41.23 27.79
N LYS A 302 15.02 -42.13 26.97
CA LYS A 302 15.10 -43.54 27.34
C LYS A 302 15.91 -43.74 28.63
N GLU A 303 16.99 -42.97 28.77
CA GLU A 303 17.85 -43.11 29.94
C GLU A 303 17.17 -42.67 31.22
N THR A 304 16.63 -41.44 31.23
CA THR A 304 16.06 -40.86 32.46
C THR A 304 14.56 -41.04 32.58
N GLY A 305 13.85 -41.27 31.48
CA GLY A 305 12.40 -41.32 31.54
C GLY A 305 11.70 -39.97 31.55
N LYS A 306 12.44 -38.87 31.41
CA LYS A 306 11.82 -37.55 31.41
C LYS A 306 11.24 -37.23 30.04
N VAL A 307 10.07 -36.61 30.03
CA VAL A 307 9.46 -36.11 28.79
C VAL A 307 10.21 -34.84 28.38
N HIS A 308 10.75 -34.83 27.17
CA HIS A 308 11.45 -33.65 26.69
C HIS A 308 10.79 -32.97 25.50
N VAL A 309 9.94 -33.68 24.77
CA VAL A 309 9.27 -33.14 23.60
C VAL A 309 7.78 -33.40 23.71
N THR A 310 6.98 -32.36 23.51
CA THR A 310 5.53 -32.52 23.40
C THR A 310 5.04 -31.91 22.08
N VAL A 311 3.76 -32.11 21.80
CA VAL A 311 3.14 -31.57 20.61
C VAL A 311 2.10 -30.54 21.02
N ASP A 312 2.10 -29.40 20.33
CA ASP A 312 1.09 -28.35 20.54
C ASP A 312 0.48 -27.97 19.19
N LEU A 313 -0.85 -28.04 19.09
CA LEU A 313 -1.50 -27.77 17.82
C LEU A 313 -1.32 -26.34 17.35
N LYS A 314 -0.94 -25.42 18.24
CA LYS A 314 -0.71 -24.05 17.81
C LYS A 314 0.46 -23.93 16.85
N TYR A 315 1.32 -24.95 16.77
CA TYR A 315 2.40 -24.89 15.80
C TYR A 315 2.07 -25.56 14.48
N TYR A 316 0.90 -26.19 14.37
CA TYR A 316 0.50 -26.75 13.09
C TYR A 316 0.18 -25.62 12.12
N ARG A 317 0.37 -25.91 10.83
CA ARG A 317 -0.12 -24.99 9.82
C ARG A 317 -1.49 -25.45 9.33
N PRO A 318 -2.37 -24.51 9.01
CA PRO A 318 -3.69 -24.90 8.51
C PRO A 318 -3.63 -25.78 7.26
N THR A 319 -2.65 -25.55 6.38
CA THR A 319 -2.42 -26.35 5.18
C THR A 319 -0.95 -26.73 5.19
N GLU A 320 -0.67 -27.92 5.66
CA GLU A 320 0.69 -28.36 5.83
C GLU A 320 1.31 -28.73 4.49
N VAL A 321 2.64 -28.60 4.42
CA VAL A 321 3.46 -29.13 3.36
C VAL A 321 4.10 -30.41 3.92
N ASP A 322 3.57 -31.56 3.52
CA ASP A 322 3.94 -32.80 4.20
C ASP A 322 5.34 -33.30 3.82
N PHE A 323 5.78 -33.03 2.58
CA PHE A 323 6.90 -33.75 2.03
C PHE A 323 7.59 -32.89 0.98
N LEU A 324 8.90 -32.72 1.11
CA LEU A 324 9.68 -32.07 0.07
C LEU A 324 10.96 -32.85 -0.15
N GLN A 325 11.31 -33.00 -1.42
CA GLN A 325 12.52 -33.69 -1.86
C GLN A 325 12.90 -33.11 -3.20
N GLY A 326 14.06 -32.46 -3.26
CA GLY A 326 14.46 -31.77 -4.48
C GLY A 326 15.36 -32.62 -5.36
N ASP A 327 15.15 -32.51 -6.67
CA ASP A 327 16.02 -33.12 -7.68
C ASP A 327 16.78 -32.00 -8.37
N CYS A 328 18.08 -31.88 -8.06
CA CYS A 328 18.88 -30.79 -8.60
C CYS A 328 19.81 -31.25 -9.72
N THR A 329 19.37 -32.25 -10.50
CA THR A 329 20.17 -32.74 -11.63
C THR A 329 20.59 -31.60 -12.56
N LYS A 330 19.64 -30.72 -12.91
CA LYS A 330 19.94 -29.63 -13.83
C LYS A 330 21.08 -28.76 -13.30
N ALA A 331 21.02 -28.39 -12.02
CA ALA A 331 22.08 -27.57 -11.45
C ALA A 331 23.39 -28.32 -11.41
N LYS A 332 23.36 -29.62 -11.12
CA LYS A 332 24.60 -30.39 -11.10
C LYS A 332 25.25 -30.42 -12.48
N GLN A 333 24.44 -30.55 -13.53
CA GLN A 333 24.97 -30.60 -14.89
C GLN A 333 25.45 -29.24 -15.37
N LYS A 334 24.63 -28.19 -15.20
CA LYS A 334 24.96 -26.90 -15.78
C LYS A 334 25.86 -26.04 -14.89
N LEU A 335 25.68 -26.08 -13.57
CA LEU A 335 26.44 -25.20 -12.69
C LEU A 335 27.62 -25.91 -12.03
N ASN A 336 27.68 -27.23 -12.13
CA ASN A 336 28.64 -28.05 -11.38
C ASN A 336 28.56 -27.75 -9.89
N TRP A 337 27.35 -27.53 -9.40
CA TRP A 337 27.11 -27.33 -7.98
C TRP A 337 26.89 -28.67 -7.28
N LYS A 338 27.48 -28.82 -6.10
CA LYS A 338 27.15 -29.96 -5.26
C LYS A 338 27.17 -29.54 -3.79
N PRO A 339 26.23 -30.01 -2.99
CA PRO A 339 26.27 -29.73 -1.56
C PRO A 339 27.47 -30.40 -0.91
N ARG A 340 28.01 -29.74 0.11
CA ARG A 340 29.17 -30.27 0.82
C ARG A 340 28.86 -30.70 2.24
N VAL A 341 27.79 -30.19 2.83
CA VAL A 341 27.39 -30.57 4.18
C VAL A 341 26.20 -31.50 4.06
N ALA A 342 26.30 -32.69 4.65
CA ALA A 342 25.18 -33.60 4.71
C ALA A 342 24.44 -33.45 6.03
N PHE A 343 23.26 -34.09 6.10
CA PHE A 343 22.31 -33.90 7.18
C PHE A 343 22.93 -34.14 8.55
N ASP A 344 23.66 -35.25 8.72
CA ASP A 344 24.17 -35.57 10.05
C ASP A 344 25.16 -34.50 10.54
N GLU A 345 25.99 -33.99 9.64
CA GLU A 345 26.93 -32.93 10.01
C GLU A 345 26.17 -31.63 10.31
N LEU A 346 25.10 -31.37 9.56
CA LEU A 346 24.30 -30.17 9.80
C LEU A 346 23.72 -30.16 11.20
N VAL A 347 23.18 -31.30 11.62
CA VAL A 347 22.59 -31.41 12.95
C VAL A 347 23.65 -31.19 14.02
N ARG A 348 24.80 -31.86 13.89
CA ARG A 348 25.86 -31.73 14.88
C ARG A 348 26.33 -30.29 15.01
N GLU A 349 26.54 -29.64 13.87
CA GLU A 349 26.98 -28.25 13.86
C GLU A 349 25.99 -27.33 14.55
N MET A 350 24.69 -27.53 14.31
CA MET A 350 23.71 -26.63 14.90
C MET A 350 23.57 -26.85 16.40
N VAL A 351 23.57 -28.11 16.85
CA VAL A 351 23.48 -28.35 18.28
C VAL A 351 24.75 -27.85 18.98
N HIS A 352 25.92 -28.12 18.39
CA HIS A 352 27.17 -27.68 19.01
C HIS A 352 27.21 -26.17 19.14
N ALA A 353 26.77 -25.46 18.10
CA ALA A 353 26.79 -24.02 18.15
C ALA A 353 25.79 -23.49 19.17
N ASP A 354 24.61 -24.12 19.28
CA ASP A 354 23.66 -23.64 20.26
C ASP A 354 24.05 -23.98 21.69
N VAL A 355 24.75 -25.09 21.92
CA VAL A 355 25.23 -25.33 23.28
C VAL A 355 26.21 -24.24 23.70
N GLU A 356 27.10 -23.84 22.79
CA GLU A 356 28.05 -22.78 23.11
C GLU A 356 27.33 -21.46 23.34
N LEU A 357 26.36 -21.14 22.49
CA LEU A 357 25.57 -19.93 22.65
C LEU A 357 24.85 -19.90 24.00
N MET A 358 24.16 -20.99 24.34
CA MET A 358 23.39 -21.01 25.56
C MET A 358 24.27 -21.05 26.80
N ARG A 359 25.49 -21.59 26.70
CA ARG A 359 26.40 -21.54 27.84
C ARG A 359 26.76 -20.10 28.17
N THR A 360 27.03 -19.31 27.13
CA THR A 360 27.43 -17.93 27.31
C THR A 360 26.29 -17.07 27.79
N ASN A 361 25.08 -17.29 27.26
CA ASN A 361 23.93 -16.45 27.58
C ASN A 361 22.67 -17.29 27.68
N PRO A 362 22.25 -17.64 28.90
CA PRO A 362 21.04 -18.47 29.07
C PRO A 362 19.77 -17.83 28.58
N ASN A 363 19.75 -16.51 28.40
CA ASN A 363 18.58 -15.85 27.88
C ASN A 363 18.59 -15.78 26.36
N ALA A 364 19.57 -16.41 25.71
CA ALA A 364 19.70 -16.29 24.26
C ALA A 364 18.62 -17.09 23.56
N GLY B 14 -11.34 -2.62 37.70
CA GLY B 14 -11.98 -3.51 36.74
C GLY B 14 -10.99 -4.34 35.95
N ARG B 15 -11.28 -4.56 34.68
CA ARG B 15 -10.33 -5.19 33.78
C ARG B 15 -9.29 -4.16 33.35
N ASN B 16 -8.01 -4.54 33.40
CA ASN B 16 -6.92 -3.64 32.98
C ASN B 16 -6.04 -4.42 32.02
N VAL B 17 -6.30 -4.25 30.73
CA VAL B 17 -5.62 -5.00 29.68
C VAL B 17 -5.13 -3.97 28.67
N ALA B 18 -3.82 -3.84 28.55
CA ALA B 18 -3.22 -2.87 27.65
C ALA B 18 -2.70 -3.58 26.41
N LEU B 19 -2.85 -2.91 25.28
CA LEU B 19 -2.25 -3.35 24.04
C LEU B 19 -1.29 -2.25 23.62
N ILE B 20 -0.01 -2.59 23.49
CA ILE B 20 1.04 -1.64 23.18
C ILE B 20 1.57 -1.97 21.80
N THR B 21 1.37 -1.09 20.81
CA THR B 21 2.18 -1.23 19.61
C THR B 21 3.51 -0.57 19.86
N GLY B 22 4.54 -1.08 19.20
CA GLY B 22 5.85 -0.54 19.48
C GLY B 22 6.41 -0.96 20.83
N ILE B 23 5.96 -2.10 21.34
CA ILE B 23 6.41 -2.53 22.67
C ILE B 23 7.91 -2.81 22.72
N THR B 24 8.54 -3.13 21.57
CA THR B 24 9.96 -3.48 21.63
C THR B 24 10.86 -2.23 21.65
N GLY B 25 10.29 -1.05 21.44
CA GLY B 25 11.06 0.18 21.39
C GLY B 25 11.40 0.73 22.75
N GLN B 26 12.02 1.92 22.75
CA GLN B 26 12.42 2.53 24.03
C GLN B 26 11.22 2.71 24.94
N ASP B 27 10.24 3.48 24.49
CA ASP B 27 9.11 3.82 25.36
C ASP B 27 8.27 2.60 25.66
N GLY B 28 8.07 1.74 24.66
CA GLY B 28 7.25 0.56 24.89
C GLY B 28 7.83 -0.30 25.99
N SER B 29 9.15 -0.38 26.06
CA SER B 29 9.78 -1.22 27.09
C SER B 29 9.57 -0.63 28.47
N TYR B 30 9.69 0.70 28.60
CA TYR B 30 9.43 1.31 29.91
C TYR B 30 7.94 1.27 30.24
N LEU B 31 7.08 1.49 29.24
CA LEU B 31 5.65 1.46 29.51
C LEU B 31 5.19 0.07 29.91
N ALA B 32 5.72 -0.95 29.24
CA ALA B 32 5.37 -2.32 29.61
C ALA B 32 5.72 -2.58 31.07
N GLU B 33 6.92 -2.17 31.49
CA GLU B 33 7.31 -2.31 32.90
C GLU B 33 6.34 -1.59 33.81
N PHE B 34 6.03 -0.35 33.47
CA PHE B 34 5.14 0.48 34.29
C PHE B 34 3.75 -0.16 34.43
N LEU B 35 3.17 -0.61 33.32
CA LEU B 35 1.83 -1.17 33.39
C LEU B 35 1.82 -2.52 34.09
N LEU B 36 2.88 -3.34 33.91
CA LEU B 36 2.94 -4.61 34.63
C LEU B 36 2.98 -4.37 36.12
N GLU B 37 3.74 -3.36 36.55
CA GLU B 37 3.81 -3.00 37.97
C GLU B 37 2.46 -2.56 38.50
N LYS B 38 1.65 -1.89 37.66
CA LYS B 38 0.29 -1.50 38.04
C LYS B 38 -0.72 -2.65 37.99
N GLY B 39 -0.30 -3.85 37.59
CA GLY B 39 -1.18 -5.00 37.63
C GLY B 39 -1.92 -5.28 36.34
N TYR B 40 -1.53 -4.63 35.24
CA TYR B 40 -2.16 -4.85 33.95
C TYR B 40 -1.72 -6.17 33.33
N GLU B 41 -2.63 -6.77 32.57
CA GLU B 41 -2.21 -7.73 31.57
C GLU B 41 -1.74 -6.91 30.37
N VAL B 42 -0.49 -7.10 29.95
CA VAL B 42 0.09 -6.26 28.92
C VAL B 42 0.29 -7.09 27.66
N HIS B 43 -0.31 -6.66 26.56
CA HIS B 43 -0.10 -7.29 25.27
C HIS B 43 0.69 -6.34 24.39
N GLY B 44 1.53 -6.91 23.54
CA GLY B 44 2.35 -6.11 22.65
C GLY B 44 2.33 -6.70 21.26
N ILE B 45 2.42 -5.81 20.26
CA ILE B 45 2.56 -6.22 18.87
C ILE B 45 4.03 -6.13 18.49
N VAL B 46 4.58 -7.22 17.97
CA VAL B 46 5.99 -7.27 17.60
C VAL B 46 6.08 -7.59 16.12
N ARG B 47 7.00 -6.92 15.44
CA ARG B 47 7.25 -7.22 14.04
C ARG B 47 7.98 -8.54 13.91
N ARG B 48 7.64 -9.31 12.87
CA ARG B 48 8.49 -10.42 12.49
C ARG B 48 9.84 -9.86 12.07
N SER B 49 10.91 -10.41 12.63
CA SER B 49 12.25 -10.02 12.19
C SER B 49 13.09 -11.28 12.09
N SER B 50 14.14 -11.21 11.26
CA SER B 50 14.91 -12.41 11.02
C SER B 50 15.68 -12.84 12.25
N SER B 51 15.93 -11.92 13.19
CA SER B 51 16.37 -12.25 14.55
C SER B 51 15.40 -11.61 15.50
N PHE B 52 15.31 -12.13 16.72
CA PHE B 52 14.34 -11.54 17.64
C PHE B 52 14.70 -10.08 17.97
N ASN B 53 13.67 -9.23 18.03
CA ASN B 53 13.82 -7.79 18.26
C ASN B 53 13.36 -7.41 19.65
N THR B 54 13.25 -8.39 20.54
CA THR B 54 12.64 -8.24 21.85
C THR B 54 13.66 -7.98 22.96
N GLY B 55 14.92 -7.63 22.61
CA GLY B 55 15.97 -7.44 23.62
C GLY B 55 15.61 -6.53 24.79
N ARG B 56 14.79 -5.49 24.55
CA ARG B 56 14.48 -4.55 25.63
C ARG B 56 13.46 -5.10 26.60
N ILE B 57 12.70 -6.12 26.21
CA ILE B 57 11.59 -6.61 27.02
C ILE B 57 11.74 -8.09 27.36
N GLU B 58 12.84 -8.75 26.97
CA GLU B 58 12.94 -10.18 27.23
C GLU B 58 12.99 -10.48 28.72
N HIS B 59 13.43 -9.53 29.54
CA HIS B 59 13.41 -9.75 30.98
C HIS B 59 11.99 -9.78 31.53
N LEU B 60 10.99 -9.42 30.74
CA LEU B 60 9.60 -9.44 31.17
C LEU B 60 8.88 -10.75 30.84
N TYR B 61 9.57 -11.72 30.23
CA TYR B 61 8.98 -13.05 30.15
C TYR B 61 8.91 -13.64 31.56
N LYS B 62 7.90 -14.49 31.77
CA LYS B 62 7.80 -15.20 33.05
C LYS B 62 9.04 -16.05 33.28
N ASN B 63 9.51 -16.73 32.23
CA ASN B 63 10.77 -17.47 32.25
C ASN B 63 11.63 -16.95 31.11
N PRO B 64 12.58 -16.05 31.38
CA PRO B 64 13.38 -15.45 30.28
C PRO B 64 14.34 -16.42 29.63
N GLN B 65 14.67 -17.53 30.28
CA GLN B 65 15.53 -18.52 29.65
C GLN B 65 14.78 -19.33 28.60
N ALA B 66 13.49 -19.55 28.81
CA ALA B 66 12.68 -20.31 27.87
C ALA B 66 11.78 -19.43 27.00
N HIS B 67 11.78 -18.12 27.25
CA HIS B 67 10.91 -17.17 26.54
C HIS B 67 9.44 -17.60 26.64
N ILE B 68 9.05 -17.92 27.87
CA ILE B 68 7.67 -18.28 28.20
C ILE B 68 7.01 -17.04 28.79
N GLU B 69 5.81 -16.74 28.32
CA GLU B 69 5.10 -15.54 28.73
C GLU B 69 4.31 -15.76 30.01
N GLY B 70 4.26 -14.71 30.83
CA GLY B 70 3.30 -14.61 31.91
C GLY B 70 2.31 -13.48 31.64
N ASN B 71 2.45 -12.36 32.36
CA ASN B 71 1.49 -11.28 32.21
C ASN B 71 1.79 -10.35 31.05
N MET B 72 2.95 -10.49 30.40
CA MET B 72 3.22 -9.78 29.13
C MET B 72 3.14 -10.78 28.00
N LYS B 73 2.19 -10.59 27.09
CA LYS B 73 1.98 -11.50 25.98
C LYS B 73 2.27 -10.77 24.67
N LEU B 74 2.97 -11.44 23.75
CA LEU B 74 3.39 -10.81 22.52
C LEU B 74 2.71 -11.45 21.31
N HIS B 75 2.49 -10.63 20.29
CA HIS B 75 1.74 -11.04 19.10
C HIS B 75 2.46 -10.49 17.88
N TYR B 76 2.68 -11.34 16.88
CA TYR B 76 3.23 -10.85 15.62
C TYR B 76 2.21 -9.98 14.91
N GLY B 77 2.69 -8.86 14.40
CA GLY B 77 1.85 -7.98 13.61
C GLY B 77 2.63 -6.84 13.00
N ASP B 78 1.90 -5.99 12.27
CA ASP B 78 2.54 -4.88 11.59
C ASP B 78 1.48 -3.81 11.39
N LEU B 79 1.84 -2.56 11.64
CA LEU B 79 0.89 -1.47 11.47
C LEU B 79 0.46 -1.27 10.04
N THR B 80 1.08 -1.94 9.06
CA THR B 80 0.63 -1.82 7.69
C THR B 80 -0.32 -2.94 7.27
N ASP B 81 -0.73 -3.82 8.19
CA ASP B 81 -1.54 -5.00 7.87
C ASP B 81 -2.84 -4.92 8.68
N SER B 82 -3.90 -4.41 8.05
CA SER B 82 -5.16 -4.15 8.75
C SER B 82 -5.75 -5.42 9.36
N THR B 83 -5.76 -6.53 8.61
CA THR B 83 -6.37 -7.75 9.11
C THR B 83 -5.70 -8.24 10.38
N CYS B 84 -4.36 -8.16 10.44
N CYS B 84 -4.37 -8.16 10.43
CA CYS B 84 -3.67 -8.63 11.63
CA CYS B 84 -3.66 -8.60 11.62
C CYS B 84 -4.01 -7.76 12.85
C CYS B 84 -4.05 -7.77 12.84
N LEU B 85 -4.22 -6.46 12.65
CA LEU B 85 -4.57 -5.60 13.78
C LEU B 85 -5.94 -5.94 14.32
N VAL B 86 -6.90 -6.16 13.42
CA VAL B 86 -8.24 -6.52 13.85
C VAL B 86 -8.23 -7.84 14.61
N LYS B 87 -7.49 -8.83 14.10
CA LYS B 87 -7.46 -10.13 14.77
C LYS B 87 -6.90 -9.99 16.18
N ILE B 88 -5.80 -9.25 16.33
CA ILE B 88 -5.18 -9.08 17.63
C ILE B 88 -6.11 -8.33 18.58
N ILE B 89 -6.69 -7.21 18.11
CA ILE B 89 -7.53 -6.43 19.01
C ILE B 89 -8.77 -7.21 19.38
N ASN B 90 -9.31 -7.96 18.43
CA ASN B 90 -10.48 -8.77 18.70
C ASN B 90 -10.18 -9.88 19.69
N GLU B 91 -8.96 -10.41 19.64
CA GLU B 91 -8.57 -11.46 20.58
C GLU B 91 -8.23 -10.89 21.96
N VAL B 92 -7.58 -9.73 22.01
CA VAL B 92 -7.12 -9.19 23.29
C VAL B 92 -8.24 -8.47 24.03
N LYS B 93 -9.12 -7.78 23.30
CA LYS B 93 -10.14 -6.89 23.87
C LYS B 93 -9.51 -5.96 24.92
N PRO B 94 -8.58 -5.11 24.50
CA PRO B 94 -7.89 -4.25 25.46
C PRO B 94 -8.81 -3.18 26.02
N THR B 95 -8.49 -2.73 27.22
CA THR B 95 -9.12 -1.56 27.77
C THR B 95 -8.34 -0.29 27.48
N GLU B 96 -7.05 -0.44 27.21
CA GLU B 96 -6.18 0.68 26.87
C GLU B 96 -5.30 0.24 25.71
N ILE B 97 -5.14 1.12 24.73
CA ILE B 97 -4.26 0.89 23.59
C ILE B 97 -3.28 2.04 23.52
N TYR B 98 -1.99 1.73 23.45
CA TYR B 98 -0.94 2.75 23.32
C TYR B 98 -0.28 2.53 21.97
N ASN B 99 -0.45 3.48 21.06
CA ASN B 99 0.11 3.34 19.70
C ASN B 99 1.47 4.01 19.72
N LEU B 100 2.49 3.24 20.10
CA LEU B 100 3.85 3.75 20.10
C LEU B 100 4.62 3.28 18.87
N GLY B 101 4.06 2.38 18.08
CA GLY B 101 4.79 1.81 16.96
C GLY B 101 5.00 2.84 15.86
N ALA B 102 6.23 2.94 15.36
CA ALA B 102 6.55 3.95 14.38
C ALA B 102 7.96 3.74 13.84
N GLN B 103 8.14 4.13 12.58
CA GLN B 103 9.46 4.53 12.09
C GLN B 103 9.73 5.88 12.75
N SER B 104 10.56 5.90 13.79
CA SER B 104 10.62 7.07 14.65
C SER B 104 11.83 7.97 14.38
N HIS B 105 12.62 7.68 13.35
CA HIS B 105 13.87 8.43 13.15
C HIS B 105 13.70 9.51 12.09
N VAL B 106 14.02 10.75 12.45
CA VAL B 106 13.69 11.86 11.56
C VAL B 106 14.59 11.85 10.34
N LYS B 107 15.90 11.67 10.51
CA LYS B 107 16.78 11.67 9.34
C LYS B 107 16.42 10.53 8.38
N ILE B 108 16.19 9.34 8.92
CA ILE B 108 15.82 8.22 8.06
C ILE B 108 14.52 8.49 7.33
N SER B 109 13.62 9.31 7.92
CA SER B 109 12.35 9.56 7.27
C SER B 109 12.50 10.31 5.94
N PHE B 110 13.60 11.05 5.73
CA PHE B 110 13.77 11.72 4.44
C PHE B 110 14.05 10.72 3.31
N ASP B 111 14.72 9.59 3.61
CA ASP B 111 14.97 8.54 2.63
C ASP B 111 13.86 7.50 2.54
N LEU B 112 13.03 7.40 3.56
CA LEU B 112 11.98 6.40 3.72
C LEU B 112 10.66 7.12 3.94
N ALA B 113 10.41 8.14 3.12
CA ALA B 113 9.27 9.03 3.33
C ALA B 113 7.93 8.29 3.18
N GLU B 114 7.82 7.43 2.17
CA GLU B 114 6.54 6.74 1.95
CA GLU B 114 6.54 6.76 1.96
C GLU B 114 6.30 5.68 3.01
N TYR B 115 7.34 4.89 3.33
CA TYR B 115 7.20 3.93 4.40
C TYR B 115 6.83 4.62 5.71
N THR B 116 7.48 5.75 6.01
CA THR B 116 7.17 6.48 7.23
C THR B 116 5.72 6.96 7.24
N ALA B 117 5.22 7.40 6.10
CA ALA B 117 3.80 7.79 6.03
C ALA B 117 2.89 6.59 6.26
N ASP B 118 3.23 5.43 5.67
CA ASP B 118 2.36 4.27 5.78
C ASP B 118 2.30 3.76 7.22
N VAL B 119 3.42 3.75 7.93
CA VAL B 119 3.44 3.24 9.29
C VAL B 119 2.95 4.30 10.28
N ASP B 120 3.51 5.50 10.22
CA ASP B 120 3.27 6.47 11.27
C ASP B 120 1.96 7.21 11.08
N GLY B 121 1.57 7.43 9.83
CA GLY B 121 0.36 8.15 9.51
C GLY B 121 -0.79 7.19 9.30
N VAL B 122 -0.75 6.48 8.17
CA VAL B 122 -1.86 5.58 7.84
C VAL B 122 -1.97 4.46 8.86
N GLY B 123 -0.86 4.01 9.45
CA GLY B 123 -0.96 2.96 10.44
C GLY B 123 -1.81 3.34 11.64
N THR B 124 -1.78 4.62 12.03
CA THR B 124 -2.61 5.06 13.13
C THR B 124 -4.08 4.94 12.77
N LEU B 125 -4.44 5.36 11.54
CA LEU B 125 -5.79 5.14 11.04
C LEU B 125 -6.17 3.65 11.07
N ARG B 126 -5.25 2.78 10.61
CA ARG B 126 -5.58 1.35 10.60
C ARG B 126 -5.88 0.85 12.01
N LEU B 127 -5.13 1.34 13.00
CA LEU B 127 -5.37 0.87 14.36
C LEU B 127 -6.69 1.42 14.89
N LEU B 128 -6.99 2.70 14.63
CA LEU B 128 -8.26 3.29 15.02
C LEU B 128 -9.42 2.57 14.35
N ASP B 129 -9.28 2.29 13.05
CA ASP B 129 -10.36 1.59 12.35
C ASP B 129 -10.55 0.17 12.88
N ALA B 130 -9.47 -0.47 13.35
CA ALA B 130 -9.60 -1.80 13.94
C ALA B 130 -10.39 -1.75 15.24
N VAL B 131 -10.14 -0.73 16.06
CA VAL B 131 -10.94 -0.54 17.27
C VAL B 131 -12.41 -0.44 16.90
N LYS B 132 -12.72 0.38 15.90
CA LYS B 132 -14.10 0.58 15.47
C LYS B 132 -14.69 -0.71 14.91
N THR B 133 -13.97 -1.34 13.98
CA THR B 133 -14.38 -2.63 13.43
C THR B 133 -14.73 -3.64 14.52
N CYS B 134 -13.95 -3.65 15.59
CA CYS B 134 -14.08 -4.61 16.67
C CYS B 134 -15.16 -4.24 17.66
N GLY B 135 -15.85 -3.12 17.47
CA GLY B 135 -16.92 -2.74 18.38
C GLY B 135 -16.44 -2.20 19.70
N LEU B 136 -15.20 -1.74 19.77
CA LEU B 136 -14.60 -1.34 21.04
C LEU B 136 -14.60 0.15 21.24
N ILE B 137 -15.26 0.91 20.33
CA ILE B 137 -15.14 2.37 20.34
C ILE B 137 -15.56 2.92 21.69
N ASN B 138 -16.47 2.22 22.36
CA ASN B 138 -17.04 2.64 23.62
C ASN B 138 -16.32 2.04 24.84
N SER B 139 -15.41 1.10 24.64
CA SER B 139 -14.80 0.37 25.75
C SER B 139 -13.28 0.45 25.79
N VAL B 140 -12.65 1.22 24.90
CA VAL B 140 -11.20 1.32 24.96
C VAL B 140 -10.80 2.79 25.04
N LYS B 141 -9.68 3.04 25.71
CA LYS B 141 -9.04 4.34 25.69
C LYS B 141 -7.78 4.22 24.85
N PHE B 142 -7.56 5.19 23.96
CA PHE B 142 -6.54 5.10 22.93
C PHE B 142 -5.55 6.25 23.12
N TYR B 143 -4.26 5.91 23.28
CA TYR B 143 -3.18 6.88 23.38
C TYR B 143 -2.41 6.89 22.06
N GLN B 144 -2.27 8.07 21.46
CA GLN B 144 -1.42 8.26 20.27
C GLN B 144 -0.11 8.92 20.64
N ALA B 145 0.99 8.37 20.13
CA ALA B 145 2.33 8.90 20.41
C ALA B 145 2.62 10.05 19.45
N SER B 146 2.11 11.23 19.80
CA SER B 146 2.46 12.44 19.08
C SER B 146 3.79 12.99 19.61
N THR B 147 4.24 14.10 19.03
CA THR B 147 5.66 14.44 19.15
C THR B 147 5.86 15.93 18.95
N SER B 148 6.89 16.46 19.62
CA SER B 148 7.23 17.86 19.45
C SER B 148 7.76 18.16 18.05
N GLU B 149 8.15 17.13 17.28
CA GLU B 149 8.50 17.37 15.88
C GLU B 149 7.34 17.99 15.12
N LEU B 150 6.10 17.85 15.60
CA LEU B 150 4.98 18.51 14.95
C LEU B 150 5.16 20.03 14.94
N TYR B 151 5.83 20.59 15.93
CA TYR B 151 5.98 22.03 15.99
C TYR B 151 7.03 22.52 15.00
N GLY B 152 8.01 21.67 14.65
CA GLY B 152 9.01 21.93 13.63
C GLY B 152 9.61 23.32 13.69
N LYS B 153 9.27 24.17 12.72
CA LYS B 153 9.66 25.58 12.76
C LYS B 153 8.69 26.29 13.69
N VAL B 154 9.07 26.45 14.96
CA VAL B 154 8.10 26.70 16.01
C VAL B 154 7.38 28.03 15.80
N GLN B 155 6.06 27.99 15.95
CA GLN B 155 5.20 29.15 15.71
C GLN B 155 4.91 29.93 16.99
N GLU B 156 5.26 29.36 18.14
CA GLU B 156 5.15 30.01 19.44
C GLU B 156 6.32 29.53 20.27
N ILE B 157 6.71 30.34 21.26
CA ILE B 157 7.77 29.94 22.20
C ILE B 157 7.30 30.40 23.55
N PRO B 158 7.16 29.48 24.51
CA PRO B 158 7.28 28.03 24.35
C PRO B 158 6.11 27.44 23.56
N GLN B 159 6.19 26.13 23.28
CA GLN B 159 5.15 25.46 22.52
C GLN B 159 4.19 24.79 23.48
N LYS B 160 2.89 25.01 23.27
CA LYS B 160 1.87 24.39 24.09
C LYS B 160 0.82 23.71 23.21
N GLU B 161 -0.26 23.23 23.81
CA GLU B 161 -1.24 22.42 23.09
C GLU B 161 -1.86 23.18 21.92
N THR B 162 -1.99 24.49 22.04
CA THR B 162 -2.66 25.30 21.04
C THR B 162 -1.70 25.95 20.08
N THR B 163 -0.39 25.69 20.19
CA THR B 163 0.59 26.20 19.24
C THR B 163 0.37 25.54 17.88
N PRO B 164 0.24 26.30 16.80
CA PRO B 164 0.03 25.69 15.48
C PRO B 164 1.24 24.88 15.04
N PHE B 165 0.97 23.75 14.39
CA PHE B 165 2.04 22.87 13.95
C PHE B 165 2.67 23.36 12.65
N TYR B 166 3.95 23.06 12.50
CA TYR B 166 4.72 23.37 11.29
C TYR B 166 5.76 22.27 11.10
N PRO B 167 5.36 21.12 10.59
CA PRO B 167 6.33 19.99 10.50
C PRO B 167 7.44 20.25 9.48
N ARG B 168 8.58 19.63 9.70
CA ARG B 168 9.81 19.87 8.95
C ARG B 168 10.45 18.59 8.42
N SER B 169 9.70 17.51 8.33
CA SER B 169 10.25 16.27 7.81
C SER B 169 9.10 15.38 7.39
N PRO B 170 9.36 14.33 6.61
CA PRO B 170 8.29 13.38 6.33
C PRO B 170 7.81 12.68 7.60
N TYR B 171 8.66 12.52 8.60
CA TYR B 171 8.20 12.00 9.89
C TYR B 171 7.20 12.96 10.52
N GLY B 172 7.56 14.24 10.59
CA GLY B 172 6.64 15.23 11.14
C GLY B 172 5.29 15.26 10.42
N ALA B 173 5.32 15.23 9.09
CA ALA B 173 4.09 15.25 8.31
C ALA B 173 3.24 14.02 8.59
N ALA B 174 3.86 12.83 8.65
CA ALA B 174 3.11 11.62 8.93
C ALA B 174 2.49 11.66 10.32
N LYS B 175 3.26 12.11 11.31
CA LYS B 175 2.73 12.21 12.66
C LYS B 175 1.64 13.28 12.72
N LEU B 176 1.69 14.28 11.83
CA LEU B 176 0.63 15.28 11.83
C LEU B 176 -0.67 14.68 11.32
N TYR B 177 -0.58 13.84 10.28
CA TYR B 177 -1.76 13.10 9.83
C TYR B 177 -2.34 12.29 10.98
N ALA B 178 -1.46 11.57 11.71
CA ALA B 178 -1.91 10.72 12.80
C ALA B 178 -2.57 11.54 13.88
N TYR B 179 -1.99 12.69 14.23
CA TYR B 179 -2.58 13.54 15.25
C TYR B 179 -4.03 13.89 14.90
N TRP B 180 -4.25 14.33 13.65
CA TRP B 180 -5.57 14.80 13.27
C TRP B 180 -6.57 13.67 13.02
N ILE B 181 -6.10 12.49 12.61
CA ILE B 181 -7.04 11.38 12.45
C ILE B 181 -7.49 10.92 13.83
N VAL B 182 -6.61 11.00 14.85
CA VAL B 182 -7.00 10.70 16.23
C VAL B 182 -8.04 11.70 16.73
N VAL B 183 -7.80 12.99 16.51
CA VAL B 183 -8.82 14.00 16.84
C VAL B 183 -10.13 13.68 16.14
N ASN B 184 -10.06 13.27 14.87
CA ASN B 184 -11.30 13.03 14.13
C ASN B 184 -12.07 11.82 14.68
N PHE B 185 -11.37 10.77 15.13
CA PHE B 185 -12.09 9.66 15.74
C PHE B 185 -12.72 10.05 17.07
N ARG B 186 -12.02 10.88 17.84
CA ARG B 186 -12.55 11.41 19.09
C ARG B 186 -13.82 12.20 18.82
N GLU B 187 -13.80 13.08 17.82
CA GLU B 187 -14.92 13.99 17.60
C GLU B 187 -16.06 13.33 16.83
N ALA B 188 -15.74 12.44 15.87
CA ALA B 188 -16.77 11.82 15.03
C ALA B 188 -17.46 10.66 15.74
N TYR B 189 -16.72 9.86 16.53
CA TYR B 189 -17.25 8.61 17.06
C TYR B 189 -17.22 8.56 18.57
N ASN B 190 -16.80 9.65 19.21
CA ASN B 190 -16.71 9.73 20.67
CA ASN B 190 -16.71 9.73 20.67
C ASN B 190 -15.76 8.69 21.24
N LEU B 191 -14.74 8.32 20.49
CA LEU B 191 -13.67 7.49 21.05
C LEU B 191 -12.87 8.28 22.09
N PHE B 192 -12.57 7.67 23.22
CA PHE B 192 -11.63 8.27 24.16
C PHE B 192 -10.24 8.12 23.57
N ALA B 193 -9.77 9.15 22.87
CA ALA B 193 -8.52 9.08 22.12
C ALA B 193 -7.76 10.36 22.36
N VAL B 194 -6.49 10.26 22.76
CA VAL B 194 -5.73 11.44 23.15
C VAL B 194 -4.40 11.42 22.42
N ASN B 195 -3.90 12.62 22.13
CA ASN B 195 -2.54 12.82 21.63
C ASN B 195 -1.64 13.24 22.77
N GLY B 196 -0.66 12.40 23.10
CA GLY B 196 0.44 12.84 23.93
C GLY B 196 1.44 13.57 23.06
N ILE B 197 1.60 14.87 23.23
CA ILE B 197 2.57 15.63 22.46
C ILE B 197 3.83 15.66 23.31
N LEU B 198 4.64 14.62 23.19
CA LEU B 198 5.82 14.49 24.02
C LEU B 198 7.02 15.12 23.34
N PHE B 199 7.78 15.88 24.11
CA PHE B 199 9.07 16.35 23.65
C PHE B 199 10.12 15.25 23.82
N ASN B 200 11.32 15.50 23.29
CA ASN B 200 12.34 14.44 23.20
C ASN B 200 12.56 13.77 24.56
N HIS B 201 12.62 12.46 24.55
CA HIS B 201 12.93 11.79 25.80
C HIS B 201 13.83 10.60 25.53
N GLU B 202 14.78 10.43 26.44
CA GLU B 202 15.95 9.61 26.23
C GLU B 202 16.10 8.69 27.42
N SER B 203 17.03 7.77 27.31
CA SER B 203 17.31 6.76 28.34
C SER B 203 18.48 5.92 27.86
N PRO B 204 19.02 5.04 28.70
CA PRO B 204 20.02 4.07 28.21
C PRO B 204 19.46 3.07 27.22
N ARG B 205 18.13 3.06 26.98
CA ARG B 205 17.52 2.17 25.99
C ARG B 205 17.24 2.86 24.67
N ARG B 206 17.57 4.14 24.57
CA ARG B 206 17.33 4.94 23.37
C ARG B 206 18.06 4.34 22.17
N GLY B 207 17.42 4.41 21.00
CA GLY B 207 18.07 3.96 19.76
C GLY B 207 19.43 4.61 19.59
N ALA B 208 20.38 3.84 19.07
CA ALA B 208 21.78 4.24 19.09
C ALA B 208 22.08 5.36 18.11
N ASN B 209 21.23 5.62 17.13
CA ASN B 209 21.48 6.68 16.16
C ASN B 209 20.64 7.93 16.42
N PHE B 210 19.99 8.04 17.57
CA PHE B 210 19.50 9.34 18.03
C PHE B 210 20.65 10.05 18.73
N VAL B 211 20.59 11.38 18.77
CA VAL B 211 21.84 12.11 19.00
C VAL B 211 22.38 11.88 20.40
N THR B 212 21.49 11.80 21.41
CA THR B 212 21.95 11.69 22.79
C THR B 212 22.65 10.34 23.01
N ARG B 213 22.05 9.27 22.52
CA ARG B 213 22.63 7.95 22.67
C ARG B 213 23.88 7.77 21.80
N LYS B 214 23.92 8.37 20.62
CA LYS B 214 25.14 8.36 19.84
C LYS B 214 26.28 9.01 20.61
N ILE B 215 26.00 10.13 21.26
CA ILE B 215 27.04 10.81 22.04
C ILE B 215 27.48 9.94 23.22
N SER B 216 26.51 9.42 23.99
CA SER B 216 26.92 8.66 25.18
C SER B 216 27.63 7.37 24.80
N ARG B 217 27.15 6.66 23.76
CA ARG B 217 27.88 5.49 23.27
C ARG B 217 29.30 5.85 22.86
N SER B 218 29.46 6.96 22.13
CA SER B 218 30.77 7.28 21.58
C SER B 218 31.71 7.75 22.69
N VAL B 219 31.21 8.55 23.64
CA VAL B 219 32.03 8.98 24.76
C VAL B 219 32.49 7.78 25.58
N ALA B 220 31.60 6.81 25.79
CA ALA B 220 32.00 5.58 26.49
C ALA B 220 33.09 4.83 25.73
N LYS B 221 32.95 4.68 24.43
CA LYS B 221 33.98 3.97 23.66
C LYS B 221 35.31 4.74 23.70
N ILE B 222 35.26 6.07 23.67
CA ILE B 222 36.49 6.85 23.78
C ILE B 222 37.14 6.64 25.16
N TYR B 223 36.32 6.65 26.21
CA TYR B 223 36.84 6.43 27.55
C TYR B 223 37.61 5.14 27.65
N LEU B 224 37.07 4.07 27.06
CA LEU B 224 37.67 2.74 27.14
C LEU B 224 38.75 2.52 26.08
N GLY B 225 39.07 3.54 25.30
CA GLY B 225 40.10 3.42 24.29
C GLY B 225 39.71 2.59 23.09
N GLN B 226 38.41 2.44 22.84
CA GLN B 226 37.92 1.63 21.75
C GLN B 226 37.50 2.45 20.55
N LEU B 227 37.54 3.79 20.67
CA LEU B 227 37.21 4.71 19.61
C LEU B 227 38.02 5.98 19.81
N GLU B 228 38.42 6.59 18.71
CA GLU B 228 39.17 7.84 18.79
C GLU B 228 38.30 9.08 18.60
N CYS B 229 37.36 9.04 17.68
CA CYS B 229 36.63 10.24 17.27
CA CYS B 229 36.56 10.22 17.40
C CYS B 229 35.27 9.80 16.72
N PHE B 230 34.29 10.70 16.76
CA PHE B 230 33.02 10.44 16.11
C PHE B 230 32.49 11.73 15.52
N SER B 231 31.58 11.59 14.57
CA SER B 231 31.07 12.76 13.88
C SER B 231 29.61 12.99 14.21
N LEU B 232 29.26 14.28 14.26
CA LEU B 232 27.91 14.73 14.50
C LEU B 232 27.50 15.63 13.36
N GLY B 233 26.23 16.02 13.37
CA GLY B 233 25.74 17.00 12.41
C GLY B 233 25.66 18.37 13.04
N ASN B 234 24.44 18.84 13.28
CA ASN B 234 24.22 20.22 13.73
C ASN B 234 24.43 20.33 15.24
N LEU B 235 25.59 20.86 15.64
CA LEU B 235 25.90 21.02 17.06
C LEU B 235 25.02 22.06 17.75
N ASP B 236 24.42 22.98 17.00
CA ASP B 236 23.73 24.10 17.62
C ASP B 236 22.24 23.84 17.82
N ALA B 237 21.74 22.70 17.38
CA ALA B 237 20.33 22.38 17.62
C ALA B 237 20.02 22.37 19.11
N LYS B 238 18.85 22.89 19.46
CA LYS B 238 18.45 23.03 20.85
C LYS B 238 17.21 22.21 21.13
N ARG B 239 17.24 21.46 22.24
CA ARG B 239 16.17 20.53 22.56
C ARG B 239 15.80 20.62 24.03
N ASP B 240 14.58 20.16 24.27
CA ASP B 240 13.98 19.92 25.57
C ASP B 240 14.05 18.40 25.79
N TRP B 241 15.01 17.93 26.61
CA TRP B 241 15.28 16.50 26.79
C TRP B 241 14.84 16.04 28.18
N GLY B 242 13.95 15.05 28.23
CA GLY B 242 13.55 14.41 29.47
C GLY B 242 13.93 12.94 29.42
N HIS B 243 13.58 12.22 30.50
CA HIS B 243 13.84 10.80 30.61
C HIS B 243 12.61 9.99 30.23
N ALA B 244 12.79 9.02 29.32
CA ALA B 244 11.66 8.21 28.85
C ALA B 244 10.87 7.57 30.00
N LYS B 245 11.56 7.16 31.07
CA LYS B 245 10.87 6.50 32.18
C LYS B 245 9.83 7.42 32.82
N ASP B 246 10.15 8.69 32.98
CA ASP B 246 9.16 9.64 33.51
C ASP B 246 8.00 9.83 32.53
N TYR B 247 8.30 9.85 31.23
CA TYR B 247 7.28 10.24 30.27
C TYR B 247 6.25 9.14 30.03
N VAL B 248 6.62 7.85 30.16
CA VAL B 248 5.59 6.84 29.96
C VAL B 248 4.53 6.90 31.06
N GLU B 249 4.89 7.36 32.26
CA GLU B 249 3.88 7.57 33.30
C GLU B 249 2.84 8.60 32.84
N ALA B 250 3.28 9.64 32.17
CA ALA B 250 2.37 10.66 31.64
C ALA B 250 1.38 10.06 30.67
N MET B 251 1.85 9.14 29.81
CA MET B 251 0.93 8.49 28.88
C MET B 251 -0.20 7.81 29.64
N TRP B 252 0.15 7.05 30.67
CA TRP B 252 -0.86 6.36 31.46
C TRP B 252 -1.76 7.38 32.17
N LEU B 253 -1.20 8.47 32.68
CA LEU B 253 -2.02 9.49 33.36
C LEU B 253 -3.04 10.09 32.42
N MET B 254 -2.68 10.26 31.13
CA MET B 254 -3.64 10.82 30.18
C MET B 254 -4.84 9.92 29.97
N LEU B 255 -4.66 8.61 30.04
CA LEU B 255 -5.80 7.73 29.89
C LEU B 255 -6.54 7.52 31.20
N GLN B 256 -6.00 7.99 32.31
CA GLN B 256 -6.75 8.01 33.57
C GLN B 256 -7.63 9.23 33.69
N ASN B 257 -7.41 10.24 32.86
CA ASN B 257 -8.18 11.48 32.91
C ASN B 257 -9.64 11.19 32.60
N ASP B 258 -10.53 12.00 33.18
CA ASP B 258 -11.96 11.73 32.99
C ASP B 258 -12.43 12.13 31.60
N GLU B 259 -11.79 13.12 30.99
CA GLU B 259 -12.09 13.55 29.64
C GLU B 259 -10.89 13.36 28.73
N PRO B 260 -11.09 12.99 27.46
CA PRO B 260 -9.93 12.85 26.56
C PRO B 260 -9.40 14.20 26.10
N GLU B 261 -8.19 14.54 26.57
CA GLU B 261 -7.57 15.79 26.17
C GLU B 261 -6.15 15.49 25.71
N ASP B 262 -5.65 16.35 24.82
CA ASP B 262 -4.26 16.27 24.37
C ASP B 262 -3.38 17.07 25.32
N PHE B 263 -2.16 16.59 25.52
CA PHE B 263 -1.24 17.17 26.48
C PHE B 263 0.18 17.26 25.95
N VAL B 264 0.82 18.40 26.19
CA VAL B 264 2.27 18.54 26.03
C VAL B 264 2.96 17.99 27.28
N ILE B 265 3.96 17.14 27.07
CA ILE B 265 4.79 16.59 28.14
C ILE B 265 6.23 16.96 27.80
N ALA B 266 6.90 17.69 28.70
CA ALA B 266 8.21 18.24 28.41
C ALA B 266 8.81 18.69 29.73
N THR B 267 10.07 19.13 29.69
CA THR B 267 10.74 19.71 30.86
C THR B 267 10.70 21.22 30.87
N GLY B 268 10.58 21.86 29.70
CA GLY B 268 10.65 23.29 29.60
C GLY B 268 12.06 23.84 29.69
N GLU B 269 13.07 22.99 29.84
CA GLU B 269 14.46 23.40 29.88
C GLU B 269 15.14 23.03 28.57
N VAL B 270 15.89 23.98 28.02
CA VAL B 270 16.48 23.86 26.68
C VAL B 270 18.00 23.74 26.82
N HIS B 271 18.56 22.79 26.10
CA HIS B 271 20.01 22.65 26.00
C HIS B 271 20.36 22.32 24.57
N SER B 272 21.60 22.59 24.20
CA SER B 272 22.08 22.30 22.86
C SER B 272 22.77 20.95 22.78
N VAL B 273 22.88 20.45 21.54
CA VAL B 273 23.65 19.23 21.28
C VAL B 273 25.09 19.44 21.75
N ARG B 274 25.64 20.61 21.47
CA ARG B 274 26.97 20.97 21.95
C ARG B 274 27.10 20.78 23.46
N GLU B 275 26.14 21.29 24.24
CA GLU B 275 26.15 21.08 25.69
C GLU B 275 26.07 19.60 26.07
N PHE B 276 25.23 18.83 25.36
CA PHE B 276 25.19 17.39 25.64
C PHE B 276 26.56 16.77 25.47
N VAL B 277 27.25 17.12 24.37
CA VAL B 277 28.61 16.64 24.14
C VAL B 277 29.52 17.04 25.29
N GLU B 278 29.50 18.33 25.65
CA GLU B 278 30.41 18.82 26.70
C GLU B 278 30.16 18.11 28.02
N LYS B 279 28.89 18.03 28.44
CA LYS B 279 28.59 17.37 29.70
C LYS B 279 28.95 15.88 29.66
N SER B 280 28.76 15.21 28.51
CA SER B 280 29.07 13.79 28.43
C SER B 280 30.57 13.54 28.61
N PHE B 281 31.39 14.34 27.94
CA PHE B 281 32.83 14.19 28.09
C PHE B 281 33.26 14.51 29.52
N LEU B 282 32.63 15.50 30.17
CA LEU B 282 33.02 15.80 31.54
C LEU B 282 32.86 14.57 32.43
N HIS B 283 31.85 13.75 32.17
CA HIS B 283 31.66 12.57 33.01
C HIS B 283 32.75 11.52 32.84
N ILE B 284 33.51 11.55 31.77
CA ILE B 284 34.67 10.67 31.64
C ILE B 284 35.96 11.45 31.87
N GLY B 285 35.87 12.63 32.48
CA GLY B 285 37.05 13.38 32.84
C GLY B 285 37.72 14.15 31.74
N LYS B 286 36.99 14.56 30.70
CA LYS B 286 37.59 15.26 29.58
C LYS B 286 36.84 16.57 29.35
N THR B 287 37.61 17.64 29.12
CA THR B 287 37.04 18.94 28.82
C THR B 287 37.16 19.14 27.32
N ILE B 288 36.01 19.18 26.64
CA ILE B 288 36.01 19.45 25.22
C ILE B 288 36.06 20.95 24.99
N VAL B 289 36.94 21.36 24.10
CA VAL B 289 37.01 22.73 23.62
C VAL B 289 36.80 22.69 22.11
N TRP B 290 36.13 23.71 21.59
CA TRP B 290 35.71 23.75 20.19
C TRP B 290 36.59 24.68 19.39
N GLU B 291 36.91 24.28 18.16
CA GLU B 291 37.62 25.17 17.24
C GLU B 291 37.09 24.97 15.83
N GLY B 292 37.14 26.04 15.04
CA GLY B 292 36.63 25.96 13.68
C GLY B 292 35.16 26.30 13.59
N LYS B 293 34.66 26.32 12.35
CA LYS B 293 33.28 26.71 12.09
C LYS B 293 32.63 25.72 11.13
N ASN B 294 31.31 25.64 11.21
CA ASN B 294 30.49 24.91 10.24
C ASN B 294 30.99 23.47 10.18
N GLU B 295 31.19 22.90 8.99
CA GLU B 295 31.54 21.50 8.88
C GLU B 295 33.00 21.24 9.21
N ASN B 296 33.78 22.29 9.46
CA ASN B 296 35.15 22.13 9.90
C ASN B 296 35.31 22.30 11.38
N GLU B 297 34.21 22.41 12.12
CA GLU B 297 34.32 22.53 13.56
C GLU B 297 34.74 21.20 14.17
N VAL B 298 35.63 21.25 15.16
CA VAL B 298 36.06 20.04 15.84
C VAL B 298 36.02 20.26 17.33
N GLY B 299 35.83 19.16 18.06
CA GLY B 299 35.90 19.20 19.51
C GLY B 299 37.16 18.49 19.91
N ARG B 300 38.00 19.19 20.67
CA ARG B 300 39.31 18.68 21.08
C ARG B 300 39.36 18.53 22.59
N CYS B 301 40.01 17.47 23.06
CA CYS B 301 40.24 17.32 24.48
C CYS B 301 41.24 18.39 24.95
N LYS B 302 40.83 19.19 25.95
CA LYS B 302 41.71 20.23 26.48
C LYS B 302 42.98 19.64 27.08
N GLU B 303 42.85 18.46 27.70
CA GLU B 303 43.95 17.86 28.44
C GLU B 303 44.98 17.21 27.51
N THR B 304 44.52 16.41 26.55
CA THR B 304 45.39 15.62 25.70
C THR B 304 45.58 16.22 24.31
N GLY B 305 44.82 17.25 23.95
CA GLY B 305 44.90 17.82 22.61
C GLY B 305 44.32 16.98 21.50
N LYS B 306 43.75 15.81 21.80
CA LYS B 306 43.25 14.94 20.73
C LYS B 306 41.86 15.40 20.27
N VAL B 307 41.64 15.32 18.97
CA VAL B 307 40.32 15.59 18.40
C VAL B 307 39.43 14.37 18.63
N HIS B 308 38.26 14.62 19.25
CA HIS B 308 37.31 13.56 19.54
C HIS B 308 35.98 13.71 18.85
N VAL B 309 35.64 14.90 18.36
CA VAL B 309 34.35 15.19 17.73
C VAL B 309 34.61 15.96 16.43
N THR B 310 34.04 15.48 15.33
CA THR B 310 34.03 16.23 14.07
C THR B 310 32.60 16.43 13.62
N VAL B 311 32.43 17.22 12.56
CA VAL B 311 31.11 17.48 11.99
C VAL B 311 31.07 16.88 10.59
N ASP B 312 29.97 16.21 10.26
CA ASP B 312 29.82 15.64 8.92
C ASP B 312 28.46 16.09 8.40
N LEU B 313 28.45 16.74 7.24
CA LEU B 313 27.19 17.22 6.69
C LEU B 313 26.21 16.10 6.40
N LYS B 314 26.66 14.85 6.28
CA LYS B 314 25.71 13.77 6.03
C LYS B 314 24.72 13.58 7.17
N TYR B 315 25.02 14.07 8.37
CA TYR B 315 24.07 13.96 9.48
C TYR B 315 23.16 15.17 9.61
N TYR B 316 23.35 16.20 8.79
CA TYR B 316 22.41 17.31 8.76
C TYR B 316 21.08 16.88 8.14
N ARG B 317 20.01 17.46 8.63
CA ARG B 317 18.73 17.25 7.94
C ARG B 317 18.52 18.36 6.92
N PRO B 318 17.84 18.06 5.81
CA PRO B 318 17.59 19.11 4.80
C PRO B 318 16.78 20.28 5.35
N THR B 319 15.88 20.04 6.30
CA THR B 319 15.07 21.09 6.93
C THR B 319 15.19 20.85 8.43
N GLU B 320 16.08 21.58 9.09
CA GLU B 320 16.30 21.30 10.50
C GLU B 320 15.19 21.87 11.37
N VAL B 321 15.08 21.27 12.55
CA VAL B 321 14.26 21.79 13.64
C VAL B 321 15.24 22.42 14.62
N ASP B 322 15.29 23.75 14.64
CA ASP B 322 16.40 24.42 15.34
C ASP B 322 16.21 24.44 16.85
N PHE B 323 14.98 24.42 17.33
CA PHE B 323 14.70 24.82 18.71
C PHE B 323 13.35 24.25 19.12
N LEU B 324 13.31 23.58 20.27
CA LEU B 324 12.07 23.12 20.87
C LEU B 324 12.11 23.41 22.36
N GLN B 325 11.00 23.91 22.88
CA GLN B 325 10.87 24.15 24.30
C GLN B 325 9.40 24.01 24.63
N GLY B 326 9.07 23.01 25.42
CA GLY B 326 7.70 22.71 25.70
C GLY B 326 7.21 23.34 26.99
N ASP B 327 5.95 23.69 26.98
CA ASP B 327 5.21 24.23 28.13
C ASP B 327 4.20 23.17 28.56
N CYS B 328 4.47 22.49 29.66
CA CYS B 328 3.55 21.45 30.11
C CYS B 328 2.69 21.91 31.30
N THR B 329 2.34 23.21 31.33
CA THR B 329 1.44 23.73 32.37
C THR B 329 0.15 22.92 32.47
N LYS B 330 -0.46 22.61 31.33
CA LYS B 330 -1.75 21.93 31.37
C LYS B 330 -1.62 20.54 31.99
N ALA B 331 -0.55 19.81 31.65
CA ALA B 331 -0.37 18.50 32.26
C ALA B 331 -0.08 18.60 33.74
N LYS B 332 0.68 19.61 34.15
CA LYS B 332 0.97 19.78 35.57
C LYS B 332 -0.32 20.07 36.35
N GLN B 333 -1.18 20.92 35.80
CA GLN B 333 -2.44 21.24 36.46
C GLN B 333 -3.41 20.05 36.47
N LYS B 334 -3.61 19.40 35.32
CA LYS B 334 -4.70 18.43 35.20
C LYS B 334 -4.27 17.01 35.54
N LEU B 335 -3.00 16.67 35.32
CA LEU B 335 -2.52 15.32 35.58
C LEU B 335 -1.66 15.21 36.82
N ASN B 336 -1.21 16.35 37.35
CA ASN B 336 -0.27 16.38 38.48
C ASN B 336 1.02 15.67 38.09
N TRP B 337 1.41 15.82 36.83
CA TRP B 337 2.63 15.20 36.33
C TRP B 337 3.80 16.16 36.48
N LYS B 338 4.95 15.63 36.85
CA LYS B 338 6.17 16.43 36.81
C LYS B 338 7.34 15.51 36.48
N PRO B 339 8.33 16.01 35.74
CA PRO B 339 9.51 15.19 35.45
C PRO B 339 10.40 15.05 36.68
N ARG B 340 10.93 13.85 36.88
CA ARG B 340 11.83 13.56 37.98
C ARG B 340 13.30 13.76 37.62
N VAL B 341 13.67 13.47 36.38
CA VAL B 341 15.06 13.47 35.94
C VAL B 341 15.32 14.73 35.13
N ALA B 342 16.32 15.50 35.54
CA ALA B 342 16.71 16.68 34.78
C ALA B 342 17.93 16.37 33.93
N PHE B 343 18.26 17.34 33.08
CA PHE B 343 19.24 17.14 32.03
C PHE B 343 20.58 16.63 32.56
N ASP B 344 21.10 17.21 33.64
CA ASP B 344 22.42 16.82 34.09
C ASP B 344 22.45 15.36 34.52
N GLU B 345 21.43 14.92 35.25
CA GLU B 345 21.36 13.53 35.64
C GLU B 345 21.12 12.62 34.45
N LEU B 346 20.34 13.09 33.46
CA LEU B 346 20.11 12.29 32.27
C LEU B 346 21.43 11.96 31.59
N VAL B 347 22.28 12.97 31.41
CA VAL B 347 23.55 12.77 30.74
C VAL B 347 24.41 11.77 31.52
N ARG B 348 24.51 11.99 32.83
CA ARG B 348 25.29 11.12 33.70
C ARG B 348 24.80 9.68 33.61
N GLU B 349 23.49 9.46 33.68
CA GLU B 349 22.97 8.10 33.61
C GLU B 349 23.30 7.45 32.28
N MET B 350 23.19 8.20 31.19
CA MET B 350 23.42 7.60 29.88
C MET B 350 24.90 7.28 29.66
N VAL B 351 25.81 8.17 30.06
CA VAL B 351 27.22 7.86 29.86
C VAL B 351 27.62 6.69 30.76
N HIS B 352 27.19 6.69 32.02
CA HIS B 352 27.54 5.60 32.90
C HIS B 352 27.03 4.27 32.37
N ALA B 353 25.79 4.25 31.87
CA ALA B 353 25.26 3.00 31.38
C ALA B 353 26.04 2.51 30.16
N ASP B 354 26.42 3.43 29.28
CA ASP B 354 27.14 3.01 28.08
C ASP B 354 28.57 2.60 28.40
N VAL B 355 29.22 3.22 29.41
CA VAL B 355 30.53 2.68 29.83
C VAL B 355 30.38 1.24 30.30
N GLU B 356 29.38 0.98 31.14
CA GLU B 356 29.20 -0.38 31.63
C GLU B 356 28.93 -1.35 30.49
N LEU B 357 28.13 -0.94 29.50
CA LEU B 357 27.87 -1.79 28.34
C LEU B 357 29.14 -2.09 27.57
N MET B 358 29.91 -1.04 27.24
CA MET B 358 31.08 -1.22 26.39
C MET B 358 32.19 -2.05 27.07
N ARG B 359 32.29 -2.00 28.40
CA ARG B 359 33.22 -2.88 29.12
C ARG B 359 32.98 -4.34 28.81
N THR B 360 31.71 -4.72 28.65
CA THR B 360 31.33 -6.11 28.42
C THR B 360 31.52 -6.53 26.97
N ASN B 361 31.49 -5.58 26.03
CA ASN B 361 31.43 -5.91 24.62
C ASN B 361 31.93 -4.74 23.80
N PRO B 362 33.15 -4.81 23.25
CA PRO B 362 33.68 -3.68 22.50
C PRO B 362 32.96 -3.46 21.18
N ASN B 363 32.16 -4.42 20.72
CA ASN B 363 31.42 -4.28 19.47
C ASN B 363 29.99 -3.83 19.69
N ALA B 364 29.63 -3.48 20.91
CA ALA B 364 28.23 -3.17 21.23
C ALA B 364 27.81 -1.84 20.60
N GLY C 14 -33.59 -19.89 2.36
CA GLY C 14 -34.49 -18.97 1.70
C GLY C 14 -33.89 -17.58 1.47
N ARG C 15 -32.71 -17.34 2.03
CA ARG C 15 -32.06 -16.04 1.94
C ARG C 15 -31.01 -16.08 0.84
N ASN C 16 -31.15 -15.18 -0.14
CA ASN C 16 -30.26 -15.11 -1.29
C ASN C 16 -29.79 -13.66 -1.43
N VAL C 17 -28.60 -13.39 -0.92
CA VAL C 17 -28.04 -12.05 -0.92
C VAL C 17 -26.66 -12.14 -1.55
N ALA C 18 -26.50 -11.51 -2.71
CA ALA C 18 -25.25 -11.54 -3.44
C ALA C 18 -24.52 -10.23 -3.26
N LEU C 19 -23.19 -10.32 -3.13
CA LEU C 19 -22.34 -9.13 -3.10
C LEU C 19 -21.39 -9.25 -4.28
N ILE C 20 -21.42 -8.28 -5.18
CA ILE C 20 -20.64 -8.33 -6.42
C ILE C 20 -19.64 -7.19 -6.35
N THR C 21 -18.35 -7.52 -6.30
CA THR C 21 -17.36 -6.50 -6.60
C THR C 21 -17.23 -6.43 -8.12
N GLY C 22 -16.91 -5.24 -8.62
CA GLY C 22 -16.89 -5.08 -10.06
C GLY C 22 -18.27 -5.08 -10.67
N ILE C 23 -19.29 -4.63 -9.92
CA ILE C 23 -20.65 -4.66 -10.46
C ILE C 23 -20.82 -3.72 -11.65
N THR C 24 -20.01 -2.65 -11.76
CA THR C 24 -20.20 -1.69 -12.85
C THR C 24 -19.60 -2.18 -14.17
N GLY C 25 -18.80 -3.23 -14.13
CA GLY C 25 -18.13 -3.72 -15.33
C GLY C 25 -19.03 -4.56 -16.20
N GLN C 26 -18.43 -5.09 -17.27
CA GLN C 26 -19.19 -5.94 -18.20
C GLN C 26 -19.88 -7.09 -17.48
N ASP C 27 -19.09 -7.96 -16.84
CA ASP C 27 -19.65 -9.17 -16.26
C ASP C 27 -20.58 -8.83 -15.09
N GLY C 28 -20.17 -7.89 -14.23
CA GLY C 28 -20.99 -7.55 -13.09
C GLY C 28 -22.38 -7.09 -13.52
N SER C 29 -22.46 -6.35 -14.63
CA SER C 29 -23.77 -5.87 -15.08
C SER C 29 -24.67 -7.01 -15.54
N TYR C 30 -24.13 -8.00 -16.26
CA TYR C 30 -24.96 -9.14 -16.63
C TYR C 30 -25.24 -10.04 -15.44
N LEU C 31 -24.27 -10.20 -14.55
CA LEU C 31 -24.51 -11.03 -13.37
C LEU C 31 -25.57 -10.41 -12.49
N ALA C 32 -25.54 -9.09 -12.30
CA ALA C 32 -26.58 -8.43 -11.52
C ALA C 32 -27.96 -8.74 -12.09
N GLU C 33 -28.11 -8.63 -13.41
CA GLU C 33 -29.41 -8.90 -14.04
C GLU C 33 -29.84 -10.34 -13.84
N PHE C 34 -28.89 -11.26 -14.00
CA PHE C 34 -29.15 -12.69 -13.84
C PHE C 34 -29.61 -13.01 -12.42
N LEU C 35 -28.92 -12.46 -11.42
CA LEU C 35 -29.31 -12.75 -10.05
C LEU C 35 -30.61 -12.06 -9.67
N LEU C 36 -30.84 -10.83 -10.15
CA LEU C 36 -32.12 -10.17 -9.87
C LEU C 36 -33.28 -10.97 -10.42
N GLU C 37 -33.10 -11.56 -11.60
CA GLU C 37 -34.16 -12.37 -12.21
C GLU C 37 -34.49 -13.58 -11.36
N LYS C 38 -33.52 -14.08 -10.59
CA LYS C 38 -33.73 -15.19 -9.68
C LYS C 38 -34.21 -14.77 -8.29
N GLY C 39 -34.48 -13.48 -8.09
CA GLY C 39 -35.00 -13.02 -6.83
C GLY C 39 -33.96 -12.73 -5.77
N TYR C 40 -32.69 -12.61 -6.14
CA TYR C 40 -31.68 -12.24 -5.18
C TYR C 40 -31.80 -10.77 -4.80
N GLU C 41 -31.46 -10.45 -3.57
CA GLU C 41 -31.07 -9.08 -3.25
C GLU C 41 -29.62 -8.94 -3.68
N VAL C 42 -29.32 -7.96 -4.53
CA VAL C 42 -27.99 -7.84 -5.13
C VAL C 42 -27.35 -6.56 -4.62
N HIS C 43 -26.18 -6.70 -4.00
CA HIS C 43 -25.40 -5.57 -3.55
C HIS C 43 -24.14 -5.50 -4.40
N GLY C 44 -23.70 -4.28 -4.69
CA GLY C 44 -22.48 -4.09 -5.45
C GLY C 44 -21.59 -3.08 -4.79
N ILE C 45 -20.28 -3.24 -5.00
CA ILE C 45 -19.29 -2.27 -4.58
C ILE C 45 -18.89 -1.45 -5.79
N VAL C 46 -18.96 -0.11 -5.64
CA VAL C 46 -18.74 0.83 -6.71
C VAL C 46 -17.60 1.73 -6.30
N ARG C 47 -16.70 2.02 -7.22
CA ARG C 47 -15.62 2.96 -6.91
C ARG C 47 -16.15 4.38 -6.92
N ARG C 48 -15.61 5.20 -6.04
CA ARG C 48 -15.89 6.62 -6.19
C ARG C 48 -15.22 7.10 -7.47
N SER C 49 -15.96 7.87 -8.25
CA SER C 49 -15.46 8.39 -9.51
C SER C 49 -15.95 9.83 -9.63
N SER C 50 -15.16 10.68 -10.30
CA SER C 50 -15.58 12.06 -10.42
C SER C 50 -16.85 12.21 -11.26
N SER C 51 -17.18 11.23 -12.09
CA SER C 51 -18.47 11.13 -12.75
C SER C 51 -19.00 9.74 -12.46
N PHE C 52 -20.31 9.57 -12.46
CA PHE C 52 -20.80 8.25 -12.08
C PHE C 52 -20.35 7.20 -13.11
N ASN C 53 -19.97 6.03 -12.61
CA ASN C 53 -19.45 4.93 -13.42
C ASN C 53 -20.46 3.79 -13.53
N THR C 54 -21.74 4.09 -13.26
CA THR C 54 -22.80 3.10 -13.16
C THR C 54 -23.59 2.94 -14.45
N GLY C 55 -23.07 3.40 -15.59
CA GLY C 55 -23.87 3.40 -16.80
C GLY C 55 -24.40 2.03 -17.22
N ARG C 56 -23.65 0.95 -16.95
CA ARG C 56 -24.13 -0.35 -17.39
C ARG C 56 -25.28 -0.86 -16.53
N ILE C 57 -25.46 -0.31 -15.34
CA ILE C 57 -26.42 -0.88 -14.38
C ILE C 57 -27.47 0.13 -13.95
N GLU C 58 -27.45 1.35 -14.49
CA GLU C 58 -28.38 2.36 -14.00
C GLU C 58 -29.82 2.00 -14.35
N HIS C 59 -30.02 1.12 -15.34
CA HIS C 59 -31.38 0.66 -15.62
C HIS C 59 -31.91 -0.27 -14.53
N LEU C 60 -31.07 -0.70 -13.60
CA LEU C 60 -31.49 -1.58 -12.50
C LEU C 60 -31.84 -0.81 -11.24
N TYR C 61 -31.80 0.52 -11.27
CA TYR C 61 -32.41 1.28 -10.19
C TYR C 61 -33.91 1.08 -10.23
N LYS C 62 -34.53 1.16 -9.05
CA LYS C 62 -35.99 1.09 -8.98
C LYS C 62 -36.60 2.27 -9.71
N ASN C 63 -35.99 3.45 -9.55
CA ASN C 63 -36.38 4.66 -10.26
C ASN C 63 -35.12 5.17 -10.95
N PRO C 64 -34.93 4.87 -12.24
CA PRO C 64 -33.69 5.29 -12.92
C PRO C 64 -33.60 6.79 -13.16
N GLN C 65 -34.69 7.54 -13.01
CA GLN C 65 -34.57 8.99 -13.17
C GLN C 65 -34.10 9.66 -11.89
N ALA C 66 -34.45 9.11 -10.74
CA ALA C 66 -34.03 9.61 -9.45
C ALA C 66 -32.86 8.84 -8.86
N HIS C 67 -32.44 7.77 -9.52
CA HIS C 67 -31.34 6.91 -9.05
C HIS C 67 -31.62 6.42 -7.64
N ILE C 68 -32.85 5.93 -7.47
CA ILE C 68 -33.31 5.36 -6.21
C ILE C 68 -33.26 3.84 -6.34
N GLU C 69 -32.68 3.20 -5.35
CA GLU C 69 -32.43 1.76 -5.40
C GLU C 69 -33.66 0.96 -4.99
N GLY C 70 -33.79 -0.21 -5.61
CA GLY C 70 -34.73 -1.23 -5.20
C GLY C 70 -33.97 -2.45 -4.70
N ASN C 71 -34.00 -3.53 -5.48
CA ASN C 71 -33.38 -4.76 -5.05
C ASN C 71 -31.90 -4.86 -5.42
N MET C 72 -31.38 -3.90 -6.18
CA MET C 72 -29.93 -3.75 -6.37
C MET C 72 -29.46 -2.53 -5.59
N LYS C 73 -28.56 -2.74 -4.65
CA LYS C 73 -28.10 -1.71 -3.74
C LYS C 73 -26.59 -1.55 -3.90
N LEU C 74 -26.13 -0.32 -3.92
CA LEU C 74 -24.75 -0.02 -4.25
C LEU C 74 -24.06 0.65 -3.07
N HIS C 75 -22.77 0.35 -2.93
CA HIS C 75 -21.97 0.78 -1.79
C HIS C 75 -20.64 1.28 -2.34
N TYR C 76 -20.22 2.48 -1.92
CA TYR C 76 -18.88 2.91 -2.28
C TYR C 76 -17.81 2.06 -1.60
N GLY C 77 -16.78 1.71 -2.36
CA GLY C 77 -15.68 0.95 -1.78
C GLY C 77 -14.56 0.79 -2.78
N ASP C 78 -13.53 0.10 -2.34
CA ASP C 78 -12.37 -0.15 -3.19
C ASP C 78 -11.63 -1.38 -2.68
N LEU C 79 -11.20 -2.25 -3.60
CA LEU C 79 -10.49 -3.46 -3.25
C LEU C 79 -9.12 -3.19 -2.62
N THR C 80 -8.66 -1.96 -2.57
CA THR C 80 -7.41 -1.65 -1.87
C THR C 80 -7.65 -1.12 -0.46
N ASP C 81 -8.89 -1.10 0.03
CA ASP C 81 -9.24 -0.48 1.33
C ASP C 81 -9.92 -1.57 2.17
N SER C 82 -9.13 -2.20 3.07
CA SER C 82 -9.61 -3.34 3.84
C SER C 82 -10.79 -2.98 4.73
N THR C 83 -10.70 -1.83 5.42
CA THR C 83 -11.77 -1.44 6.34
C THR C 83 -13.10 -1.29 5.63
N CYS C 84 -13.11 -0.71 4.41
CA CYS C 84 -14.37 -0.55 3.70
C CYS C 84 -14.96 -1.89 3.31
N LEU C 85 -14.10 -2.87 2.97
CA LEU C 85 -14.62 -4.19 2.61
C LEU C 85 -15.26 -4.89 3.81
N VAL C 86 -14.62 -4.82 4.97
CA VAL C 86 -15.20 -5.35 6.20
C VAL C 86 -16.52 -4.66 6.52
N LYS C 87 -16.54 -3.32 6.41
CA LYS C 87 -17.77 -2.58 6.69
C LYS C 87 -18.90 -3.02 5.77
N ILE C 88 -18.63 -3.17 4.48
CA ILE C 88 -19.70 -3.54 3.56
C ILE C 88 -20.17 -4.97 3.81
N ILE C 89 -19.24 -5.90 4.02
CA ILE C 89 -19.64 -7.30 4.19
C ILE C 89 -20.43 -7.46 5.49
N ASN C 90 -20.04 -6.71 6.53
CA ASN C 90 -20.79 -6.76 7.79
C ASN C 90 -22.20 -6.24 7.61
N GLU C 91 -22.35 -5.14 6.86
CA GLU C 91 -23.67 -4.59 6.64
C GLU C 91 -24.52 -5.51 5.76
N VAL C 92 -23.93 -6.10 4.72
CA VAL C 92 -24.72 -6.84 3.74
C VAL C 92 -24.99 -8.27 4.18
N LYS C 93 -24.05 -8.90 4.89
CA LYS C 93 -24.13 -10.30 5.27
C LYS C 93 -24.49 -11.18 4.07
N PRO C 94 -23.68 -11.15 3.01
CA PRO C 94 -24.04 -11.90 1.81
C PRO C 94 -23.99 -13.39 2.04
N THR C 95 -24.79 -14.10 1.24
CA THR C 95 -24.69 -15.55 1.09
C THR C 95 -23.76 -15.95 -0.04
N GLU C 96 -23.58 -15.08 -1.03
CA GLU C 96 -22.70 -15.34 -2.16
C GLU C 96 -21.91 -14.08 -2.46
N ILE C 97 -20.61 -14.23 -2.73
CA ILE C 97 -19.73 -13.12 -3.06
C ILE C 97 -19.10 -13.44 -4.40
N TYR C 98 -19.19 -12.50 -5.35
CA TYR C 98 -18.57 -12.65 -6.67
C TYR C 98 -17.52 -11.57 -6.79
N ASN C 99 -16.25 -11.98 -6.78
CA ASN C 99 -15.16 -11.00 -6.85
C ASN C 99 -14.81 -10.80 -8.32
N LEU C 100 -15.52 -9.87 -8.95
CA LEU C 100 -15.27 -9.53 -10.34
C LEU C 100 -14.46 -8.24 -10.47
N GLY C 101 -14.22 -7.53 -9.37
CA GLY C 101 -13.53 -6.26 -9.49
C GLY C 101 -12.05 -6.46 -9.83
N ALA C 102 -11.55 -5.68 -10.79
CA ALA C 102 -10.17 -5.84 -11.22
C ALA C 102 -9.81 -4.71 -12.19
N GLN C 103 -8.52 -4.39 -12.21
CA GLN C 103 -7.90 -3.76 -13.37
C GLN C 103 -7.73 -4.92 -14.36
N SER C 104 -8.61 -4.97 -15.37
CA SER C 104 -8.76 -6.20 -16.13
C SER C 104 -8.08 -6.15 -17.49
N HIS C 105 -7.36 -5.09 -17.79
CA HIS C 105 -6.79 -4.91 -19.11
C HIS C 105 -5.32 -5.32 -19.12
N VAL C 106 -4.97 -6.22 -20.05
CA VAL C 106 -3.64 -6.83 -20.02
C VAL C 106 -2.57 -5.82 -20.47
N LYS C 107 -2.85 -5.08 -21.55
CA LYS C 107 -1.84 -4.12 -22.02
C LYS C 107 -1.60 -3.04 -20.97
N ILE C 108 -2.66 -2.52 -20.38
CA ILE C 108 -2.47 -1.50 -19.35
C ILE C 108 -1.70 -2.04 -18.15
N SER C 109 -1.81 -3.35 -17.86
CA SER C 109 -1.10 -3.92 -16.71
C SER C 109 0.41 -3.85 -16.83
N PHE C 110 0.96 -3.74 -18.05
CA PHE C 110 2.42 -3.59 -18.15
C PHE C 110 2.89 -2.24 -17.63
N ASP C 111 2.09 -1.18 -17.77
CA ASP C 111 2.50 0.12 -17.26
C ASP C 111 1.99 0.38 -15.85
N LEU C 112 0.97 -0.34 -15.43
CA LEU C 112 0.38 -0.22 -14.11
C LEU C 112 0.54 -1.54 -13.38
N ALA C 113 1.75 -2.08 -13.34
CA ALA C 113 1.93 -3.43 -12.81
C ALA C 113 1.65 -3.49 -11.31
N GLU C 114 2.11 -2.49 -10.55
CA GLU C 114 1.92 -2.55 -9.10
CA GLU C 114 1.92 -2.52 -9.10
C GLU C 114 0.46 -2.32 -8.73
N TYR C 115 -0.18 -1.35 -9.37
CA TYR C 115 -1.61 -1.17 -9.11
C TYR C 115 -2.38 -2.43 -9.45
N THR C 116 -2.05 -3.08 -10.57
CA THR C 116 -2.75 -4.31 -10.95
C THR C 116 -2.50 -5.42 -9.92
N ALA C 117 -1.29 -5.52 -9.38
CA ALA C 117 -1.03 -6.47 -8.30
C ALA C 117 -1.87 -6.14 -7.08
N ASP C 118 -1.98 -4.85 -6.74
CA ASP C 118 -2.65 -4.48 -5.50
C ASP C 118 -4.15 -4.76 -5.59
N VAL C 119 -4.76 -4.49 -6.75
CA VAL C 119 -6.19 -4.71 -6.91
C VAL C 119 -6.50 -6.17 -7.19
N ASP C 120 -5.82 -6.75 -8.17
CA ASP C 120 -6.23 -8.05 -8.70
C ASP C 120 -5.70 -9.20 -7.86
N GLY C 121 -4.52 -9.03 -7.29
CA GLY C 121 -3.90 -10.05 -6.45
C GLY C 121 -4.20 -9.76 -4.99
N VAL C 122 -3.60 -8.71 -4.42
CA VAL C 122 -3.77 -8.50 -2.98
C VAL C 122 -5.23 -8.18 -2.67
N GLY C 123 -5.95 -7.52 -3.60
CA GLY C 123 -7.35 -7.22 -3.36
C GLY C 123 -8.21 -8.45 -3.15
N THR C 124 -7.89 -9.55 -3.84
CA THR C 124 -8.59 -10.80 -3.60
C THR C 124 -8.32 -11.29 -2.18
N LEU C 125 -7.07 -11.22 -1.74
CA LEU C 125 -6.80 -11.55 -0.34
C LEU C 125 -7.55 -10.64 0.63
N ARG C 126 -7.61 -9.34 0.34
CA ARG C 126 -8.33 -8.45 1.25
C ARG C 126 -9.80 -8.86 1.37
N LEU C 127 -10.42 -9.26 0.26
CA LEU C 127 -11.81 -9.65 0.31
C LEU C 127 -12.00 -10.95 1.09
N LEU C 128 -11.13 -11.94 0.87
CA LEU C 128 -11.17 -13.18 1.65
C LEU C 128 -10.94 -12.91 3.12
N ASP C 129 -9.93 -12.09 3.44
CA ASP C 129 -9.68 -11.72 4.84
C ASP C 129 -10.89 -11.03 5.46
N ALA C 130 -11.60 -10.19 4.69
CA ALA C 130 -12.80 -9.55 5.22
C ALA C 130 -13.89 -10.58 5.52
N VAL C 131 -14.06 -11.58 4.64
CA VAL C 131 -15.01 -12.68 4.91
C VAL C 131 -14.67 -13.33 6.23
N LYS C 132 -13.39 -13.63 6.43
CA LYS C 132 -12.96 -14.28 7.66
C LYS C 132 -13.15 -13.35 8.85
N THR C 133 -12.73 -12.08 8.71
CA THR C 133 -12.90 -11.11 9.79
C THR C 133 -14.36 -10.97 10.21
N CYS C 134 -15.28 -11.06 9.26
CA CYS C 134 -16.69 -10.88 9.52
C CYS C 134 -17.38 -12.14 9.99
N GLY C 135 -16.65 -13.22 10.22
CA GLY C 135 -17.25 -14.43 10.73
C GLY C 135 -18.04 -15.23 9.73
N LEU C 136 -17.80 -15.05 8.43
CA LEU C 136 -18.64 -15.65 7.40
C LEU C 136 -17.99 -16.85 6.71
N ILE C 137 -16.87 -17.34 7.26
CA ILE C 137 -16.04 -18.29 6.53
C ILE C 137 -16.79 -19.58 6.26
N ASN C 138 -17.74 -19.93 7.12
CA ASN C 138 -18.46 -21.19 6.96
C ASN C 138 -19.86 -20.99 6.40
N SER C 139 -20.26 -19.77 6.07
CA SER C 139 -21.58 -19.60 5.48
C SER C 139 -21.54 -19.09 4.04
N VAL C 140 -20.60 -18.25 3.68
CA VAL C 140 -20.64 -17.59 2.38
C VAL C 140 -20.02 -18.48 1.32
N LYS C 141 -20.48 -18.33 0.09
CA LYS C 141 -19.86 -18.96 -1.06
C LYS C 141 -19.18 -17.87 -1.88
N PHE C 142 -17.93 -18.11 -2.26
CA PHE C 142 -17.04 -17.10 -2.84
C PHE C 142 -16.64 -17.52 -4.24
N TYR C 143 -16.92 -16.66 -5.22
CA TYR C 143 -16.50 -16.89 -6.60
C TYR C 143 -15.36 -15.92 -6.93
N GLN C 144 -14.23 -16.46 -7.44
CA GLN C 144 -13.09 -15.64 -7.87
C GLN C 144 -13.04 -15.61 -9.39
N ALA C 145 -12.94 -14.40 -9.95
CA ALA C 145 -12.87 -14.32 -11.42
C ALA C 145 -11.44 -14.61 -11.89
N SER C 146 -11.17 -15.90 -12.11
CA SER C 146 -9.89 -16.27 -12.71
C SER C 146 -10.02 -16.23 -14.23
N THR C 147 -8.94 -16.58 -14.94
CA THR C 147 -8.83 -16.14 -16.33
C THR C 147 -7.91 -17.07 -17.12
N SER C 148 -8.27 -17.26 -18.40
CA SER C 148 -7.41 -18.01 -19.31
C SER C 148 -6.05 -17.37 -19.48
N GLU C 149 -5.89 -16.07 -19.12
CA GLU C 149 -4.56 -15.48 -19.21
C GLU C 149 -3.57 -16.22 -18.32
N LEU C 150 -4.05 -16.96 -17.32
CA LEU C 150 -3.16 -17.77 -16.49
C LEU C 150 -2.37 -18.78 -17.30
N TYR C 151 -2.95 -19.25 -18.42
CA TYR C 151 -2.26 -20.26 -19.23
C TYR C 151 -1.17 -19.64 -20.08
N GLY C 152 -1.28 -18.35 -20.36
CA GLY C 152 -0.28 -17.55 -21.06
C GLY C 152 0.34 -18.24 -22.26
N LYS C 153 1.60 -18.65 -22.12
CA LYS C 153 2.33 -19.39 -23.15
C LYS C 153 1.92 -20.83 -22.99
N VAL C 154 0.88 -21.25 -23.73
CA VAL C 154 0.15 -22.44 -23.33
C VAL C 154 1.01 -23.69 -23.44
N GLN C 155 0.87 -24.57 -22.45
CA GLN C 155 1.66 -25.80 -22.35
C GLN C 155 0.95 -27.02 -22.92
N GLU C 156 -0.35 -26.89 -23.21
CA GLU C 156 -1.16 -27.91 -23.85
C GLU C 156 -2.18 -27.18 -24.71
N ILE C 157 -2.65 -27.85 -25.76
CA ILE C 157 -3.79 -27.44 -26.56
C ILE C 157 -4.79 -28.58 -26.67
N PRO C 158 -6.06 -28.33 -26.32
CA PRO C 158 -6.58 -27.12 -25.66
C PRO C 158 -6.13 -27.06 -24.20
N GLN C 159 -6.51 -26.00 -23.50
CA GLN C 159 -6.17 -25.88 -22.09
C GLN C 159 -7.33 -26.32 -21.20
N LYS C 160 -7.03 -27.10 -20.18
CA LYS C 160 -8.03 -27.58 -19.23
C LYS C 160 -7.52 -27.34 -17.80
N GLU C 161 -8.31 -27.76 -16.82
CA GLU C 161 -7.98 -27.44 -15.43
C GLU C 161 -6.59 -27.95 -15.02
N THR C 162 -6.13 -29.07 -15.59
CA THR C 162 -4.83 -29.64 -15.24
C THR C 162 -3.68 -29.11 -16.09
N THR C 163 -3.95 -28.22 -17.05
CA THR C 163 -2.86 -27.61 -17.79
C THR C 163 -2.10 -26.65 -16.89
N PRO C 164 -0.77 -26.74 -16.84
CA PRO C 164 -0.03 -25.83 -15.96
C PRO C 164 -0.15 -24.38 -16.41
N PHE C 165 -0.10 -23.50 -15.42
CA PHE C 165 -0.17 -22.07 -15.67
C PHE C 165 1.19 -21.54 -16.10
N TYR C 166 1.18 -20.52 -16.95
CA TYR C 166 2.40 -19.86 -17.43
C TYR C 166 2.05 -18.42 -17.76
N PRO C 167 1.88 -17.57 -16.76
CA PRO C 167 1.40 -16.22 -17.05
C PRO C 167 2.43 -15.40 -17.83
N ARG C 168 1.91 -14.40 -18.54
CA ARG C 168 2.71 -13.62 -19.49
C ARG C 168 2.47 -12.12 -19.35
N SER C 169 1.99 -11.66 -18.20
CA SER C 169 1.85 -10.23 -17.99
C SER C 169 1.74 -9.99 -16.50
N PRO C 170 1.87 -8.74 -16.06
CA PRO C 170 1.59 -8.45 -14.65
C PRO C 170 0.15 -8.74 -14.29
N TYR C 171 -0.77 -8.63 -15.22
CA TYR C 171 -2.16 -9.05 -14.95
C TYR C 171 -2.24 -10.55 -14.68
N GLY C 172 -1.63 -11.34 -15.56
CA GLY C 172 -1.59 -12.78 -15.33
C GLY C 172 -0.96 -13.18 -14.01
N ALA C 173 0.15 -12.54 -13.65
CA ALA C 173 0.81 -12.89 -12.40
C ALA C 173 -0.06 -12.51 -11.21
N ALA C 174 -0.73 -11.35 -11.26
CA ALA C 174 -1.61 -10.95 -10.15
C ALA C 174 -2.79 -11.90 -10.03
N LYS C 175 -3.39 -12.26 -11.17
CA LYS C 175 -4.48 -13.22 -11.15
C LYS C 175 -4.02 -14.61 -10.69
N LEU C 176 -2.74 -14.96 -10.90
CA LEU C 176 -2.26 -16.25 -10.42
C LEU C 176 -2.14 -16.25 -8.91
N TYR C 177 -1.65 -15.15 -8.34
CA TYR C 177 -1.68 -14.99 -6.90
C TYR C 177 -3.10 -15.17 -6.38
N ALA C 178 -4.07 -14.49 -7.01
CA ALA C 178 -5.45 -14.56 -6.54
C ALA C 178 -5.98 -15.98 -6.62
N TYR C 179 -5.70 -16.68 -7.74
CA TYR C 179 -6.12 -18.06 -7.88
C TYR C 179 -5.67 -18.90 -6.69
N TRP C 180 -4.39 -18.80 -6.34
CA TRP C 180 -3.85 -19.66 -5.31
C TRP C 180 -4.21 -19.21 -3.91
N ILE C 181 -4.41 -17.91 -3.68
CA ILE C 181 -4.86 -17.52 -2.35
C ILE C 181 -6.30 -17.98 -2.12
N VAL C 182 -7.14 -18.00 -3.17
CA VAL C 182 -8.48 -18.57 -3.06
C VAL C 182 -8.40 -20.05 -2.72
N VAL C 183 -7.56 -20.80 -3.45
CA VAL C 183 -7.37 -22.21 -3.10
C VAL C 183 -6.93 -22.35 -1.65
N ASN C 184 -6.02 -21.48 -1.18
CA ASN C 184 -5.53 -21.64 0.19
C ASN C 184 -6.62 -21.39 1.23
N PHE C 185 -7.48 -20.39 1.01
CA PHE C 185 -8.59 -20.15 1.94
C PHE C 185 -9.58 -21.31 1.93
N ARG C 186 -9.83 -21.89 0.75
CA ARG C 186 -10.66 -23.09 0.68
C ARG C 186 -10.03 -24.24 1.46
N GLU C 187 -8.74 -24.50 1.25
CA GLU C 187 -8.08 -25.65 1.86
C GLU C 187 -7.82 -25.41 3.35
N ALA C 188 -7.44 -24.19 3.73
CA ALA C 188 -7.06 -23.93 5.12
C ALA C 188 -8.26 -23.76 6.03
N TYR C 189 -9.31 -23.09 5.56
CA TYR C 189 -10.41 -22.70 6.43
C TYR C 189 -11.73 -23.29 6.01
N ASN C 190 -11.77 -24.13 4.97
CA ASN C 190 -13.01 -24.75 4.48
C ASN C 190 -13.98 -23.71 3.94
N LEU C 191 -13.47 -22.60 3.47
CA LEU C 191 -14.31 -21.65 2.76
C LEU C 191 -14.78 -22.30 1.47
N PHE C 192 -16.08 -22.18 1.19
CA PHE C 192 -16.57 -22.57 -0.12
C PHE C 192 -16.11 -21.52 -1.11
N ALA C 193 -14.98 -21.72 -1.77
CA ALA C 193 -14.44 -20.68 -2.64
C ALA C 193 -13.96 -21.37 -3.89
N VAL C 194 -14.29 -20.80 -5.04
CA VAL C 194 -14.02 -21.45 -6.31
C VAL C 194 -13.36 -20.46 -7.25
N ASN C 195 -12.54 -20.98 -8.14
CA ASN C 195 -12.00 -20.22 -9.27
C ASN C 195 -12.73 -20.56 -10.57
N GLY C 196 -13.32 -19.54 -11.17
CA GLY C 196 -13.80 -19.69 -12.53
C GLY C 196 -12.68 -19.31 -13.47
N ILE C 197 -12.17 -20.26 -14.24
CA ILE C 197 -11.08 -19.99 -15.16
C ILE C 197 -11.80 -19.74 -16.49
N LEU C 198 -12.21 -18.50 -16.69
CA LEU C 198 -13.05 -18.15 -17.82
C LEU C 198 -12.17 -17.68 -18.98
N PHE C 199 -12.45 -18.20 -20.15
CA PHE C 199 -11.79 -17.72 -21.35
C PHE C 199 -12.50 -16.44 -21.80
N ASN C 200 -11.90 -15.75 -22.77
CA ASN C 200 -12.36 -14.42 -23.14
C ASN C 200 -13.86 -14.40 -23.41
N HIS C 201 -14.53 -13.38 -22.91
CA HIS C 201 -15.95 -13.27 -23.18
C HIS C 201 -16.33 -11.81 -23.34
N GLU C 202 -17.17 -11.58 -24.36
CA GLU C 202 -17.39 -10.27 -24.92
C GLU C 202 -18.89 -10.02 -24.98
N SER C 203 -19.26 -8.81 -25.38
CA SER C 203 -20.65 -8.41 -25.45
C SER C 203 -20.71 -6.97 -25.91
N PRO C 204 -21.89 -6.42 -26.19
CA PRO C 204 -21.97 -4.99 -26.49
C PRO C 204 -21.61 -4.11 -25.31
N ARG C 205 -21.44 -4.66 -24.10
CA ARG C 205 -21.03 -3.91 -22.93
C ARG C 205 -19.55 -4.01 -22.64
N ARG C 206 -18.80 -4.72 -23.47
CA ARG C 206 -17.36 -4.91 -23.26
C ARG C 206 -16.63 -3.56 -23.31
N GLY C 207 -15.58 -3.45 -22.50
CA GLY C 207 -14.77 -2.23 -22.52
C GLY C 207 -14.24 -1.94 -23.92
N ALA C 208 -14.24 -0.65 -24.26
CA ALA C 208 -13.99 -0.23 -25.63
C ALA C 208 -12.58 -0.52 -26.10
N ASN C 209 -11.63 -0.72 -25.18
CA ASN C 209 -10.25 -0.92 -25.62
C ASN C 209 -9.80 -2.38 -25.55
N PHE C 210 -10.74 -3.30 -25.36
CA PHE C 210 -10.49 -4.70 -25.65
C PHE C 210 -10.69 -4.91 -27.13
N VAL C 211 -10.02 -5.93 -27.69
CA VAL C 211 -9.86 -5.95 -29.14
C VAL C 211 -11.21 -6.10 -29.85
N THR C 212 -12.13 -6.90 -29.30
CA THR C 212 -13.39 -7.18 -30.02
C THR C 212 -14.27 -5.96 -30.08
N ARG C 213 -14.41 -5.26 -28.95
CA ARG C 213 -15.22 -4.06 -28.92
C ARG C 213 -14.55 -2.92 -29.67
N LYS C 214 -13.22 -2.88 -29.64
CA LYS C 214 -12.52 -1.89 -30.45
C LYS C 214 -12.86 -2.08 -31.91
N ILE C 215 -12.83 -3.32 -32.36
CA ILE C 215 -13.14 -3.61 -33.77
C ILE C 215 -14.59 -3.28 -34.07
N SER C 216 -15.53 -3.77 -33.26
CA SER C 216 -16.94 -3.52 -33.59
C SER C 216 -17.30 -2.04 -33.52
N ARG C 217 -16.76 -1.30 -32.56
CA ARG C 217 -16.98 0.16 -32.51
C ARG C 217 -16.45 0.82 -33.77
N SER C 218 -15.25 0.45 -34.19
CA SER C 218 -14.61 1.11 -35.32
C SER C 218 -15.31 0.77 -36.63
N VAL C 219 -15.70 -0.50 -36.78
CA VAL C 219 -16.43 -0.89 -37.99
C VAL C 219 -17.79 -0.20 -38.05
N ALA C 220 -18.46 -0.06 -36.89
CA ALA C 220 -19.71 0.70 -36.85
C ALA C 220 -19.49 2.14 -37.28
N LYS C 221 -18.42 2.78 -36.79
CA LYS C 221 -18.17 4.17 -37.15
C LYS C 221 -17.86 4.29 -38.63
N ILE C 222 -17.12 3.33 -39.19
CA ILE C 222 -16.84 3.33 -40.63
C ILE C 222 -18.12 3.19 -41.44
N TYR C 223 -19.03 2.29 -41.02
CA TYR C 223 -20.30 2.12 -41.71
C TYR C 223 -21.09 3.43 -41.75
N LEU C 224 -21.12 4.17 -40.65
CA LEU C 224 -21.84 5.43 -40.55
C LEU C 224 -21.05 6.61 -41.08
N GLY C 225 -19.89 6.36 -41.67
CA GLY C 225 -19.08 7.48 -42.16
C GLY C 225 -18.63 8.43 -41.10
N GLN C 226 -18.36 7.95 -39.89
CA GLN C 226 -17.84 8.78 -38.81
C GLN C 226 -16.35 8.59 -38.59
N LEU C 227 -15.74 7.68 -39.35
CA LEU C 227 -14.36 7.26 -39.17
C LEU C 227 -13.89 6.62 -40.48
N GLU C 228 -12.61 6.80 -40.79
CA GLU C 228 -12.06 6.17 -41.99
C GLU C 228 -11.20 4.96 -41.69
N CYS C 229 -10.37 5.01 -40.64
CA CYS C 229 -9.34 4.00 -40.41
CA CYS C 229 -9.51 3.87 -40.39
C CYS C 229 -9.15 3.82 -38.92
N PHE C 230 -8.64 2.65 -38.51
CA PHE C 230 -8.22 2.48 -37.12
C PHE C 230 -7.04 1.54 -37.09
N SER C 231 -6.30 1.55 -35.98
CA SER C 231 -5.09 0.74 -35.86
CA SER C 231 -5.09 0.73 -35.87
C SER C 231 -5.27 -0.35 -34.81
N LEU C 232 -4.70 -1.51 -35.11
CA LEU C 232 -4.64 -2.64 -34.21
C LEU C 232 -3.18 -2.98 -33.93
N GLY C 233 -3.01 -3.97 -33.07
CA GLY C 233 -1.70 -4.51 -32.76
C GLY C 233 -1.51 -5.84 -33.48
N ASN C 234 -1.41 -6.94 -32.73
CA ASN C 234 -1.09 -8.25 -33.27
C ASN C 234 -2.32 -8.90 -33.91
N LEU C 235 -2.38 -8.88 -35.24
CA LEU C 235 -3.55 -9.45 -35.92
C LEU C 235 -3.62 -10.97 -35.84
N ASP C 236 -2.53 -11.65 -35.52
CA ASP C 236 -2.62 -13.10 -35.61
C ASP C 236 -2.80 -13.76 -34.26
N ALA C 237 -3.06 -12.98 -33.21
CA ALA C 237 -3.44 -13.55 -31.93
C ALA C 237 -4.74 -14.33 -32.07
N LYS C 238 -4.78 -15.50 -31.43
CA LYS C 238 -5.93 -16.39 -31.52
C LYS C 238 -6.59 -16.53 -30.16
N ARG C 239 -7.92 -16.51 -30.16
CA ARG C 239 -8.67 -16.49 -28.91
C ARG C 239 -9.91 -17.36 -29.01
N ASP C 240 -10.35 -17.80 -27.84
CA ASP C 240 -11.61 -18.49 -27.63
C ASP C 240 -12.56 -17.43 -27.07
N TRP C 241 -13.50 -16.96 -27.91
CA TRP C 241 -14.40 -15.87 -27.53
C TRP C 241 -15.83 -16.38 -27.35
N GLY C 242 -16.41 -16.11 -26.16
CA GLY C 242 -17.79 -16.39 -25.87
C GLY C 242 -18.52 -15.09 -25.52
N HIS C 243 -19.79 -15.24 -25.15
CA HIS C 243 -20.62 -14.09 -24.79
C HIS C 243 -20.75 -13.99 -23.28
N ALA C 244 -20.44 -12.80 -22.75
CA ALA C 244 -20.44 -12.59 -21.29
C ALA C 244 -21.75 -13.02 -20.64
N LYS C 245 -22.89 -12.81 -21.33
CA LYS C 245 -24.17 -13.16 -20.72
C LYS C 245 -24.27 -14.68 -20.45
N ASP C 246 -23.68 -15.51 -21.32
CA ASP C 246 -23.68 -16.95 -21.08
C ASP C 246 -22.76 -17.30 -19.92
N TYR C 247 -21.64 -16.58 -19.79
CA TYR C 247 -20.59 -16.96 -18.85
C TYR C 247 -20.95 -16.59 -17.41
N VAL C 248 -21.73 -15.53 -17.19
CA VAL C 248 -22.07 -15.22 -15.79
C VAL C 248 -22.97 -16.30 -15.21
N GLU C 249 -23.76 -16.97 -16.06
CA GLU C 249 -24.51 -18.13 -15.58
C GLU C 249 -23.59 -19.22 -15.02
N ALA C 250 -22.44 -19.44 -15.67
CA ALA C 250 -21.47 -20.42 -15.17
C ALA C 250 -20.98 -20.05 -13.78
N MET C 251 -20.79 -18.74 -13.53
CA MET C 251 -20.32 -18.30 -12.22
C MET C 251 -21.32 -18.71 -11.15
N TRP C 252 -22.60 -18.45 -11.40
CA TRP C 252 -23.64 -18.83 -10.47
C TRP C 252 -23.71 -20.36 -10.31
N LEU C 253 -23.63 -21.09 -11.43
CA LEU C 253 -23.63 -22.56 -11.36
C LEU C 253 -22.49 -23.08 -10.48
N MET C 254 -21.31 -22.44 -10.54
CA MET C 254 -20.19 -22.93 -9.74
C MET C 254 -20.45 -22.79 -8.26
N LEU C 255 -21.22 -21.78 -7.85
CA LEU C 255 -21.58 -21.66 -6.44
C LEU C 255 -22.77 -22.52 -6.06
N GLN C 256 -23.53 -23.03 -7.03
CA GLN C 256 -24.60 -23.98 -6.72
C GLN C 256 -24.10 -25.40 -6.57
N ASN C 257 -22.88 -25.68 -7.00
CA ASN C 257 -22.29 -27.00 -6.93
C ASN C 257 -22.21 -27.49 -5.49
N ASP C 258 -22.32 -28.81 -5.32
CA ASP C 258 -22.30 -29.39 -3.99
C ASP C 258 -20.95 -29.18 -3.30
N GLU C 259 -19.87 -29.26 -4.05
CA GLU C 259 -18.52 -29.05 -3.52
C GLU C 259 -17.83 -27.92 -4.27
N PRO C 260 -16.91 -27.20 -3.63
CA PRO C 260 -16.22 -26.09 -4.30
C PRO C 260 -15.12 -26.60 -5.22
N GLU C 261 -15.31 -26.40 -6.51
CA GLU C 261 -14.36 -26.86 -7.51
C GLU C 261 -14.04 -25.72 -8.46
N ASP C 262 -12.85 -25.80 -9.05
CA ASP C 262 -12.43 -24.84 -10.05
C ASP C 262 -12.78 -25.38 -11.44
N PHE C 263 -13.24 -24.50 -12.32
CA PHE C 263 -13.68 -24.92 -13.65
C PHE C 263 -13.18 -24.00 -14.76
N VAL C 264 -12.80 -24.60 -15.88
CA VAL C 264 -12.62 -23.85 -17.13
C VAL C 264 -13.98 -23.66 -17.78
N ILE C 265 -14.22 -22.44 -18.31
CA ILE C 265 -15.45 -22.07 -19.00
C ILE C 265 -15.01 -21.44 -20.31
N ALA C 266 -15.46 -22.01 -21.43
CA ALA C 266 -14.90 -21.61 -22.73
C ALA C 266 -15.84 -22.13 -23.80
N THR C 267 -15.60 -21.71 -25.05
CA THR C 267 -16.37 -22.28 -26.14
C THR C 267 -15.65 -23.45 -26.81
N GLY C 268 -14.33 -23.57 -26.62
CA GLY C 268 -13.52 -24.53 -27.35
C GLY C 268 -13.28 -24.20 -28.80
N GLU C 269 -13.74 -23.05 -29.29
CA GLU C 269 -13.53 -22.65 -30.68
C GLU C 269 -12.58 -21.47 -30.75
N VAL C 270 -11.63 -21.51 -31.68
CA VAL C 270 -10.54 -20.53 -31.77
C VAL C 270 -10.69 -19.74 -33.05
N HIS C 271 -10.51 -18.42 -32.95
CA HIS C 271 -10.47 -17.53 -34.10
C HIS C 271 -9.40 -16.48 -33.87
N SER C 272 -8.91 -15.89 -34.95
CA SER C 272 -7.91 -14.84 -34.81
C SER C 272 -8.55 -13.45 -34.76
N VAL C 273 -7.75 -12.49 -34.27
CA VAL C 273 -8.13 -11.08 -34.35
C VAL C 273 -8.42 -10.72 -35.80
N ARG C 274 -7.59 -11.21 -36.72
CA ARG C 274 -7.80 -10.94 -38.14
C ARG C 274 -9.17 -11.42 -38.61
N GLU C 275 -9.58 -12.61 -38.17
CA GLU C 275 -10.89 -13.13 -38.52
C GLU C 275 -12.01 -12.26 -37.91
N PHE C 276 -11.83 -11.80 -36.68
CA PHE C 276 -12.83 -10.91 -36.11
C PHE C 276 -12.97 -9.64 -36.94
N VAL C 277 -11.85 -9.06 -37.37
CA VAL C 277 -11.88 -7.91 -38.27
C VAL C 277 -12.62 -8.25 -39.55
N GLU C 278 -12.23 -9.35 -40.20
CA GLU C 278 -12.81 -9.70 -41.49
C GLU C 278 -14.31 -9.91 -41.37
N LYS C 279 -14.75 -10.67 -40.35
CA LYS C 279 -16.17 -10.94 -40.21
C LYS C 279 -16.93 -9.68 -39.84
N SER C 280 -16.33 -8.80 -39.02
CA SER C 280 -17.00 -7.55 -38.67
C SER C 280 -17.25 -6.70 -39.89
N PHE C 281 -16.23 -6.57 -40.75
CA PHE C 281 -16.41 -5.76 -41.96
C PHE C 281 -17.44 -6.37 -42.90
N LEU C 282 -17.48 -7.70 -42.99
CA LEU C 282 -18.51 -8.33 -43.83
C LEU C 282 -19.92 -7.93 -43.40
N HIS C 283 -20.11 -7.70 -42.10
CA HIS C 283 -21.43 -7.30 -41.64
C HIS C 283 -21.84 -5.93 -42.10
N ILE C 284 -20.91 -5.05 -42.47
CA ILE C 284 -21.24 -3.76 -43.04
C ILE C 284 -21.02 -3.74 -44.54
N GLY C 285 -20.83 -4.90 -45.15
CA GLY C 285 -20.78 -5.00 -46.60
C GLY C 285 -19.42 -4.78 -47.21
N LYS C 286 -18.35 -4.93 -46.46
CA LYS C 286 -17.00 -4.68 -46.97
C LYS C 286 -16.16 -5.94 -46.79
N THR C 287 -15.37 -6.27 -47.81
CA THR C 287 -14.46 -7.41 -47.78
C THR C 287 -13.06 -6.86 -47.56
N ILE C 288 -12.40 -7.25 -46.45
CA ILE C 288 -11.05 -6.76 -46.19
C ILE C 288 -10.04 -7.67 -46.86
N VAL C 289 -9.11 -7.06 -47.59
CA VAL C 289 -7.95 -7.78 -48.10
C VAL C 289 -6.70 -7.14 -47.53
N TRP C 290 -5.75 -7.97 -47.14
CA TRP C 290 -4.57 -7.49 -46.45
C TRP C 290 -3.39 -7.37 -47.41
N GLU C 291 -2.53 -6.41 -47.12
CA GLU C 291 -1.29 -6.27 -47.87
C GLU C 291 -0.19 -5.81 -46.91
N GLY C 292 1.01 -6.27 -47.16
CA GLY C 292 2.14 -5.89 -46.33
C GLY C 292 2.32 -6.81 -45.13
N LYS C 293 3.40 -6.54 -44.39
CA LYS C 293 3.86 -7.42 -43.32
C LYS C 293 4.08 -6.62 -42.04
N ASN C 294 3.84 -7.28 -40.91
CA ASN C 294 4.23 -6.79 -39.59
C ASN C 294 3.59 -5.42 -39.38
N GLU C 295 4.34 -4.41 -38.95
CA GLU C 295 3.73 -3.13 -38.63
C GLU C 295 3.35 -2.36 -39.90
N ASN C 296 3.70 -2.87 -41.07
CA ASN C 296 3.31 -2.25 -42.32
C ASN C 296 2.10 -2.93 -42.95
N GLU C 297 1.50 -3.90 -42.27
CA GLU C 297 0.33 -4.56 -42.84
C GLU C 297 -0.86 -3.60 -42.77
N VAL C 298 -1.63 -3.56 -43.85
CA VAL C 298 -2.83 -2.75 -43.85
C VAL C 298 -3.96 -3.58 -44.44
N GLY C 299 -5.16 -3.26 -43.99
CA GLY C 299 -6.39 -3.89 -44.44
C GLY C 299 -7.19 -2.93 -45.30
N ARG C 300 -7.49 -3.35 -46.51
CA ARG C 300 -8.13 -2.50 -47.50
C ARG C 300 -9.47 -3.10 -47.88
N CYS C 301 -10.48 -2.26 -48.07
CA CYS C 301 -11.75 -2.73 -48.61
C CYS C 301 -11.56 -3.12 -50.08
N LYS C 302 -11.86 -4.39 -50.41
CA LYS C 302 -11.68 -4.87 -51.77
C LYS C 302 -12.56 -4.10 -52.75
N GLU C 303 -13.76 -3.76 -52.32
CA GLU C 303 -14.72 -3.15 -53.24
C GLU C 303 -14.37 -1.70 -53.56
N THR C 304 -13.79 -0.94 -52.62
CA THR C 304 -13.52 0.48 -52.83
C THR C 304 -12.04 0.79 -52.98
N GLY C 305 -11.15 -0.09 -52.53
CA GLY C 305 -9.74 0.19 -52.48
C GLY C 305 -9.30 1.04 -51.29
N LYS C 306 -10.20 1.40 -50.39
CA LYS C 306 -9.82 2.28 -49.28
C LYS C 306 -9.19 1.49 -48.14
N VAL C 307 -8.15 2.06 -47.55
CA VAL C 307 -7.54 1.46 -46.35
C VAL C 307 -8.38 1.80 -45.13
N HIS C 308 -8.76 0.77 -44.36
CA HIS C 308 -9.51 0.93 -43.12
C HIS C 308 -8.80 0.42 -41.88
N VAL C 309 -7.77 -0.41 -42.01
CA VAL C 309 -7.09 -1.01 -40.86
C VAL C 309 -5.61 -0.85 -41.04
N THR C 310 -4.93 -0.39 -39.99
CA THR C 310 -3.48 -0.37 -39.97
C THR C 310 -3.00 -1.03 -38.70
N VAL C 311 -1.68 -1.21 -38.62
CA VAL C 311 -1.03 -1.84 -37.47
C VAL C 311 -0.10 -0.82 -36.82
N ASP C 312 -0.17 -0.72 -35.49
CA ASP C 312 0.68 0.16 -34.72
C ASP C 312 1.33 -0.65 -33.63
N LEU C 313 2.67 -0.65 -33.59
CA LEU C 313 3.37 -1.45 -32.57
C LEU C 313 3.02 -1.04 -31.14
N LYS C 314 2.46 0.15 -30.93
CA LYS C 314 2.10 0.57 -29.57
C LYS C 314 1.03 -0.31 -28.96
N TYR C 315 0.30 -1.07 -29.78
CA TYR C 315 -0.71 -1.94 -29.24
C TYR C 315 -0.21 -3.35 -29.01
N TYR C 316 1.04 -3.64 -29.38
CA TYR C 316 1.59 -4.95 -29.07
C TYR C 316 1.89 -5.06 -27.58
N ARG C 317 1.87 -6.27 -27.09
CA ARG C 317 2.32 -6.50 -25.73
C ARG C 317 3.74 -7.02 -25.74
N PRO C 318 4.53 -6.68 -24.71
CA PRO C 318 5.91 -7.17 -24.66
C PRO C 318 6.05 -8.68 -24.67
N THR C 319 5.16 -9.38 -23.98
CA THR C 319 5.11 -10.84 -23.97
C THR C 319 3.68 -11.22 -24.38
N GLU C 320 3.50 -11.62 -25.62
CA GLU C 320 2.15 -11.88 -26.12
C GLU C 320 1.67 -13.24 -25.65
N VAL C 321 0.34 -13.37 -25.56
CA VAL C 321 -0.34 -14.64 -25.41
C VAL C 321 -0.86 -14.99 -26.80
N ASP C 322 -0.18 -15.92 -27.50
CA ASP C 322 -0.48 -16.08 -28.92
C ASP C 322 -1.78 -16.85 -29.19
N PHE C 323 -2.17 -17.73 -28.29
CA PHE C 323 -3.19 -18.73 -28.61
C PHE C 323 -3.88 -19.16 -27.33
N LEU C 324 -5.21 -19.13 -27.33
CA LEU C 324 -5.99 -19.70 -26.23
C LEU C 324 -7.15 -20.50 -26.80
N GLN C 325 -7.36 -21.69 -26.24
CA GLN C 325 -8.47 -22.55 -26.64
C GLN C 325 -8.84 -23.38 -25.42
N GLY C 326 -9.99 -23.13 -24.86
CA GLY C 326 -10.37 -23.79 -23.62
C GLY C 326 -11.13 -25.08 -23.86
N ASP C 327 -10.88 -26.02 -22.97
CA ASP C 327 -11.57 -27.32 -22.92
C ASP C 327 -12.40 -27.31 -21.64
N CYS C 328 -13.70 -27.12 -21.78
CA CYS C 328 -14.57 -27.04 -20.61
C CYS C 328 -15.38 -28.33 -20.40
N THR C 329 -14.77 -29.48 -20.73
CA THR C 329 -15.42 -30.77 -20.50
C THR C 329 -15.88 -30.93 -19.06
N LYS C 330 -15.04 -30.55 -18.09
CA LYS C 330 -15.41 -30.76 -16.69
C LYS C 330 -16.66 -29.97 -16.33
N ALA C 331 -16.74 -28.69 -16.76
CA ALA C 331 -17.93 -27.88 -16.51
C ALA C 331 -19.17 -28.43 -17.22
N LYS C 332 -19.01 -28.90 -18.46
CA LYS C 332 -20.14 -29.49 -19.16
C LYS C 332 -20.70 -30.66 -18.36
N GLN C 333 -19.83 -31.50 -17.81
CA GLN C 333 -20.27 -32.72 -17.14
C GLN C 333 -20.82 -32.45 -15.75
N LYS C 334 -20.18 -31.57 -14.98
CA LYS C 334 -20.61 -31.34 -13.60
C LYS C 334 -21.57 -30.17 -13.45
N LEU C 335 -21.45 -29.13 -14.27
CA LEU C 335 -22.32 -27.98 -14.12
C LEU C 335 -23.45 -27.97 -15.14
N ASN C 336 -23.40 -28.82 -16.16
CA ASN C 336 -24.33 -28.78 -17.29
C ASN C 336 -24.31 -27.44 -17.99
N TRP C 337 -23.18 -26.75 -17.91
CA TRP C 337 -23.06 -25.48 -18.60
C TRP C 337 -22.71 -25.69 -20.05
N LYS C 338 -23.31 -24.90 -20.93
CA LYS C 338 -22.84 -24.91 -22.30
C LYS C 338 -23.10 -23.53 -22.87
N PRO C 339 -22.21 -23.03 -23.71
CA PRO C 339 -22.44 -21.71 -24.31
C PRO C 339 -23.59 -21.75 -25.30
N ARG C 340 -24.29 -20.63 -25.40
CA ARG C 340 -25.38 -20.47 -26.34
C ARG C 340 -24.98 -19.66 -27.56
N VAL C 341 -24.17 -18.61 -27.37
CA VAL C 341 -23.77 -17.72 -28.46
C VAL C 341 -22.44 -18.19 -29.01
N ALA C 342 -22.40 -18.43 -30.32
CA ALA C 342 -21.16 -18.80 -30.98
C ALA C 342 -20.56 -17.59 -31.69
N PHE C 343 -19.32 -17.76 -32.17
CA PHE C 343 -18.51 -16.65 -32.67
C PHE C 343 -19.23 -15.81 -33.73
N ASP C 344 -19.82 -16.44 -34.76
CA ASP C 344 -20.46 -15.66 -35.82
C ASP C 344 -21.58 -14.77 -35.27
N GLU C 345 -22.39 -15.30 -34.37
CA GLU C 345 -23.47 -14.51 -33.79
C GLU C 345 -22.91 -13.39 -32.92
N LEU C 346 -21.81 -13.67 -32.21
CA LEU C 346 -21.20 -12.68 -31.33
C LEU C 346 -20.75 -11.47 -32.13
N VAL C 347 -20.08 -11.72 -33.26
CA VAL C 347 -19.60 -10.62 -34.10
C VAL C 347 -20.78 -9.81 -34.63
N ARG C 348 -21.77 -10.49 -35.19
CA ARG C 348 -22.95 -9.80 -35.70
C ARG C 348 -23.61 -8.96 -34.61
N GLU C 349 -23.79 -9.54 -33.42
CA GLU C 349 -24.44 -8.82 -32.33
C GLU C 349 -23.65 -7.58 -31.94
N MET C 350 -22.33 -7.70 -31.85
CA MET C 350 -21.53 -6.55 -31.40
C MET C 350 -21.49 -5.47 -32.47
N VAL C 351 -21.37 -5.85 -33.75
CA VAL C 351 -21.41 -4.82 -34.79
C VAL C 351 -22.77 -4.14 -34.83
N HIS C 352 -23.86 -4.92 -34.76
CA HIS C 352 -25.18 -4.29 -34.83
C HIS C 352 -25.41 -3.34 -33.66
N ALA C 353 -25.04 -3.77 -32.45
CA ALA C 353 -25.27 -2.92 -31.28
C ALA C 353 -24.45 -1.63 -31.38
N ASP C 354 -23.21 -1.71 -31.90
CA ASP C 354 -22.44 -0.47 -31.97
C ASP C 354 -22.90 0.43 -33.11
N VAL C 355 -23.47 -0.11 -34.19
CA VAL C 355 -24.09 0.76 -35.18
C VAL C 355 -25.23 1.54 -34.54
N GLU C 356 -26.05 0.87 -33.73
CA GLU C 356 -27.16 1.59 -33.09
C GLU C 356 -26.65 2.64 -32.12
N LEU C 357 -25.58 2.36 -31.40
CA LEU C 357 -25.01 3.33 -30.47
C LEU C 357 -24.41 4.51 -31.21
N MET C 358 -23.60 4.25 -32.25
CA MET C 358 -22.93 5.33 -32.96
C MET C 358 -23.91 6.20 -33.72
N ARG C 359 -25.07 5.66 -34.09
CA ARG C 359 -26.09 6.51 -34.73
C ARG C 359 -26.54 7.61 -33.78
N THR C 360 -26.62 7.31 -32.49
CA THR C 360 -27.10 8.29 -31.53
C THR C 360 -26.06 9.34 -31.20
N ASN C 361 -24.77 9.04 -31.39
CA ASN C 361 -23.73 9.94 -30.91
C ASN C 361 -22.43 9.66 -31.64
N PRO C 362 -22.03 10.50 -32.61
CA PRO C 362 -20.76 10.29 -33.32
C PRO C 362 -19.53 10.33 -32.43
N ASN C 363 -19.61 10.87 -31.22
CA ASN C 363 -18.47 10.94 -30.33
C ASN C 363 -18.44 9.79 -29.32
N ALA C 364 -19.35 8.85 -29.45
CA ALA C 364 -19.47 7.75 -28.50
C ALA C 364 -18.26 6.82 -28.52
N GLY D 14 9.77 29.82 -24.47
CA GLY D 14 10.17 28.66 -23.70
C GLY D 14 9.15 27.53 -23.72
N ARG D 15 9.57 26.34 -23.32
CA ARG D 15 8.68 25.18 -23.25
C ARG D 15 7.52 25.41 -22.29
N ASN D 16 6.30 25.07 -22.73
CA ASN D 16 5.13 25.12 -21.86
C ASN D 16 4.41 23.78 -21.96
N VAL D 17 4.72 22.86 -21.03
CA VAL D 17 4.22 21.50 -21.04
C VAL D 17 3.67 21.24 -19.65
N ALA D 18 2.36 21.10 -19.55
CA ALA D 18 1.73 20.89 -18.26
C ALA D 18 1.38 19.41 -18.12
N LEU D 19 1.53 18.89 -16.91
CA LEU D 19 1.01 17.58 -16.55
C LEU D 19 -0.05 17.78 -15.49
N ILE D 20 -1.27 17.34 -15.77
CA ILE D 20 -2.40 17.49 -14.86
C ILE D 20 -2.78 16.11 -14.35
N THR D 21 -2.63 15.88 -13.05
CA THR D 21 -3.32 14.72 -12.48
C THR D 21 -4.75 15.17 -12.19
N GLY D 22 -5.69 14.24 -12.28
CA GLY D 22 -7.07 14.64 -12.09
C GLY D 22 -7.62 15.40 -13.28
N ILE D 23 -7.08 15.16 -14.47
CA ILE D 23 -7.51 15.92 -15.64
C ILE D 23 -8.96 15.62 -16.02
N THR D 24 -9.51 14.46 -15.64
CA THR D 24 -10.89 14.13 -15.99
C THR D 24 -11.92 14.80 -15.07
N GLY D 25 -11.47 15.37 -13.96
CA GLY D 25 -12.38 15.96 -13.00
C GLY D 25 -12.85 17.33 -13.41
N GLN D 26 -13.65 17.94 -12.53
CA GLN D 26 -14.17 19.28 -12.80
C GLN D 26 -13.05 20.26 -13.11
N ASP D 27 -12.12 20.44 -12.17
CA ASP D 27 -11.08 21.45 -12.32
C ASP D 27 -10.12 21.10 -13.43
N GLY D 28 -9.74 19.82 -13.53
CA GLY D 28 -8.84 19.43 -14.61
C GLY D 28 -9.40 19.79 -15.96
N SER D 29 -10.71 19.59 -16.15
CA SER D 29 -11.28 19.87 -17.46
C SER D 29 -11.19 21.36 -17.80
N TYR D 30 -11.47 22.24 -16.82
CA TYR D 30 -11.35 23.67 -17.09
C TYR D 30 -9.89 24.09 -17.22
N LEU D 31 -9.01 23.53 -16.39
CA LEU D 31 -7.60 23.90 -16.48
C LEU D 31 -7.02 23.49 -17.81
N ALA D 32 -7.33 22.28 -18.28
CA ALA D 32 -6.86 21.86 -19.60
C ALA D 32 -7.27 22.86 -20.69
N GLU D 33 -8.55 23.27 -20.69
CA GLU D 33 -9.01 24.27 -21.67
C GLU D 33 -8.22 25.57 -21.53
N PHE D 34 -8.05 26.03 -20.28
CA PHE D 34 -7.34 27.28 -20.03
C PHE D 34 -5.90 27.22 -20.54
N LEU D 35 -5.22 26.10 -20.28
CA LEU D 35 -3.82 25.99 -20.71
C LEU D 35 -3.72 25.79 -22.22
N LEU D 36 -4.63 25.03 -22.81
CA LEU D 36 -4.58 24.85 -24.26
C LEU D 36 -4.74 26.19 -24.98
N GLU D 37 -5.61 27.06 -24.45
CA GLU D 37 -5.78 28.39 -25.03
C GLU D 37 -4.49 29.20 -24.97
N LYS D 38 -3.67 28.97 -23.94
CA LYS D 38 -2.38 29.66 -23.85
C LYS D 38 -1.28 28.98 -24.67
N GLY D 39 -1.61 27.97 -25.46
CA GLY D 39 -0.60 27.32 -26.29
C GLY D 39 0.21 26.25 -25.61
N TYR D 40 -0.19 25.81 -24.42
CA TYR D 40 0.52 24.72 -23.76
C TYR D 40 0.28 23.40 -24.49
N GLU D 41 1.25 22.50 -24.37
CA GLU D 41 1.00 21.08 -24.56
C GLU D 41 0.51 20.57 -23.20
N VAL D 42 -0.64 19.93 -23.18
CA VAL D 42 -1.27 19.53 -21.93
C VAL D 42 -1.27 18.01 -21.87
N HIS D 43 -0.70 17.47 -20.81
CA HIS D 43 -0.72 16.03 -20.59
C HIS D 43 -1.53 15.78 -19.33
N GLY D 44 -2.29 14.70 -19.34
CA GLY D 44 -3.09 14.35 -18.19
C GLY D 44 -2.91 12.89 -17.82
N ILE D 45 -3.10 12.59 -16.55
CA ILE D 45 -3.11 11.21 -16.07
C ILE D 45 -4.55 10.79 -15.87
N VAL D 46 -4.93 9.69 -16.50
CA VAL D 46 -6.30 9.15 -16.48
C VAL D 46 -6.28 7.78 -15.82
N ARG D 47 -7.22 7.55 -14.89
CA ARG D 47 -7.36 6.22 -14.33
C ARG D 47 -7.89 5.24 -15.38
N ARG D 48 -7.40 4.01 -15.34
CA ARG D 48 -8.10 2.94 -16.05
C ARG D 48 -9.49 2.76 -15.44
N SER D 49 -10.49 2.71 -16.30
CA SER D 49 -11.83 2.45 -15.80
C SER D 49 -12.53 1.55 -16.79
N SER D 50 -13.55 0.85 -16.32
CA SER D 50 -14.19 -0.14 -17.19
C SER D 50 -15.03 0.53 -18.25
N SER D 51 -15.45 1.76 -18.04
CA SER D 51 -15.96 2.64 -19.10
C SER D 51 -15.08 3.88 -19.16
N PHE D 52 -15.05 4.57 -20.29
CA PHE D 52 -14.16 5.73 -20.35
C PHE D 52 -14.68 6.83 -19.41
N ASN D 53 -13.74 7.48 -18.71
CA ASN D 53 -14.06 8.48 -17.70
C ASN D 53 -13.72 9.88 -18.18
N THR D 54 -13.56 10.06 -19.50
CA THR D 54 -13.04 11.28 -20.12
C THR D 54 -14.15 12.21 -20.61
N GLY D 55 -15.40 12.02 -20.16
CA GLY D 55 -16.51 12.79 -20.71
C GLY D 55 -16.35 14.29 -20.63
N ARG D 56 -15.69 14.80 -19.59
CA ARG D 56 -15.51 16.25 -19.47
C ARG D 56 -14.47 16.81 -20.42
N ILE D 57 -13.59 15.97 -20.96
CA ILE D 57 -12.48 16.45 -21.79
C ILE D 57 -12.49 15.86 -23.19
N GLU D 58 -13.47 15.03 -23.54
CA GLU D 58 -13.43 14.38 -24.85
C GLU D 58 -13.54 15.38 -25.98
N HIS D 59 -14.12 16.57 -25.73
CA HIS D 59 -14.16 17.58 -26.77
C HIS D 59 -12.79 18.17 -27.09
N LEU D 60 -11.77 17.86 -26.29
CA LEU D 60 -10.40 18.35 -26.49
C LEU D 60 -9.53 17.40 -27.28
N TYR D 61 -10.06 16.24 -27.69
CA TYR D 61 -9.37 15.45 -28.70
C TYR D 61 -9.28 16.24 -30.00
N LYS D 62 -8.21 15.99 -30.76
CA LYS D 62 -8.10 16.56 -32.10
C LYS D 62 -9.24 16.08 -32.99
N ASN D 63 -9.58 14.79 -32.91
CA ASN D 63 -10.75 14.22 -33.59
C ASN D 63 -11.59 13.55 -32.52
N PRO D 64 -12.67 14.19 -32.07
CA PRO D 64 -13.51 13.59 -31.02
C PRO D 64 -14.31 12.38 -31.46
N GLN D 65 -14.43 12.13 -32.77
CA GLN D 65 -15.15 10.94 -33.21
C GLN D 65 -14.28 9.71 -33.15
N ALA D 66 -12.97 9.89 -33.29
CA ALA D 66 -12.02 8.81 -33.30
C ALA D 66 -11.20 8.78 -32.01
N HIS D 67 -11.32 9.81 -31.17
CA HIS D 67 -10.58 9.93 -29.92
C HIS D 67 -9.07 9.91 -30.18
N ILE D 68 -8.67 10.70 -31.18
CA ILE D 68 -7.29 10.92 -31.55
C ILE D 68 -6.83 12.22 -30.90
N GLU D 69 -5.66 12.18 -30.27
CA GLU D 69 -5.15 13.30 -29.51
C GLU D 69 -4.41 14.30 -30.38
N GLY D 70 -4.56 15.58 -30.04
CA GLY D 70 -3.72 16.62 -30.58
C GLY D 70 -2.83 17.14 -29.47
N ASN D 71 -3.10 18.36 -29.03
CA ASN D 71 -2.27 19.01 -28.03
C ASN D 71 -2.62 18.62 -26.60
N MET D 72 -3.69 17.88 -26.38
CA MET D 72 -3.97 17.27 -25.08
C MET D 72 -3.72 15.77 -25.20
N LYS D 73 -2.73 15.28 -24.44
CA LYS D 73 -2.31 13.89 -24.50
C LYS D 73 -2.58 13.23 -23.16
N LEU D 74 -3.12 12.01 -23.20
CA LEU D 74 -3.56 11.37 -21.97
C LEU D 74 -2.75 10.10 -21.75
N HIS D 75 -2.52 9.79 -20.47
CA HIS D 75 -1.69 8.66 -20.07
C HIS D 75 -2.41 7.91 -18.96
N TYR D 76 -2.46 6.58 -19.06
CA TYR D 76 -3.04 5.81 -17.96
C TYR D 76 -2.10 5.83 -16.74
N GLY D 77 -2.68 6.00 -15.56
CA GLY D 77 -1.85 6.00 -14.37
C GLY D 77 -2.72 6.01 -13.14
N ASP D 78 -2.07 6.03 -11.98
CA ASP D 78 -2.79 6.10 -10.73
C ASP D 78 -1.86 6.68 -9.68
N LEU D 79 -2.41 7.55 -8.81
CA LEU D 79 -1.62 8.18 -7.77
C LEU D 79 -1.16 7.21 -6.70
N THR D 80 -1.60 5.96 -6.73
CA THR D 80 -1.08 4.96 -5.80
C THR D 80 -0.01 4.07 -6.40
N ASP D 81 0.45 4.34 -7.64
CA ASP D 81 1.44 3.52 -8.35
C ASP D 81 2.68 4.37 -8.65
N SER D 82 3.71 4.26 -7.81
CA SER D 82 4.91 5.08 -7.92
C SER D 82 5.60 4.92 -9.27
N THR D 83 5.79 3.67 -9.71
CA THR D 83 6.52 3.41 -10.94
C THR D 83 5.83 4.04 -12.14
N CYS D 84 4.50 3.95 -12.18
N CYS D 84 4.49 3.96 -12.18
CA CYS D 84 3.80 4.56 -13.29
CA CYS D 84 3.77 4.56 -13.29
C CYS D 84 3.99 6.06 -13.29
C CYS D 84 3.94 6.08 -13.29
N LEU D 85 4.01 6.70 -12.11
CA LEU D 85 4.17 8.15 -12.06
C LEU D 85 5.55 8.57 -12.57
N VAL D 86 6.59 7.85 -12.17
CA VAL D 86 7.94 8.15 -12.66
C VAL D 86 8.00 7.98 -14.17
N LYS D 87 7.39 6.91 -14.70
CA LYS D 87 7.42 6.70 -16.13
C LYS D 87 6.74 7.85 -16.88
N ILE D 88 5.59 8.31 -16.39
CA ILE D 88 4.90 9.40 -17.08
C ILE D 88 5.69 10.70 -16.97
N ILE D 89 6.20 11.01 -15.78
CA ILE D 89 6.94 12.27 -15.64
C ILE D 89 8.21 12.23 -16.46
N ASN D 90 8.86 11.06 -16.54
CA ASN D 90 10.08 10.99 -17.35
C ASN D 90 9.78 11.12 -18.83
N GLU D 91 8.64 10.61 -19.28
CA GLU D 91 8.27 10.76 -20.70
C GLU D 91 7.87 12.20 -21.00
N VAL D 92 7.07 12.80 -20.12
CA VAL D 92 6.47 14.11 -20.41
C VAL D 92 7.46 15.24 -20.14
N LYS D 93 8.27 15.13 -19.09
CA LYS D 93 9.20 16.16 -18.66
C LYS D 93 8.49 17.51 -18.55
N PRO D 94 7.41 17.59 -17.78
CA PRO D 94 6.60 18.81 -17.74
C PRO D 94 7.38 19.98 -17.17
N THR D 95 6.98 21.17 -17.58
CA THR D 95 7.44 22.37 -16.93
C THR D 95 6.54 22.76 -15.75
N GLU D 96 5.26 22.37 -15.79
CA GLU D 96 4.32 22.67 -14.72
C GLU D 96 3.54 21.39 -14.44
N ILE D 97 3.36 21.07 -13.16
CA ILE D 97 2.57 19.92 -12.74
C ILE D 97 1.47 20.43 -11.85
N TYR D 98 0.23 20.06 -12.17
CA TYR D 98 -0.92 20.43 -11.35
C TYR D 98 -1.47 19.14 -10.76
N ASN D 99 -1.31 18.97 -9.44
CA ASN D 99 -1.79 17.75 -8.79
C ASN D 99 -3.22 17.99 -8.37
N LEU D 100 -4.15 17.69 -9.26
CA LEU D 100 -5.56 17.82 -8.93
C LEU D 100 -6.22 16.48 -8.62
N GLY D 101 -5.51 15.37 -8.83
CA GLY D 101 -6.14 14.07 -8.67
C GLY D 101 -6.38 13.78 -7.20
N ALA D 102 -7.57 13.27 -6.91
CA ALA D 102 -7.95 13.05 -5.53
C ALA D 102 -9.28 12.32 -5.47
N GLN D 103 -9.44 11.54 -4.41
CA GLN D 103 -10.76 11.22 -3.89
C GLN D 103 -11.23 12.51 -3.21
N SER D 104 -12.12 13.27 -3.86
CA SER D 104 -12.36 14.65 -3.42
C SER D 104 -13.63 14.81 -2.60
N HIS D 105 -14.34 13.75 -2.30
CA HIS D 105 -15.63 13.87 -1.63
C HIS D 105 -15.50 13.67 -0.13
N VAL D 106 -15.98 14.64 0.65
CA VAL D 106 -15.75 14.63 2.09
C VAL D 106 -16.57 13.53 2.75
N LYS D 107 -17.85 13.40 2.36
CA LYS D 107 -18.67 12.37 3.01
C LYS D 107 -18.16 10.97 2.69
N ILE D 108 -17.79 10.71 1.42
CA ILE D 108 -17.30 9.40 1.07
C ILE D 108 -15.98 9.11 1.79
N SER D 109 -15.23 10.16 2.15
CA SER D 109 -13.97 9.90 2.84
C SER D 109 -14.16 9.25 4.20
N PHE D 110 -15.31 9.42 4.85
CA PHE D 110 -15.52 8.73 6.12
C PHE D 110 -15.66 7.23 5.94
N ASP D 111 -16.15 6.77 4.78
CA ASP D 111 -16.26 5.34 4.49
C ASP D 111 -15.03 4.78 3.79
N LEU D 112 -14.20 5.64 3.22
CA LEU D 112 -13.05 5.27 2.43
C LEU D 112 -11.83 6.01 2.96
N ALA D 113 -11.63 5.94 4.28
CA ALA D 113 -10.62 6.79 4.91
C ALA D 113 -9.22 6.41 4.46
N GLU D 114 -8.93 5.10 4.41
CA GLU D 114 -7.58 4.69 4.05
CA GLU D 114 -7.59 4.66 4.04
C GLU D 114 -7.30 4.95 2.57
N TYR D 115 -8.27 4.64 1.71
CA TYR D 115 -8.07 4.94 0.30
C TYR D 115 -7.84 6.43 0.12
N THR D 116 -8.61 7.25 0.84
CA THR D 116 -8.45 8.69 0.71
C THR D 116 -7.06 9.15 1.19
N ALA D 117 -6.56 8.55 2.26
CA ALA D 117 -5.19 8.86 2.70
C ALA D 117 -4.17 8.47 1.64
N ASP D 118 -4.34 7.29 1.05
CA ASP D 118 -3.37 6.78 0.08
C ASP D 118 -3.31 7.66 -1.17
N VAL D 119 -4.48 8.12 -1.65
CA VAL D 119 -4.54 8.91 -2.89
C VAL D 119 -4.23 10.37 -2.62
N ASP D 120 -4.87 10.95 -1.59
CA ASP D 120 -4.84 12.38 -1.39
C ASP D 120 -3.62 12.81 -0.60
N GLY D 121 -3.19 11.96 0.34
CA GLY D 121 -2.03 12.27 1.17
C GLY D 121 -0.79 11.64 0.56
N VAL D 122 -0.69 10.30 0.59
CA VAL D 122 0.55 9.68 0.17
C VAL D 122 0.75 9.84 -1.33
N GLY D 123 -0.34 9.96 -2.11
CA GLY D 123 -0.19 10.18 -3.54
C GLY D 123 0.52 11.47 -3.90
N THR D 124 0.30 12.52 -3.11
CA THR D 124 1.03 13.76 -3.32
C THR D 124 2.51 13.54 -3.09
N LEU D 125 2.86 12.82 -2.03
CA LEU D 125 4.25 12.45 -1.81
C LEU D 125 4.80 11.62 -2.98
N ARG D 126 4.02 10.66 -3.49
CA ARG D 126 4.53 9.85 -4.61
C ARG D 126 4.82 10.71 -5.84
N LEU D 127 3.98 11.72 -6.10
CA LEU D 127 4.20 12.57 -7.25
C LEU D 127 5.43 13.44 -7.05
N LEU D 128 5.58 14.01 -5.85
CA LEU D 128 6.77 14.80 -5.53
C LEU D 128 8.02 13.94 -5.62
N ASP D 129 7.97 12.72 -5.10
CA ASP D 129 9.11 11.82 -5.17
C ASP D 129 9.41 11.44 -6.62
N ALA D 130 8.37 11.32 -7.46
CA ALA D 130 8.64 11.02 -8.87
C ALA D 130 9.37 12.19 -9.53
N VAL D 131 8.96 13.43 -9.23
CA VAL D 131 9.68 14.59 -9.74
C VAL D 131 11.15 14.52 -9.36
N LYS D 132 11.43 14.26 -8.09
CA LYS D 132 12.81 14.19 -7.62
C LYS D 132 13.56 13.03 -8.25
N THR D 133 12.92 11.86 -8.36
CA THR D 133 13.55 10.70 -8.98
C THR D 133 13.94 10.98 -10.43
N CYS D 134 13.13 11.77 -11.13
CA CYS D 134 13.38 12.06 -12.53
C CYS D 134 14.42 13.15 -12.73
N GLY D 135 14.97 13.69 -11.65
CA GLY D 135 15.95 14.76 -11.75
C GLY D 135 15.38 16.10 -12.12
N LEU D 136 14.08 16.34 -11.92
CA LEU D 136 13.42 17.57 -12.35
C LEU D 136 13.13 18.54 -11.21
N ILE D 137 13.77 18.35 -10.05
CA ILE D 137 13.42 19.14 -8.87
C ILE D 137 13.65 20.62 -9.11
N ASN D 138 14.63 20.98 -9.95
CA ASN D 138 14.91 22.38 -10.29
C ASN D 138 14.31 22.80 -11.62
N SER D 139 13.48 21.97 -12.24
CA SER D 139 13.06 22.18 -13.61
C SER D 139 11.55 22.19 -13.77
N VAL D 140 10.79 22.09 -12.69
CA VAL D 140 9.34 21.99 -12.79
C VAL D 140 8.75 22.88 -11.71
N LYS D 141 7.57 23.43 -11.99
CA LYS D 141 6.81 24.12 -10.98
C LYS D 141 5.63 23.23 -10.61
N PHE D 142 5.33 23.13 -9.32
CA PHE D 142 4.39 22.10 -8.84
C PHE D 142 3.26 22.81 -8.12
N TYR D 143 2.01 22.57 -8.56
CA TYR D 143 0.82 23.09 -7.89
C TYR D 143 0.12 21.96 -7.15
N GLN D 144 -0.14 22.17 -5.85
CA GLN D 144 -0.90 21.21 -5.06
C GLN D 144 -2.33 21.72 -4.82
N ALA D 145 -3.32 20.86 -5.05
CA ALA D 145 -4.71 21.27 -4.86
C ALA D 145 -5.07 21.15 -3.37
N SER D 146 -4.74 22.19 -2.62
CA SER D 146 -5.16 22.27 -1.23
C SER D 146 -6.58 22.86 -1.17
N THR D 147 -7.13 23.01 0.03
CA THR D 147 -8.58 23.09 0.16
C THR D 147 -8.93 23.82 1.45
N SER D 148 -10.02 24.58 1.39
CA SER D 148 -10.56 25.18 2.59
C SER D 148 -11.01 24.13 3.62
N GLU D 149 -11.14 22.86 3.23
CA GLU D 149 -11.47 21.87 4.24
C GLU D 149 -10.38 21.74 5.29
N LEU D 150 -9.15 22.18 4.97
CA LEU D 150 -8.08 22.24 5.97
C LEU D 150 -8.47 23.09 7.18
N TYR D 151 -9.31 24.11 7.01
CA TYR D 151 -9.66 24.97 8.14
C TYR D 151 -10.72 24.34 9.02
N GLY D 152 -11.50 23.38 8.45
CA GLY D 152 -12.53 22.63 9.15
C GLY D 152 -13.29 23.40 10.20
N LYS D 153 -12.93 23.18 11.48
CA LYS D 153 -13.53 23.91 12.59
C LYS D 153 -12.77 25.23 12.71
N VAL D 154 -13.31 26.26 12.04
CA VAL D 154 -12.48 27.40 11.68
C VAL D 154 -11.97 28.12 12.93
N GLN D 155 -10.68 28.43 12.91
CA GLN D 155 -9.99 29.05 14.05
C GLN D 155 -9.94 30.56 13.94
N GLU D 156 -10.31 31.08 12.77
CA GLU D 156 -10.40 32.50 12.49
C GLU D 156 -11.53 32.68 11.49
N ILE D 157 -12.19 33.84 11.55
CA ILE D 157 -13.15 34.24 10.53
C ILE D 157 -12.85 35.66 10.08
N PRO D 158 -12.61 35.86 8.78
CA PRO D 158 -12.49 34.85 7.71
C PRO D 158 -11.18 34.08 7.83
N GLN D 159 -10.99 33.10 6.96
CA GLN D 159 -9.79 32.29 6.97
C GLN D 159 -8.82 32.80 5.92
N LYS D 160 -7.55 32.97 6.31
CA LYS D 160 -6.51 33.32 5.36
C LYS D 160 -5.32 32.36 5.47
N GLU D 161 -4.22 32.66 4.76
CA GLU D 161 -3.10 31.71 4.65
C GLU D 161 -2.51 31.34 6.01
N THR D 162 -2.52 32.28 6.95
CA THR D 162 -1.94 32.10 8.27
C THR D 162 -2.92 31.57 9.31
N THR D 163 -4.18 31.37 8.94
CA THR D 163 -5.15 30.81 9.88
C THR D 163 -4.73 29.38 10.21
N PRO D 164 -4.70 28.99 11.48
CA PRO D 164 -4.33 27.60 11.82
C PRO D 164 -5.36 26.62 11.31
N PHE D 165 -4.86 25.47 10.85
CA PHE D 165 -5.73 24.44 10.31
C PHE D 165 -6.39 23.64 11.43
N TYR D 166 -7.57 23.08 11.12
CA TYR D 166 -8.29 22.18 12.04
C TYR D 166 -9.17 21.25 11.23
N PRO D 167 -8.60 20.21 10.62
CA PRO D 167 -9.40 19.37 9.72
C PRO D 167 -10.45 18.55 10.47
N ARG D 168 -11.53 18.20 9.75
CA ARG D 168 -12.74 17.58 10.33
C ARG D 168 -13.21 16.35 9.55
N SER D 169 -12.34 15.75 8.74
CA SER D 169 -12.71 14.53 8.03
C SER D 169 -11.43 13.82 7.62
N PRO D 170 -11.52 12.53 7.25
CA PRO D 170 -10.34 11.87 6.68
C PRO D 170 -9.82 12.53 5.43
N TYR D 171 -10.70 13.19 4.66
CA TYR D 171 -10.26 13.96 3.50
C TYR D 171 -9.40 15.14 3.94
N GLY D 172 -9.92 15.91 4.92
CA GLY D 172 -9.15 17.01 5.46
C GLY D 172 -7.80 16.60 6.00
N ALA D 173 -7.75 15.50 6.76
CA ALA D 173 -6.47 15.04 7.31
C ALA D 173 -5.49 14.67 6.20
N ALA D 174 -5.97 13.93 5.20
CA ALA D 174 -5.11 13.53 4.09
C ALA D 174 -4.60 14.75 3.32
N LYS D 175 -5.48 15.74 3.06
CA LYS D 175 -5.05 16.94 2.37
C LYS D 175 -4.07 17.76 3.21
N LEU D 176 -4.17 17.68 4.53
CA LEU D 176 -3.24 18.39 5.39
C LEU D 176 -1.86 17.75 5.34
N TYR D 177 -1.78 16.41 5.34
CA TYR D 177 -0.51 15.75 5.07
C TYR D 177 0.08 16.25 3.75
N ALA D 178 -0.74 16.28 2.70
CA ALA D 178 -0.28 16.70 1.37
C ALA D 178 0.21 18.15 1.42
N TYR D 179 -0.54 19.04 2.09
CA TYR D 179 -0.09 20.43 2.24
C TYR D 179 1.33 20.49 2.80
N TRP D 180 1.57 19.78 3.91
CA TRP D 180 2.87 19.89 4.60
C TRP D 180 3.98 19.16 3.86
N ILE D 181 3.68 18.07 3.16
CA ILE D 181 4.76 17.40 2.40
C ILE D 181 5.15 18.26 1.20
N VAL D 182 4.21 19.00 0.61
CA VAL D 182 4.56 19.97 -0.43
C VAL D 182 5.46 21.06 0.15
N VAL D 183 5.11 21.62 1.33
CA VAL D 183 5.95 22.63 1.95
C VAL D 183 7.34 22.06 2.22
N ASN D 184 7.40 20.82 2.66
CA ASN D 184 8.69 20.22 2.99
C ASN D 184 9.55 20.05 1.75
N PHE D 185 8.97 19.61 0.61
CA PHE D 185 9.77 19.54 -0.62
C PHE D 185 10.27 20.91 -1.05
N ARG D 186 9.42 21.93 -0.90
CA ARG D 186 9.84 23.29 -1.22
C ARG D 186 11.00 23.71 -0.34
N GLU D 187 10.90 23.48 0.96
CA GLU D 187 11.93 23.96 1.88
C GLU D 187 13.19 23.09 1.87
N ALA D 188 13.05 21.79 1.65
CA ALA D 188 14.21 20.90 1.77
C ALA D 188 14.99 20.86 0.47
N TYR D 189 14.30 20.92 -0.68
CA TYR D 189 14.95 20.65 -1.95
C TYR D 189 14.83 21.81 -2.92
N ASN D 190 14.22 22.91 -2.49
CA ASN D 190 14.06 24.10 -3.30
C ASN D 190 13.18 23.84 -4.51
N LEU D 191 12.23 22.91 -4.37
CA LEU D 191 11.23 22.75 -5.41
C LEU D 191 10.32 23.96 -5.45
N PHE D 192 10.06 24.48 -6.65
CA PHE D 192 9.03 25.50 -6.78
C PHE D 192 7.69 24.80 -6.63
N ALA D 193 7.16 24.77 -5.41
CA ALA D 193 5.93 24.04 -5.14
C ALA D 193 5.04 24.95 -4.32
N VAL D 194 3.76 25.01 -4.70
CA VAL D 194 2.82 25.89 -4.02
C VAL D 194 1.55 25.13 -3.64
N ASN D 195 0.96 25.55 -2.53
CA ASN D 195 -0.39 25.11 -2.15
C ASN D 195 -1.40 26.17 -2.56
N GLY D 196 -2.32 25.80 -3.45
CA GLY D 196 -3.51 26.61 -3.66
C GLY D 196 -4.55 26.21 -2.63
N ILE D 197 -4.86 27.10 -1.69
CA ILE D 197 -5.88 26.80 -0.67
C ILE D 197 -7.19 27.34 -1.23
N LEU D 198 -7.84 26.54 -2.06
CA LEU D 198 -9.02 26.99 -2.77
C LEU D 198 -10.26 26.70 -1.96
N PHE D 199 -11.15 27.68 -1.88
CA PHE D 199 -12.45 27.48 -1.29
C PHE D 199 -13.36 26.82 -2.32
N ASN D 200 -14.54 26.38 -1.88
CA ASN D 200 -15.43 25.59 -2.74
C ASN D 200 -15.64 26.27 -4.08
N HIS D 201 -15.51 25.50 -5.16
CA HIS D 201 -15.83 26.04 -6.47
C HIS D 201 -16.59 25.01 -7.29
N GLU D 202 -17.56 25.50 -8.05
CA GLU D 202 -18.59 24.71 -8.65
C GLU D 202 -18.72 25.12 -10.12
N SER D 203 -19.53 24.38 -10.86
CA SER D 203 -19.73 24.62 -12.28
C SER D 203 -20.77 23.63 -12.75
N PRO D 204 -21.22 23.73 -14.00
CA PRO D 204 -22.06 22.66 -14.55
C PRO D 204 -21.34 21.32 -14.66
N ARG D 205 -20.02 21.27 -14.48
CA ARG D 205 -19.24 20.05 -14.54
C ARG D 205 -18.96 19.45 -13.18
N ARG D 206 -19.45 20.08 -12.11
CA ARG D 206 -19.25 19.61 -10.75
C ARG D 206 -19.83 18.22 -10.55
N GLY D 207 -19.15 17.39 -9.73
CA GLY D 207 -19.67 16.05 -9.47
C GLY D 207 -21.07 16.12 -8.89
N ALA D 208 -21.89 15.16 -9.28
CA ALA D 208 -23.32 15.23 -9.06
C ALA D 208 -23.69 15.11 -7.58
N ASN D 209 -22.80 14.55 -6.77
CA ASN D 209 -23.14 14.35 -5.36
C ASN D 209 -22.48 15.34 -4.44
N PHE D 210 -21.90 16.41 -4.98
CA PHE D 210 -21.61 17.60 -4.18
C PHE D 210 -22.89 18.45 -4.10
N VAL D 211 -23.01 19.26 -3.04
CA VAL D 211 -24.34 19.77 -2.70
C VAL D 211 -24.89 20.70 -3.78
N THR D 212 -24.04 21.53 -4.41
CA THR D 212 -24.55 22.51 -5.37
C THR D 212 -25.07 21.84 -6.62
N ARG D 213 -24.31 20.89 -7.15
CA ARG D 213 -24.74 20.16 -8.33
C ARG D 213 -25.92 19.23 -8.02
N LYS D 214 -25.96 18.65 -6.81
CA LYS D 214 -27.12 17.85 -6.46
C LYS D 214 -28.39 18.70 -6.49
N ILE D 215 -28.30 19.92 -5.97
CA ILE D 215 -29.47 20.81 -5.98
C ILE D 215 -29.84 21.20 -7.41
N SER D 216 -28.85 21.63 -8.19
CA SER D 216 -29.17 22.10 -9.55
C SER D 216 -29.74 20.96 -10.41
N ARG D 217 -29.18 19.74 -10.29
CA ARG D 217 -29.71 18.59 -11.00
C ARG D 217 -31.15 18.30 -10.56
N SER D 218 -31.41 18.36 -9.26
CA SER D 218 -32.73 17.95 -8.78
C SER D 218 -33.79 19.00 -9.13
N VAL D 219 -33.44 20.28 -9.04
CA VAL D 219 -34.34 21.36 -9.45
C VAL D 219 -34.67 21.24 -10.93
N ALA D 220 -33.65 20.94 -11.75
CA ALA D 220 -33.91 20.70 -13.16
C ALA D 220 -34.87 19.53 -13.37
N LYS D 221 -34.65 18.42 -12.67
CA LYS D 221 -35.55 17.27 -12.84
C LYS D 221 -36.95 17.59 -12.37
N ILE D 222 -37.08 18.37 -11.29
CA ILE D 222 -38.41 18.76 -10.84
C ILE D 222 -39.09 19.64 -11.88
N TYR D 223 -38.37 20.61 -12.45
CA TYR D 223 -38.96 21.45 -13.50
C TYR D 223 -39.48 20.61 -14.65
N LEU D 224 -38.72 19.60 -15.06
CA LEU D 224 -39.09 18.76 -16.20
C LEU D 224 -40.09 17.66 -15.83
N GLY D 225 -40.53 17.58 -14.59
CA GLY D 225 -41.46 16.53 -14.19
C GLY D 225 -40.85 15.15 -14.06
N GLN D 226 -39.53 15.07 -13.98
CA GLN D 226 -38.85 13.79 -13.85
C GLN D 226 -38.62 13.38 -12.42
N LEU D 227 -38.89 14.27 -11.47
CA LEU D 227 -38.62 14.08 -10.07
C LEU D 227 -39.62 14.91 -9.28
N GLU D 228 -40.05 14.40 -8.13
CA GLU D 228 -40.93 15.17 -7.26
C GLU D 228 -40.23 15.81 -6.08
N CYS D 229 -39.23 15.15 -5.51
CA CYS D 229 -38.66 15.58 -4.24
CA CYS D 229 -38.58 15.71 -4.33
C CYS D 229 -37.24 15.04 -4.15
N PHE D 230 -36.39 15.70 -3.37
CA PHE D 230 -35.05 15.17 -3.13
C PHE D 230 -34.66 15.51 -1.71
N SER D 231 -33.66 14.81 -1.20
CA SER D 231 -33.29 14.98 0.19
C SER D 231 -31.88 15.54 0.28
N LEU D 232 -31.67 16.41 1.25
CA LEU D 232 -30.38 16.99 1.59
C LEU D 232 -30.04 16.63 3.04
N GLY D 233 -28.82 17.02 3.43
CA GLY D 233 -28.36 16.84 4.79
C GLY D 233 -28.51 18.12 5.58
N ASN D 234 -27.38 18.73 5.93
CA ASN D 234 -27.37 19.92 6.77
C ASN D 234 -27.67 21.17 5.95
N LEU D 235 -28.90 21.69 6.08
CA LEU D 235 -29.30 22.89 5.35
C LEU D 235 -28.62 24.16 5.83
N ASP D 236 -28.04 24.15 7.02
CA ASP D 236 -27.52 25.37 7.61
C ASP D 236 -26.05 25.57 7.36
N ALA D 237 -25.40 24.62 6.68
CA ALA D 237 -23.98 24.75 6.36
C ALA D 237 -23.78 25.99 5.51
N LYS D 238 -22.71 26.73 5.79
CA LYS D 238 -22.44 27.98 5.11
C LYS D 238 -21.12 27.84 4.35
N ARG D 239 -21.12 28.25 3.10
CA ARG D 239 -19.96 28.07 2.23
C ARG D 239 -19.68 29.35 1.47
N ASP D 240 -18.42 29.45 1.05
CA ASP D 240 -17.91 30.44 0.13
C ASP D 240 -17.81 29.72 -1.23
N TRP D 241 -18.70 30.03 -2.16
CA TRP D 241 -18.83 29.28 -3.42
C TRP D 241 -18.42 30.17 -4.59
N GLY D 242 -17.42 29.74 -5.37
CA GLY D 242 -17.02 30.42 -6.59
C GLY D 242 -17.21 29.51 -7.78
N HIS D 243 -16.79 30.00 -8.95
CA HIS D 243 -16.89 29.23 -10.19
C HIS D 243 -15.55 28.63 -10.53
N ALA D 244 -15.54 27.33 -10.81
CA ALA D 244 -14.29 26.61 -11.08
C ALA D 244 -13.50 27.23 -12.22
N LYS D 245 -14.19 27.78 -13.22
CA LYS D 245 -13.48 28.38 -14.35
C LYS D 245 -12.62 29.57 -13.94
N ASP D 246 -13.11 30.40 -13.02
CA ASP D 246 -12.29 31.47 -12.47
C ASP D 246 -11.14 30.92 -11.66
N TYR D 247 -11.35 29.81 -10.96
CA TYR D 247 -10.33 29.39 -10.01
C TYR D 247 -9.15 28.69 -10.67
N VAL D 248 -9.35 28.04 -11.83
CA VAL D 248 -8.21 27.41 -12.47
C VAL D 248 -7.24 28.48 -12.98
N GLU D 249 -7.75 29.67 -13.32
CA GLU D 249 -6.84 30.76 -13.66
C GLU D 249 -5.93 31.10 -12.49
N ALA D 250 -6.48 31.09 -11.26
CA ALA D 250 -5.63 31.34 -10.09
C ALA D 250 -4.53 30.30 -9.95
N MET D 251 -4.80 29.04 -10.27
CA MET D 251 -3.77 28.00 -10.16
C MET D 251 -2.60 28.33 -11.07
N TRP D 252 -2.92 28.69 -12.32
CA TRP D 252 -1.90 29.08 -13.28
C TRP D 252 -1.14 30.33 -12.83
N LEU D 253 -1.85 31.34 -12.31
CA LEU D 253 -1.19 32.55 -11.82
C LEU D 253 -0.22 32.24 -10.69
N MET D 254 -0.56 31.26 -9.84
CA MET D 254 0.33 30.90 -8.74
C MET D 254 1.67 30.36 -9.23
N LEU D 255 1.67 29.62 -10.34
CA LEU D 255 2.92 29.13 -10.91
C LEU D 255 3.62 30.16 -11.79
N GLN D 256 2.95 31.27 -12.16
CA GLN D 256 3.60 32.38 -12.83
C GLN D 256 4.32 33.31 -11.87
N ASN D 257 4.05 33.19 -10.58
CA ASN D 257 4.61 34.05 -9.55
C ASN D 257 6.13 33.87 -9.44
N ASP D 258 6.80 34.94 -9.05
CA ASP D 258 8.26 34.93 -8.99
C ASP D 258 8.78 33.93 -7.97
N GLU D 259 8.10 33.82 -6.84
CA GLU D 259 8.48 33.01 -5.70
C GLU D 259 7.37 32.02 -5.38
N PRO D 260 7.70 30.82 -4.94
CA PRO D 260 6.62 29.87 -4.62
C PRO D 260 5.95 30.27 -3.31
N GLU D 261 4.71 30.69 -3.39
CA GLU D 261 3.95 31.08 -2.21
C GLU D 261 2.63 30.34 -2.20
N ASP D 262 2.10 30.10 -0.99
CA ASP D 262 0.75 29.57 -0.85
C ASP D 262 -0.29 30.68 -0.86
N PHE D 263 -1.46 30.38 -1.42
CA PHE D 263 -2.51 31.39 -1.56
C PHE D 263 -3.88 30.81 -1.25
N VAL D 264 -4.69 31.56 -0.50
CA VAL D 264 -6.13 31.32 -0.44
C VAL D 264 -6.81 31.94 -1.66
N ILE D 265 -7.74 31.19 -2.25
CA ILE D 265 -8.53 31.63 -3.39
C ILE D 265 -9.99 31.40 -3.02
N ALA D 266 -10.81 32.47 -3.09
CA ALA D 266 -12.17 32.44 -2.54
C ALA D 266 -12.91 33.67 -3.04
N THR D 267 -14.23 33.69 -2.81
CA THR D 267 -15.00 34.91 -3.09
C THR D 267 -15.12 35.83 -1.88
N GLY D 268 -14.95 35.31 -0.67
CA GLY D 268 -15.17 36.09 0.54
C GLY D 268 -16.63 36.27 0.90
N GLU D 269 -17.54 35.74 0.10
CA GLU D 269 -18.97 35.86 0.33
C GLU D 269 -19.53 34.52 0.75
N VAL D 270 -20.44 34.53 1.71
CA VAL D 270 -20.92 33.31 2.36
C VAL D 270 -22.42 33.18 2.11
N HIS D 271 -22.86 31.96 1.80
CA HIS D 271 -24.26 31.62 1.64
C HIS D 271 -24.51 30.26 2.24
N SER D 272 -25.75 30.01 2.65
CA SER D 272 -26.09 28.71 3.21
C SER D 272 -26.58 27.76 2.11
N VAL D 273 -26.56 26.48 2.44
CA VAL D 273 -27.17 25.48 1.55
C VAL D 273 -28.64 25.83 1.32
N ARG D 274 -29.34 26.26 2.37
CA ARG D 274 -30.72 26.72 2.24
C ARG D 274 -30.86 27.80 1.17
N GLU D 275 -29.97 28.78 1.19
CA GLU D 275 -29.99 29.85 0.21
C GLU D 275 -29.76 29.33 -1.20
N PHE D 276 -28.80 28.39 -1.37
CA PHE D 276 -28.59 27.82 -2.69
C PHE D 276 -29.85 27.13 -3.19
N VAL D 277 -30.54 26.40 -2.31
CA VAL D 277 -31.82 25.78 -2.67
C VAL D 277 -32.82 26.85 -3.08
N GLU D 278 -32.99 27.89 -2.26
CA GLU D 278 -33.98 28.92 -2.54
C GLU D 278 -33.71 29.55 -3.90
N LYS D 279 -32.47 29.93 -4.15
CA LYS D 279 -32.16 30.63 -5.40
C LYS D 279 -32.30 29.71 -6.60
N SER D 280 -31.95 28.43 -6.45
CA SER D 280 -32.10 27.49 -7.56
C SER D 280 -33.57 27.34 -7.96
N PHE D 281 -34.45 27.16 -6.97
CA PHE D 281 -35.86 27.01 -7.29
C PHE D 281 -36.43 28.27 -7.91
N LEU D 282 -35.96 29.45 -7.51
CA LEU D 282 -36.44 30.69 -8.16
C LEU D 282 -36.18 30.67 -9.65
N HIS D 283 -35.12 30.00 -10.10
CA HIS D 283 -34.84 29.95 -11.53
C HIS D 283 -35.75 29.02 -12.31
N ILE D 284 -36.55 28.21 -11.64
CA ILE D 284 -37.59 27.48 -12.32
C ILE D 284 -38.96 28.01 -11.93
N GLY D 285 -39.00 29.22 -11.38
CA GLY D 285 -40.25 29.89 -11.05
C GLY D 285 -40.95 29.40 -9.81
N LYS D 286 -40.23 28.86 -8.84
CA LYS D 286 -40.83 28.35 -7.62
C LYS D 286 -40.23 29.03 -6.41
N THR D 287 -41.09 29.41 -5.46
CA THR D 287 -40.66 30.00 -4.21
C THR D 287 -40.72 28.91 -3.16
N ILE D 288 -39.56 28.52 -2.65
CA ILE D 288 -39.52 27.48 -1.63
C ILE D 288 -39.75 28.13 -0.27
N VAL D 289 -40.63 27.53 0.52
CA VAL D 289 -40.91 28.00 1.87
C VAL D 289 -40.62 26.85 2.81
N TRP D 290 -39.83 27.11 3.84
CA TRP D 290 -39.41 26.06 4.76
C TRP D 290 -40.42 25.89 5.88
N GLU D 291 -40.53 24.66 6.37
CA GLU D 291 -41.42 24.37 7.48
C GLU D 291 -40.81 23.24 8.29
N GLY D 292 -40.95 23.33 9.61
CA GLY D 292 -40.39 22.31 10.47
C GLY D 292 -38.92 22.55 10.77
N LYS D 293 -38.33 21.63 11.52
CA LYS D 293 -37.00 21.87 12.05
C LYS D 293 -36.17 20.60 12.04
N ASN D 294 -34.85 20.77 11.96
CA ASN D 294 -33.87 19.68 12.09
C ASN D 294 -34.17 18.63 11.03
N GLU D 295 -34.23 17.33 11.38
CA GLU D 295 -34.43 16.30 10.37
C GLU D 295 -35.84 16.28 9.80
N ASN D 296 -36.76 17.04 10.39
CA ASN D 296 -38.13 17.07 9.93
C ASN D 296 -38.42 18.28 9.07
N GLU D 297 -37.42 19.12 8.81
CA GLU D 297 -37.64 20.31 7.99
C GLU D 297 -37.91 19.91 6.54
N VAL D 298 -38.87 20.59 5.91
CA VAL D 298 -39.13 20.35 4.50
C VAL D 298 -39.26 21.70 3.80
N GLY D 299 -38.98 21.69 2.51
CA GLY D 299 -39.20 22.85 1.65
C GLY D 299 -40.37 22.60 0.72
N ARG D 300 -41.32 23.51 0.75
CA ARG D 300 -42.56 23.38 0.00
C ARG D 300 -42.69 24.54 -0.98
N CYS D 301 -43.17 24.23 -2.17
CA CYS D 301 -43.41 25.24 -3.19
C CYS D 301 -44.64 26.07 -2.81
N LYS D 302 -44.42 27.38 -2.66
CA LYS D 302 -45.51 28.29 -2.31
C LYS D 302 -46.63 28.24 -3.35
N GLU D 303 -46.27 28.15 -4.63
CA GLU D 303 -47.27 28.31 -5.68
C GLU D 303 -48.15 27.06 -5.82
N THR D 304 -47.57 25.86 -5.63
CA THR D 304 -48.28 24.61 -5.82
C THR D 304 -48.56 23.85 -4.53
N GLY D 305 -47.91 24.22 -3.43
CA GLY D 305 -48.06 23.46 -2.20
C GLY D 305 -47.34 22.13 -2.16
N LYS D 306 -46.54 21.81 -3.18
CA LYS D 306 -45.89 20.49 -3.23
C LYS D 306 -44.56 20.52 -2.48
N VAL D 307 -44.32 19.46 -1.70
CA VAL D 307 -43.04 19.31 -1.02
C VAL D 307 -41.99 18.90 -2.05
N HIS D 308 -40.87 19.62 -2.09
CA HIS D 308 -39.80 19.30 -3.00
C HIS D 308 -38.48 18.97 -2.33
N VAL D 309 -38.27 19.37 -1.09
CA VAL D 309 -37.02 19.15 -0.39
C VAL D 309 -37.31 18.54 0.97
N THR D 310 -36.60 17.46 1.31
CA THR D 310 -36.63 16.93 2.66
C THR D 310 -35.21 16.79 3.18
N VAL D 311 -35.10 16.39 4.44
CA VAL D 311 -33.81 16.21 5.10
C VAL D 311 -33.65 14.73 5.42
N ASP D 312 -32.47 14.18 5.13
CA ASP D 312 -32.17 12.78 5.43
C ASP D 312 -30.84 12.75 6.17
N LEU D 313 -30.85 12.23 7.39
CA LEU D 313 -29.63 12.22 8.21
C LEU D 313 -28.50 11.43 7.58
N LYS D 314 -28.79 10.56 6.61
CA LYS D 314 -27.68 9.81 6.01
C LYS D 314 -26.71 10.72 5.26
N TYR D 315 -27.14 11.95 4.93
CA TYR D 315 -26.23 12.90 4.29
C TYR D 315 -25.50 13.80 5.27
N TYR D 316 -25.79 13.72 6.57
CA TYR D 316 -24.97 14.45 7.53
C TYR D 316 -23.57 13.85 7.60
N ARG D 317 -22.61 14.69 7.94
CA ARG D 317 -21.27 14.19 8.21
C ARG D 317 -21.08 14.02 9.72
N PRO D 318 -20.29 13.03 10.15
CA PRO D 318 -20.06 12.87 11.59
C PRO D 318 -19.46 14.11 12.26
N THR D 319 -18.56 14.81 11.59
CA THR D 319 -17.94 16.02 12.09
C THR D 319 -18.11 17.08 11.01
N GLU D 320 -19.13 17.92 11.16
CA GLU D 320 -19.47 18.88 10.13
C GLU D 320 -18.49 20.06 10.12
N VAL D 321 -18.39 20.69 8.96
CA VAL D 321 -17.69 21.94 8.78
C VAL D 321 -18.77 22.99 8.62
N ASP D 322 -19.05 23.78 9.68
CA ASP D 322 -20.25 24.60 9.68
C ASP D 322 -20.14 25.81 8.77
N PHE D 323 -18.94 26.35 8.59
CA PHE D 323 -18.80 27.70 8.08
C PHE D 323 -17.43 27.85 7.45
N LEU D 324 -17.41 28.34 6.22
CA LEU D 324 -16.14 28.66 5.58
C LEU D 324 -16.31 30.01 4.88
N GLN D 325 -15.30 30.85 5.01
CA GLN D 325 -15.29 32.15 4.35
C GLN D 325 -13.85 32.53 4.12
N GLY D 326 -13.44 32.64 2.86
CA GLY D 326 -12.03 32.87 2.55
C GLY D 326 -11.71 34.35 2.42
N ASP D 327 -10.51 34.72 2.88
CA ASP D 327 -9.94 36.05 2.69
C ASP D 327 -8.80 35.91 1.70
N CYS D 328 -9.03 36.35 0.45
CA CYS D 328 -8.01 36.20 -0.58
C CYS D 328 -7.29 37.51 -0.88
N THR D 329 -7.13 38.36 0.14
CA THR D 329 -6.38 39.62 -0.02
C THR D 329 -4.99 39.39 -0.60
N LYS D 330 -4.29 38.37 -0.10
CA LYS D 330 -2.92 38.15 -0.57
C LYS D 330 -2.89 37.86 -2.07
N ALA D 331 -3.83 37.05 -2.57
CA ALA D 331 -3.84 36.72 -3.99
C ALA D 331 -4.28 37.91 -4.83
N LYS D 332 -5.22 38.71 -4.34
CA LYS D 332 -5.59 39.91 -5.07
C LYS D 332 -4.38 40.84 -5.20
N GLN D 333 -3.59 40.99 -4.13
CA GLN D 333 -2.44 41.89 -4.17
C GLN D 333 -1.30 41.32 -5.01
N LYS D 334 -0.96 40.04 -4.82
CA LYS D 334 0.22 39.53 -5.50
C LYS D 334 -0.06 38.95 -6.88
N LEU D 335 -1.25 38.41 -7.12
CA LEU D 335 -1.54 37.79 -8.40
C LEU D 335 -2.48 38.60 -9.27
N ASN D 336 -3.05 39.69 -8.75
CA ASN D 336 -4.08 40.46 -9.45
C ASN D 336 -5.22 39.55 -9.89
N TRP D 337 -5.56 38.60 -9.03
CA TRP D 337 -6.65 37.68 -9.32
C TRP D 337 -7.94 38.22 -8.74
N LYS D 338 -9.02 38.12 -9.52
CA LYS D 338 -10.31 38.43 -8.94
C LYS D 338 -11.32 37.50 -9.59
N PRO D 339 -12.29 37.01 -8.82
CA PRO D 339 -13.35 36.19 -9.41
C PRO D 339 -14.27 37.02 -10.27
N ARG D 340 -14.74 36.42 -11.34
CA ARG D 340 -15.65 37.09 -12.25
C ARG D 340 -17.09 36.66 -12.07
N VAL D 341 -17.32 35.49 -11.50
CA VAL D 341 -18.66 34.93 -11.29
C VAL D 341 -19.02 35.01 -9.83
N ALA D 342 -20.15 35.62 -9.53
CA ALA D 342 -20.67 35.67 -8.18
C ALA D 342 -21.80 34.66 -8.01
N PHE D 343 -22.19 34.46 -6.73
CA PHE D 343 -23.09 33.40 -6.35
C PHE D 343 -24.36 33.35 -7.21
N ASP D 344 -25.04 34.49 -7.37
CA ASP D 344 -26.31 34.46 -8.10
C ASP D 344 -26.12 33.98 -9.54
N GLU D 345 -25.06 34.44 -10.21
CA GLU D 345 -24.82 33.98 -11.58
C GLU D 345 -24.42 32.51 -11.62
N LEU D 346 -23.69 32.04 -10.59
CA LEU D 346 -23.30 30.63 -10.55
C LEU D 346 -24.53 29.74 -10.48
N VAL D 347 -25.47 30.10 -9.61
CA VAL D 347 -26.71 29.34 -9.47
C VAL D 347 -27.48 29.29 -10.78
N ARG D 348 -27.71 30.45 -11.39
CA ARG D 348 -28.45 30.50 -12.66
C ARG D 348 -27.81 29.60 -13.70
N GLU D 349 -26.49 29.68 -13.81
CA GLU D 349 -25.80 28.91 -14.82
C GLU D 349 -25.95 27.40 -14.59
N MET D 350 -25.87 26.96 -13.33
CA MET D 350 -25.94 25.53 -13.05
C MET D 350 -27.35 24.99 -13.28
N VAL D 351 -28.37 25.74 -12.86
CA VAL D 351 -29.74 25.27 -13.09
C VAL D 351 -30.04 25.22 -14.58
N HIS D 352 -29.64 26.28 -15.31
CA HIS D 352 -29.88 26.32 -16.74
C HIS D 352 -29.18 25.16 -17.47
N ALA D 353 -27.94 24.87 -17.09
CA ALA D 353 -27.21 23.78 -17.75
C ALA D 353 -27.85 22.44 -17.45
N ASP D 354 -28.38 22.26 -16.23
CA ASP D 354 -28.94 20.96 -15.90
C ASP D 354 -30.32 20.76 -16.51
N VAL D 355 -31.11 21.81 -16.69
CA VAL D 355 -32.37 21.66 -17.42
C VAL D 355 -32.10 21.19 -18.85
N GLU D 356 -31.11 21.80 -19.51
CA GLU D 356 -30.76 21.35 -20.86
C GLU D 356 -30.32 19.89 -20.86
N LEU D 357 -29.45 19.52 -19.93
CA LEU D 357 -28.97 18.14 -19.87
C LEU D 357 -30.11 17.17 -19.61
N MET D 358 -30.97 17.48 -18.63
CA MET D 358 -32.04 16.55 -18.28
C MET D 358 -33.13 16.49 -19.34
N ARG D 359 -33.33 17.55 -20.12
CA ARG D 359 -34.29 17.45 -21.21
C ARG D 359 -33.84 16.41 -22.24
N THR D 360 -32.53 16.39 -22.52
CA THR D 360 -31.97 15.43 -23.47
C THR D 360 -31.90 14.01 -22.92
N ASN D 361 -31.84 13.85 -21.61
CA ASN D 361 -31.69 12.53 -21.03
C ASN D 361 -32.27 12.48 -19.63
N PRO D 362 -33.50 12.00 -19.45
CA PRO D 362 -34.09 11.96 -18.10
C PRO D 362 -33.35 11.07 -17.11
N ASN D 363 -32.46 10.20 -17.57
CA ASN D 363 -31.70 9.32 -16.69
C ASN D 363 -30.34 9.89 -16.35
N ALA D 364 -30.06 11.13 -16.75
CA ALA D 364 -28.75 11.72 -16.53
C ALA D 364 -28.54 12.03 -15.05
#